data_6VM3
#
_entry.id   6VM3
#
_cell.length_a   1.00
_cell.length_b   1.00
_cell.length_c   1.00
_cell.angle_alpha   90.00
_cell.angle_beta   90.00
_cell.angle_gamma   90.00
#
_symmetry.space_group_name_H-M   'P 1'
#
loop_
_entity.id
_entity.type
_entity.pdbx_description
1 polymer 'Glycine receptor subunit alphaZ1'
2 branched 2-acetamido-2-deoxy-beta-D-glucopyranose-(1-4)-2-acetamido-2-deoxy-beta-D-glucopyranose
3 non-polymer GLYCINE
4 non-polymer "(2aE,4E,5'S,6S,6'R,7S,8E,11R,13R,15S,17aR,20R,20aR,20bS)-6'-[(2S)-butan-2-yl]-20,20b-dihydroxy-5',6,8,19-tetramethyl-17 -oxo-3',4',5',6,6',10,11,14,15,17,17a,20,20a,20b-tetradecahydro-2H,7H-spiro[11,15-methanofuro[4,3,2-pq][2,6]benzodioxacy clooctadecine-13,2'-pyran]-7-yl 2,6-dideoxy-4-O-(2,6-dideoxy-3-O-methyl-alpha-L-arabino-hexopyranosyl)-3-O-methyl-alpha-L-arabino-hexopyranoside"
#
_entity_poly.entity_id   1
_entity_poly.type   'polypeptide(L)'
_entity_poly.pdbx_seq_one_letter_code
;MFALGIYLWETIVFFSLAASQQAAARKAASPMPPSEFLDKLMGKVSGYDARIRPNFKGPPVNVTCNIFINSFGSIAETTM
DYRVNIFLRQQWNDPRLAYSEYPDDSLDLDPSMLDSIWKPDLFFANEKGANFHEVTTDNKLLRISKNGNVLYSIRITLVL
ACPMDLKNFPMDVQTCIMQLESFGYTMNDLIFEWDEKGAVQVADGLTLPQFILKEEKDLRYCTKHYNTGKFTCIEARFHL
ERQMGYYLIQMYIPSLLIVILSWVSFWINMDAAPARVGLGITTVLTMTTQSSGSRASLPKVSYVKAIDIWMAVCLLFVFS
ALLEYAAVNFIARQHKELLRFQRRRRHLKEDEAGDGRFSFAAYGMGPACLQAKDGMAIKGNNNNAPTSTNPPEKTVEEMR
KLFISRAKRIDTVSRVAFPLVFLIFNIFYWITYKIIRSEDIHKQ
;
_entity_poly.pdbx_strand_id   A,E,C,B,D
#
# COMPACT_ATOMS: atom_id res chain seq x y z
N MET A 32 43.89 -35.44 21.90
CA MET A 32 43.76 -34.01 22.11
C MET A 32 42.30 -33.60 22.22
N PRO A 33 41.92 -32.95 23.33
CA PRO A 33 40.53 -32.53 23.51
C PRO A 33 40.12 -31.53 22.45
N PRO A 34 38.92 -31.66 21.89
CA PRO A 34 38.47 -30.73 20.85
C PRO A 34 38.31 -29.31 21.34
N SER A 35 37.79 -29.15 22.55
CA SER A 35 37.54 -27.84 23.13
C SER A 35 38.81 -27.04 23.29
N GLU A 36 39.87 -27.68 23.77
CA GLU A 36 41.12 -26.97 23.95
C GLU A 36 41.69 -26.52 22.61
N PHE A 37 41.61 -27.36 21.58
CA PHE A 37 42.12 -27.01 20.25
C PHE A 37 41.37 -25.84 19.63
N LEU A 38 40.04 -25.87 19.69
CA LEU A 38 39.26 -24.78 19.14
C LEU A 38 39.52 -23.51 19.91
N ASP A 39 39.61 -23.62 21.24
CA ASP A 39 39.92 -22.46 22.05
C ASP A 39 41.31 -21.94 21.72
N LYS A 40 42.27 -22.84 21.49
CA LYS A 40 43.67 -22.48 21.21
C LYS A 40 43.80 -21.65 19.94
N LEU A 41 43.03 -21.99 18.89
CA LEU A 41 43.10 -21.22 17.64
C LEU A 41 42.70 -19.77 17.89
N MET A 42 41.65 -19.57 18.69
CA MET A 42 41.14 -18.26 19.07
C MET A 42 41.80 -17.79 20.36
N GLY A 43 42.69 -18.60 20.92
CA GLY A 43 43.42 -18.39 22.16
C GLY A 43 44.01 -17.05 22.44
N LYS A 44 43.55 -16.47 23.56
CA LYS A 44 44.03 -15.19 24.03
C LYS A 44 45.53 -15.26 24.26
N VAL A 45 46.01 -16.44 24.69
CA VAL A 45 47.43 -16.67 24.94
C VAL A 45 48.19 -16.52 23.63
N SER A 46 47.64 -17.06 22.55
CA SER A 46 48.22 -16.98 21.23
C SER A 46 47.91 -15.60 20.67
N GLY A 47 48.68 -15.18 19.67
CA GLY A 47 48.47 -13.90 19.06
C GLY A 47 47.75 -14.04 17.74
N TYR A 48 46.58 -13.39 17.64
CA TYR A 48 45.86 -13.47 16.38
C TYR A 48 45.49 -12.05 16.02
N ASP A 49 44.83 -11.34 16.95
CA ASP A 49 44.42 -9.95 16.77
C ASP A 49 43.61 -9.77 15.49
N ALA A 50 42.38 -10.29 15.52
CA ALA A 50 41.38 -10.28 14.45
C ALA A 50 41.33 -9.01 13.61
N ARG A 51 41.53 -7.85 14.24
CA ARG A 51 41.56 -6.58 13.54
C ARG A 51 42.59 -6.55 12.42
N ILE A 52 43.75 -7.16 12.61
CA ILE A 52 44.76 -7.23 11.56
C ILE A 52 44.39 -8.26 10.50
N ARG A 53 44.68 -7.93 9.25
CA ARG A 53 44.48 -8.78 8.11
C ARG A 53 45.60 -9.81 8.03
N PRO A 54 45.41 -10.93 7.33
CA PRO A 54 46.52 -11.87 7.13
C PRO A 54 47.62 -11.27 6.28
N ASN A 55 48.84 -11.72 6.57
CA ASN A 55 50.12 -11.34 5.93
C ASN A 55 50.22 -9.82 5.73
N PHE A 56 50.09 -9.14 6.87
CA PHE A 56 50.14 -7.68 6.94
C PHE A 56 51.50 -7.17 6.46
N LYS A 57 51.47 -5.98 5.82
CA LYS A 57 52.63 -5.37 5.16
C LYS A 57 53.23 -6.31 4.12
N GLY A 58 52.36 -6.94 3.35
CA GLY A 58 52.77 -7.94 2.40
C GLY A 58 51.86 -7.93 1.18
N PRO A 59 51.87 -9.02 0.42
CA PRO A 59 51.00 -9.11 -0.75
C PRO A 59 49.55 -9.13 -0.34
N PRO A 60 48.66 -8.64 -1.22
CA PRO A 60 47.23 -8.56 -0.88
C PRO A 60 46.57 -9.91 -0.65
N VAL A 61 45.63 -9.92 0.28
CA VAL A 61 44.75 -11.07 0.48
C VAL A 61 43.86 -11.24 -0.74
N ASN A 62 43.81 -12.46 -1.28
CA ASN A 62 43.01 -12.78 -2.44
C ASN A 62 41.80 -13.60 -2.03
N VAL A 63 40.63 -13.08 -2.30
CA VAL A 63 39.37 -13.71 -1.92
C VAL A 63 38.70 -14.18 -3.20
N THR A 64 38.35 -15.46 -3.25
CA THR A 64 37.64 -16.03 -4.38
C THR A 64 36.22 -16.35 -3.93
N CYS A 65 35.24 -15.73 -4.56
CA CYS A 65 33.87 -15.85 -4.09
C CYS A 65 32.89 -16.29 -5.18
N ASN A 66 32.01 -17.22 -4.83
CA ASN A 66 30.94 -17.70 -5.68
C ASN A 66 29.61 -17.65 -4.94
N ILE A 67 28.55 -17.20 -5.61
CA ILE A 67 27.24 -17.09 -5.01
C ILE A 67 26.32 -18.18 -5.57
N PHE A 68 25.48 -18.73 -4.69
CA PHE A 68 24.42 -19.66 -5.09
C PHE A 68 23.09 -18.93 -4.93
N ILE A 69 22.29 -18.88 -5.99
CA ILE A 69 21.04 -18.12 -6.00
C ILE A 69 19.92 -19.04 -5.53
N ASN A 70 19.50 -18.90 -4.27
CA ASN A 70 18.43 -19.73 -3.78
C ASN A 70 17.07 -19.33 -4.35
N SER A 71 16.74 -18.04 -4.35
CA SER A 71 15.43 -17.60 -4.86
C SER A 71 15.61 -16.29 -5.61
N PHE A 72 14.91 -16.16 -6.71
CA PHE A 72 14.93 -14.98 -7.56
C PHE A 72 13.51 -14.56 -7.86
N GLY A 73 13.22 -13.28 -7.77
CA GLY A 73 11.88 -12.83 -8.12
C GLY A 73 11.63 -11.43 -7.63
N SER A 74 10.34 -11.10 -7.56
CA SER A 74 9.83 -9.82 -7.04
C SER A 74 10.33 -8.63 -7.85
N ILE A 75 10.52 -8.83 -9.15
CA ILE A 75 10.96 -7.76 -10.03
C ILE A 75 9.86 -6.73 -10.17
N ALA A 76 10.19 -5.46 -9.99
CA ALA A 76 9.23 -4.37 -10.07
C ALA A 76 9.75 -3.32 -11.03
N GLU A 77 9.02 -3.08 -12.11
CA GLU A 77 9.39 -2.06 -13.07
C GLU A 77 9.31 -0.66 -12.47
N THR A 78 8.26 -0.37 -11.70
CA THR A 78 8.07 0.96 -11.15
C THR A 78 9.16 1.31 -10.14
N THR A 79 9.39 0.44 -9.17
CA THR A 79 10.43 0.65 -8.17
C THR A 79 11.83 0.49 -8.75
N MET A 80 11.96 -0.27 -9.86
CA MET A 80 13.21 -0.53 -10.60
C MET A 80 14.21 -1.37 -9.79
N ASP A 81 13.69 -2.33 -9.02
CA ASP A 81 14.52 -3.24 -8.24
C ASP A 81 14.00 -4.67 -8.30
N TYR A 82 14.89 -5.61 -7.99
CA TYR A 82 14.58 -7.02 -7.92
C TYR A 82 15.17 -7.59 -6.63
N ARG A 83 14.50 -8.58 -6.05
CA ARG A 83 14.91 -9.17 -4.78
C ARG A 83 15.44 -10.57 -5.00
N VAL A 84 16.61 -10.86 -4.45
CA VAL A 84 17.23 -12.17 -4.54
C VAL A 84 17.66 -12.65 -3.16
N ASN A 85 17.68 -13.96 -2.98
CA ASN A 85 18.19 -14.60 -1.77
C ASN A 85 19.37 -15.46 -2.19
N ILE A 86 20.54 -15.23 -1.61
CA ILE A 86 21.78 -15.85 -2.09
C ILE A 86 22.57 -16.42 -0.94
N PHE A 87 23.35 -17.47 -1.23
CA PHE A 87 24.35 -18.01 -0.32
C PHE A 87 25.70 -17.48 -0.79
N LEU A 88 26.18 -16.40 -0.19
CA LEU A 88 27.50 -15.89 -0.54
C LEU A 88 28.59 -16.74 0.10
N ARG A 89 29.53 -17.23 -0.70
CA ARG A 89 30.62 -18.07 -0.21
C ARG A 89 31.95 -17.40 -0.52
N GLN A 90 32.76 -17.15 0.51
CA GLN A 90 34.05 -16.48 0.35
C GLN A 90 35.17 -17.39 0.82
N GLN A 91 36.18 -17.57 -0.03
CA GLN A 91 37.35 -18.39 0.30
C GLN A 91 38.60 -17.53 0.27
N TRP A 92 39.33 -17.50 1.39
CA TRP A 92 40.59 -16.79 1.49
C TRP A 92 41.53 -17.60 2.35
N ASN A 93 42.83 -17.35 2.20
CA ASN A 93 43.85 -18.12 2.91
C ASN A 93 44.42 -17.26 4.03
N ASP A 94 44.38 -17.79 5.26
CA ASP A 94 44.97 -17.14 6.42
C ASP A 94 46.10 -18.03 6.93
N PRO A 95 47.34 -17.55 6.96
CA PRO A 95 48.45 -18.42 7.40
C PRO A 95 48.43 -18.76 8.89
N ARG A 96 48.02 -17.82 9.74
CA ARG A 96 48.00 -18.05 11.19
C ARG A 96 47.09 -19.19 11.58
N LEU A 97 45.97 -19.36 10.89
CA LEU A 97 45.02 -20.42 11.23
C LEU A 97 45.47 -21.82 10.82
N ALA A 98 46.67 -21.99 10.26
CA ALA A 98 47.13 -23.32 9.89
C ALA A 98 47.34 -24.19 11.12
N TYR A 99 46.90 -25.44 11.03
CA TYR A 99 47.03 -26.40 12.12
C TYR A 99 47.55 -27.73 11.60
N SER A 100 48.42 -28.36 12.39
CA SER A 100 48.97 -29.66 12.03
C SER A 100 48.74 -30.72 13.09
N GLU A 101 48.22 -30.34 14.25
CA GLU A 101 47.99 -31.28 15.35
C GLU A 101 46.94 -32.34 15.00
N TYR A 102 45.91 -31.96 14.25
CA TYR A 102 44.82 -32.87 13.90
C TYR A 102 44.97 -33.33 12.45
N PRO A 103 44.96 -34.64 12.20
CA PRO A 103 45.07 -35.13 10.81
C PRO A 103 43.92 -34.72 9.93
N ASP A 104 42.68 -34.78 10.44
CA ASP A 104 41.47 -34.39 9.72
C ASP A 104 41.59 -32.96 9.19
N ASP A 105 41.52 -32.80 7.88
CA ASP A 105 41.66 -31.49 7.26
C ASP A 105 40.38 -30.66 7.20
N SER A 106 39.21 -31.31 7.20
CA SER A 106 37.97 -30.56 7.00
C SER A 106 37.67 -29.65 8.19
N LEU A 107 37.44 -30.24 9.36
CA LEU A 107 37.26 -29.56 10.65
C LEU A 107 36.28 -28.38 10.57
N ASP A 108 35.02 -28.73 10.35
CA ASP A 108 33.95 -27.75 10.33
C ASP A 108 33.75 -27.22 11.74
N LEU A 109 33.44 -25.92 11.87
CA LEU A 109 33.33 -25.28 13.17
C LEU A 109 32.00 -24.57 13.37
N ASP A 110 31.73 -24.28 14.63
CA ASP A 110 30.52 -23.59 15.04
C ASP A 110 30.49 -22.17 14.48
N PRO A 111 29.34 -21.71 13.97
CA PRO A 111 29.28 -20.36 13.41
C PRO A 111 29.38 -19.23 14.42
N SER A 112 29.15 -19.48 15.71
CA SER A 112 29.19 -18.41 16.69
C SER A 112 30.59 -17.83 16.85
N MET A 113 31.62 -18.67 16.77
CA MET A 113 33.01 -18.23 16.91
C MET A 113 33.56 -17.73 15.57
N LEU A 114 32.82 -16.82 14.97
CA LEU A 114 33.16 -16.13 13.74
C LEU A 114 33.48 -14.67 13.99
N ASP A 115 33.43 -14.26 15.26
CA ASP A 115 33.84 -12.93 15.68
C ASP A 115 35.26 -12.57 15.26
N SER A 116 36.17 -13.54 15.30
CA SER A 116 37.59 -13.27 15.12
C SER A 116 38.23 -14.20 14.10
N ILE A 117 37.69 -14.26 12.88
CA ILE A 117 38.36 -15.02 11.84
C ILE A 117 38.71 -14.06 10.70
N TRP A 118 38.85 -12.77 11.02
CA TRP A 118 39.06 -11.71 10.02
C TRP A 118 38.11 -11.83 8.82
N LYS A 119 36.84 -11.67 9.08
CA LYS A 119 35.89 -11.60 7.98
C LYS A 119 36.25 -10.45 7.02
N PRO A 120 36.47 -10.72 5.73
CA PRO A 120 36.78 -9.64 4.79
C PRO A 120 35.55 -8.78 4.56
N ASP A 121 35.73 -7.46 4.62
CA ASP A 121 34.62 -6.58 4.35
C ASP A 121 34.19 -6.63 2.90
N LEU A 122 32.90 -6.79 2.71
CA LEU A 122 32.29 -6.84 1.40
C LEU A 122 30.96 -6.14 1.53
N PHE A 123 30.53 -5.48 0.48
CA PHE A 123 29.22 -4.87 0.47
C PHE A 123 28.76 -4.82 -0.97
N PHE A 124 27.47 -4.67 -1.16
CA PHE A 124 26.94 -4.63 -2.50
C PHE A 124 26.73 -3.17 -2.88
N ALA A 125 27.31 -2.79 -4.03
CA ALA A 125 27.36 -1.40 -4.44
C ALA A 125 25.98 -0.82 -4.68
N ASN A 126 25.09 -1.59 -5.28
CA ASN A 126 23.72 -1.15 -5.51
C ASN A 126 22.80 -2.03 -4.68
N GLU A 127 22.41 -1.56 -3.51
CA GLU A 127 21.56 -2.40 -2.69
C GLU A 127 20.60 -1.54 -1.89
N LYS A 128 19.59 -2.22 -1.37
CA LYS A 128 18.69 -1.75 -0.34
C LYS A 128 18.45 -2.94 0.57
N GLY A 129 18.11 -2.68 1.81
CA GLY A 129 17.87 -3.81 2.71
C GLY A 129 19.11 -4.58 3.10
N ALA A 130 19.27 -5.76 2.49
CA ALA A 130 20.39 -6.67 2.69
C ALA A 130 20.43 -7.24 4.11
N ASN A 131 19.27 -7.66 4.60
CA ASN A 131 19.16 -8.24 5.93
C ASN A 131 19.79 -9.64 6.01
N PHE A 132 20.19 -10.01 7.22
CA PHE A 132 20.71 -11.32 7.54
C PHE A 132 19.57 -12.18 8.06
N HIS A 133 19.78 -13.50 8.10
CA HIS A 133 18.76 -14.43 8.58
C HIS A 133 19.15 -14.99 9.93
N GLU A 134 18.38 -14.63 10.96
CA GLU A 134 18.63 -15.01 12.34
C GLU A 134 17.72 -16.13 12.84
N VAL A 135 17.09 -16.92 11.97
CA VAL A 135 16.05 -17.84 12.44
C VAL A 135 16.69 -19.11 12.98
N THR A 136 16.31 -19.44 14.21
CA THR A 136 16.73 -20.51 15.11
C THR A 136 18.17 -20.23 15.54
N THR A 137 19.09 -20.20 14.58
CA THR A 137 20.49 -19.86 14.78
C THR A 137 20.94 -19.10 13.55
N ASP A 138 22.01 -18.31 13.70
CA ASP A 138 22.52 -17.52 12.59
C ASP A 138 22.87 -18.44 11.43
N ASN A 139 22.51 -18.03 10.22
CA ASN A 139 22.77 -18.85 9.03
C ASN A 139 24.17 -18.55 8.52
N LYS A 140 25.16 -19.27 9.04
CA LYS A 140 26.55 -19.09 8.66
C LYS A 140 27.24 -20.44 8.68
N LEU A 141 28.37 -20.54 7.98
CA LEU A 141 29.12 -21.78 7.91
C LEU A 141 30.61 -21.48 7.88
N LEU A 142 31.31 -21.73 8.98
CA LEU A 142 32.75 -21.51 9.03
C LEU A 142 33.46 -22.87 8.91
N ARG A 143 34.35 -22.99 7.93
CA ARG A 143 35.11 -24.22 7.72
C ARG A 143 36.57 -23.86 7.50
N ILE A 144 37.46 -24.34 8.36
CA ILE A 144 38.88 -24.04 8.27
C ILE A 144 39.64 -25.27 7.84
N SER A 145 40.35 -25.16 6.72
CA SER A 145 41.16 -26.24 6.20
C SER A 145 42.50 -26.31 6.93
N LYS A 146 43.22 -27.40 6.69
CA LYS A 146 44.51 -27.64 7.34
C LYS A 146 45.57 -26.62 6.92
N ASN A 147 45.61 -26.23 5.65
CA ASN A 147 46.58 -25.26 5.17
C ASN A 147 46.26 -23.82 5.57
N GLY A 148 45.08 -23.57 6.12
CA GLY A 148 44.67 -22.23 6.50
C GLY A 148 43.61 -21.63 5.61
N ASN A 149 43.13 -22.38 4.61
CA ASN A 149 42.03 -21.92 3.78
C ASN A 149 40.74 -21.86 4.60
N VAL A 150 40.02 -20.76 4.46
CA VAL A 150 38.81 -20.52 5.23
C VAL A 150 37.63 -20.43 4.28
N LEU A 151 36.60 -21.21 4.54
CA LEU A 151 35.37 -21.16 3.76
C LEU A 151 34.29 -20.51 4.62
N TYR A 152 33.74 -19.41 4.14
CA TYR A 152 32.76 -18.60 4.85
C TYR A 152 31.50 -18.50 4.00
N SER A 153 30.38 -18.99 4.51
CA SER A 153 29.14 -19.03 3.76
C SER A 153 28.01 -18.37 4.54
N ILE A 154 27.44 -17.30 4.00
CA ILE A 154 26.33 -16.57 4.61
C ILE A 154 25.14 -16.45 3.68
N ARG A 155 23.94 -16.55 4.24
CA ARG A 155 22.68 -16.44 3.51
C ARG A 155 22.11 -15.05 3.71
N ILE A 156 21.80 -14.34 2.61
CA ILE A 156 21.35 -12.95 2.68
C ILE A 156 20.32 -12.67 1.60
N THR A 157 19.30 -11.86 1.90
CA THR A 157 18.33 -11.41 0.90
C THR A 157 18.67 -10.00 0.51
N LEU A 158 18.78 -9.74 -0.80
CA LEU A 158 19.26 -8.47 -1.32
C LEU A 158 18.18 -7.80 -2.15
N VAL A 159 17.81 -6.57 -1.78
CA VAL A 159 16.95 -5.75 -2.63
C VAL A 159 17.88 -4.97 -3.55
N LEU A 160 18.28 -5.62 -4.64
CA LEU A 160 19.16 -5.06 -5.64
C LEU A 160 18.40 -4.16 -6.61
N ALA A 161 18.88 -2.95 -6.82
CA ALA A 161 18.22 -2.01 -7.73
C ALA A 161 19.01 -1.87 -9.02
N CYS A 162 18.36 -2.21 -10.14
CA CYS A 162 19.00 -2.13 -11.45
C CYS A 162 18.16 -1.29 -12.41
N PRO A 163 18.76 -0.32 -13.10
CA PRO A 163 18.00 0.46 -14.08
C PRO A 163 17.60 -0.44 -15.24
N MET A 164 16.37 -0.28 -15.72
CA MET A 164 15.90 -1.12 -16.82
C MET A 164 15.38 -0.28 -17.99
N ASP A 165 15.97 -0.48 -19.15
CA ASP A 165 15.57 0.23 -20.35
C ASP A 165 14.22 -0.30 -20.83
N LEU A 166 13.25 0.58 -20.97
CA LEU A 166 11.90 0.21 -21.38
C LEU A 166 11.57 0.79 -22.74
N LYS A 167 12.55 0.77 -23.65
CA LYS A 167 12.34 1.20 -25.02
C LYS A 167 11.28 0.35 -25.68
N ASN A 168 11.46 -0.96 -25.69
CA ASN A 168 10.44 -1.86 -26.18
C ASN A 168 9.80 -2.49 -24.95
N PHE A 169 8.69 -1.94 -24.44
CA PHE A 169 8.13 -2.52 -23.21
C PHE A 169 7.58 -3.93 -23.41
N PRO A 170 6.64 -4.23 -24.38
CA PRO A 170 6.15 -5.59 -24.60
C PRO A 170 7.20 -6.70 -24.60
N MET A 171 8.12 -6.68 -25.57
CA MET A 171 9.17 -7.67 -25.58
C MET A 171 10.53 -6.98 -25.47
N ASP A 172 11.29 -7.36 -24.46
CA ASP A 172 12.60 -6.80 -24.17
C ASP A 172 13.45 -7.74 -23.34
N VAL A 173 14.74 -7.44 -23.32
CA VAL A 173 15.72 -8.19 -22.56
C VAL A 173 16.35 -7.21 -21.58
N GLN A 174 16.23 -7.51 -20.29
CA GLN A 174 16.75 -6.65 -19.24
C GLN A 174 17.96 -7.31 -18.59
N THR A 175 19.03 -6.56 -18.38
CA THR A 175 20.21 -7.07 -17.72
C THR A 175 20.23 -6.55 -16.29
N CYS A 176 20.24 -7.47 -15.34
CA CYS A 176 20.28 -7.16 -13.91
C CYS A 176 21.67 -7.45 -13.36
N ILE A 177 22.29 -6.44 -12.77
CA ILE A 177 23.70 -6.48 -12.40
C ILE A 177 23.83 -6.37 -10.88
N MET A 178 24.64 -7.26 -10.30
CA MET A 178 24.98 -7.21 -8.87
C MET A 178 26.48 -6.99 -8.73
N GLN A 179 26.87 -5.96 -7.99
CA GLN A 179 28.28 -5.63 -7.79
C GLN A 179 28.70 -5.94 -6.36
N LEU A 180 29.80 -6.67 -6.22
CA LEU A 180 30.41 -6.97 -4.93
C LEU A 180 31.70 -6.17 -4.82
N GLU A 181 31.73 -5.21 -3.91
CA GLU A 181 32.85 -4.27 -3.83
C GLU A 181 33.36 -4.16 -2.40
N SER A 182 34.68 -4.07 -2.25
CA SER A 182 35.28 -3.84 -0.94
C SER A 182 35.09 -2.41 -0.47
N PHE A 183 34.93 -2.26 0.85
CA PHE A 183 34.79 -0.96 1.51
C PHE A 183 35.88 -0.86 2.56
N GLY A 184 36.71 0.15 2.45
CA GLY A 184 37.74 0.37 3.44
C GLY A 184 39.06 -0.35 3.22
N TYR A 185 39.18 -1.19 2.21
CA TYR A 185 40.48 -1.77 1.88
C TYR A 185 40.77 -1.52 0.41
N THR A 186 41.90 -0.90 0.12
CA THR A 186 42.24 -0.55 -1.25
C THR A 186 42.62 -1.79 -2.04
N MET A 187 42.76 -1.59 -3.35
CA MET A 187 43.06 -2.67 -4.29
C MET A 187 44.40 -3.31 -3.98
N ASN A 188 45.40 -2.51 -3.62
CA ASN A 188 46.68 -3.07 -3.19
C ASN A 188 46.53 -3.87 -1.91
N ASP A 189 45.62 -3.46 -1.04
CA ASP A 189 45.40 -4.17 0.21
C ASP A 189 44.62 -5.47 0.03
N LEU A 190 43.49 -5.43 -0.68
CA LEU A 190 42.60 -6.58 -0.84
C LEU A 190 42.14 -6.69 -2.28
N ILE A 191 42.06 -7.92 -2.80
CA ILE A 191 41.61 -8.19 -4.17
C ILE A 191 40.47 -9.20 -4.15
N PHE A 192 39.44 -8.96 -4.95
CA PHE A 192 38.29 -9.85 -5.10
C PHE A 192 38.37 -10.53 -6.46
N GLU A 193 38.24 -11.85 -6.48
CA GLU A 193 38.28 -12.58 -7.74
C GLU A 193 37.10 -13.54 -7.83
N TRP A 194 36.59 -13.73 -9.04
CA TRP A 194 35.50 -14.65 -9.25
C TRP A 194 36.05 -16.07 -9.25
N ASP A 195 35.29 -16.98 -8.68
CA ASP A 195 35.65 -18.39 -8.64
C ASP A 195 35.86 -18.93 -10.04
N GLU A 196 36.96 -19.69 -10.19
CA GLU A 196 37.31 -20.32 -11.47
C GLU A 196 36.18 -21.20 -12.02
N LYS A 197 35.61 -22.07 -11.19
CA LYS A 197 34.51 -22.93 -11.61
C LYS A 197 33.26 -22.58 -10.83
N GLY A 198 32.13 -22.54 -11.54
CA GLY A 198 30.83 -22.29 -10.94
C GLY A 198 30.69 -21.03 -10.12
N ALA A 199 31.01 -19.88 -10.70
CA ALA A 199 30.90 -18.62 -9.98
C ALA A 199 29.46 -18.29 -9.60
N VAL A 200 28.50 -18.55 -10.48
CA VAL A 200 27.10 -18.30 -10.18
C VAL A 200 26.35 -19.60 -10.40
N GLN A 201 25.66 -20.04 -9.36
CA GLN A 201 24.90 -21.28 -9.39
C GLN A 201 23.45 -20.97 -9.10
N VAL A 202 22.55 -21.47 -9.93
CA VAL A 202 21.12 -21.26 -9.79
C VAL A 202 20.50 -22.56 -9.28
N ALA A 203 19.62 -22.44 -8.29
CA ALA A 203 18.94 -23.59 -7.72
C ALA A 203 18.08 -24.27 -8.76
N ASP A 204 18.12 -25.60 -8.80
CA ASP A 204 17.37 -26.37 -9.78
C ASP A 204 15.87 -26.24 -9.53
N GLY A 205 15.13 -26.06 -10.61
CA GLY A 205 13.71 -25.87 -10.51
C GLY A 205 13.27 -24.46 -10.20
N LEU A 206 14.20 -23.53 -10.02
CA LEU A 206 13.83 -22.15 -9.80
C LEU A 206 13.27 -21.57 -11.08
N THR A 207 12.15 -20.87 -10.97
CA THR A 207 11.48 -20.31 -12.12
C THR A 207 10.98 -18.93 -11.76
N LEU A 208 10.81 -18.12 -12.80
CA LEU A 208 10.32 -16.78 -12.69
C LEU A 208 8.99 -16.71 -13.42
N PRO A 209 7.92 -16.24 -12.77
CA PRO A 209 6.62 -16.22 -13.45
C PRO A 209 6.55 -15.29 -14.64
N GLN A 210 7.10 -14.09 -14.53
CA GLN A 210 7.00 -13.10 -15.58
C GLN A 210 8.23 -13.04 -16.49
N PHE A 211 9.29 -13.78 -16.20
CA PHE A 211 10.55 -13.63 -16.90
C PHE A 211 11.19 -14.99 -17.14
N ILE A 212 12.15 -15.03 -18.06
CA ILE A 212 12.97 -16.21 -18.31
C ILE A 212 14.42 -15.84 -18.06
N LEU A 213 15.12 -16.67 -17.28
CA LEU A 213 16.51 -16.42 -16.93
C LEU A 213 17.43 -17.16 -17.90
N LYS A 214 18.30 -16.41 -18.56
CA LYS A 214 19.26 -17.00 -19.50
C LYS A 214 20.36 -17.74 -18.75
N GLU A 215 20.76 -18.89 -19.30
CA GLU A 215 21.79 -19.72 -18.67
C GLU A 215 23.16 -19.05 -18.70
N GLU A 216 23.53 -18.42 -19.82
CA GLU A 216 24.83 -17.76 -19.91
C GLU A 216 24.88 -16.56 -18.98
N LYS A 217 26.05 -16.33 -18.38
CA LYS A 217 26.23 -15.29 -17.37
C LYS A 217 27.50 -14.53 -17.69
N ASP A 218 27.49 -13.23 -17.41
CA ASP A 218 28.65 -12.39 -17.62
C ASP A 218 29.36 -12.16 -16.30
N LEU A 219 30.59 -12.65 -16.20
CA LEU A 219 31.42 -12.41 -15.03
C LEU A 219 32.52 -11.45 -15.46
N ARG A 220 32.41 -10.20 -15.05
CA ARG A 220 33.38 -9.19 -15.41
C ARG A 220 33.65 -8.31 -14.21
N TYR A 221 34.90 -7.96 -13.98
CA TYR A 221 35.25 -7.11 -12.86
C TYR A 221 35.58 -5.69 -13.30
N CYS A 222 34.96 -4.73 -12.62
CA CYS A 222 35.21 -3.31 -12.82
C CYS A 222 35.74 -2.73 -11.52
N THR A 223 36.83 -1.96 -11.59
CA THR A 223 37.45 -1.41 -10.41
C THR A 223 36.88 -0.04 -10.09
N LYS A 224 36.30 0.11 -8.90
CA LYS A 224 35.76 1.40 -8.49
C LYS A 224 36.90 2.37 -8.18
N HIS A 225 36.80 3.59 -8.68
CA HIS A 225 37.78 4.63 -8.44
C HIS A 225 37.12 5.78 -7.70
N TYR A 226 37.71 6.18 -6.58
CA TYR A 226 37.23 7.25 -5.75
C TYR A 226 38.39 8.17 -5.42
N ASN A 227 38.08 9.31 -4.78
CA ASN A 227 39.16 10.18 -4.36
C ASN A 227 39.97 9.56 -3.23
N THR A 228 39.31 8.72 -2.42
CA THR A 228 40.00 8.01 -1.35
C THR A 228 41.01 7.01 -1.92
N GLY A 229 40.66 6.32 -2.99
CA GLY A 229 41.54 5.33 -3.59
C GLY A 229 40.76 4.39 -4.48
N LYS A 230 41.46 3.36 -4.96
CA LYS A 230 40.85 2.36 -5.83
C LYS A 230 40.51 1.11 -5.03
N PHE A 231 39.27 0.67 -5.14
CA PHE A 231 38.74 -0.46 -4.41
C PHE A 231 38.29 -1.54 -5.37
N THR A 232 38.68 -2.78 -5.09
CA THR A 232 38.31 -3.90 -5.95
C THR A 232 36.81 -4.14 -5.96
N CYS A 233 36.27 -4.41 -7.15
CA CYS A 233 34.87 -4.76 -7.31
C CYS A 233 34.74 -5.77 -8.43
N ILE A 234 33.76 -6.65 -8.30
CA ILE A 234 33.45 -7.66 -9.31
C ILE A 234 31.93 -7.65 -9.49
N GLU A 235 31.49 -7.93 -10.71
CA GLU A 235 30.06 -7.88 -10.96
C GLU A 235 29.61 -9.00 -11.89
N ALA A 236 28.38 -9.43 -11.69
CA ALA A 236 27.74 -10.48 -12.48
C ALA A 236 26.47 -9.93 -13.11
N ARG A 237 26.25 -10.27 -14.37
CA ARG A 237 25.10 -9.78 -15.14
C ARG A 237 24.16 -10.93 -15.43
N PHE A 238 22.89 -10.75 -15.09
CA PHE A 238 21.86 -11.74 -15.35
C PHE A 238 20.95 -11.24 -16.46
N HIS A 239 21.02 -11.86 -17.63
CA HIS A 239 20.10 -11.50 -18.69
C HIS A 239 18.71 -12.03 -18.38
N LEU A 240 17.70 -11.17 -18.47
CA LEU A 240 16.32 -11.53 -18.20
C LEU A 240 15.50 -11.30 -19.45
N GLU A 241 14.73 -12.29 -19.86
CA GLU A 241 13.86 -12.17 -21.02
C GLU A 241 12.41 -12.17 -20.57
N ARG A 242 11.66 -11.16 -20.97
CA ARG A 242 10.27 -11.03 -20.55
C ARG A 242 9.36 -11.87 -21.45
N GLN A 243 8.61 -12.78 -20.84
CA GLN A 243 7.66 -13.61 -21.58
C GLN A 243 6.52 -12.77 -22.13
N MET A 244 6.13 -13.06 -23.36
CA MET A 244 5.11 -12.30 -24.07
C MET A 244 3.73 -12.95 -24.01
N GLY A 245 3.58 -14.00 -23.21
CA GLY A 245 2.29 -14.68 -23.15
C GLY A 245 1.20 -13.84 -22.52
N TYR A 246 1.50 -13.19 -21.40
CA TYR A 246 0.47 -12.42 -20.70
C TYR A 246 0.06 -11.20 -21.49
N TYR A 247 1.04 -10.45 -22.01
CA TYR A 247 0.77 -9.18 -22.68
C TYR A 247 -0.03 -9.35 -23.94
N LEU A 248 0.16 -10.47 -24.62
CA LEU A 248 -0.62 -10.79 -25.81
C LEU A 248 -2.10 -10.93 -25.46
N ILE A 249 -2.40 -11.68 -24.40
CA ILE A 249 -3.78 -11.89 -23.99
C ILE A 249 -4.37 -10.63 -23.37
N GLN A 250 -3.63 -9.99 -22.46
CA GLN A 250 -4.16 -8.86 -21.71
C GLN A 250 -4.33 -7.60 -22.56
N MET A 251 -3.37 -7.30 -23.43
CA MET A 251 -3.35 -6.01 -24.11
C MET A 251 -3.60 -6.10 -25.61
N TYR A 252 -2.91 -7.00 -26.31
CA TYR A 252 -3.02 -7.02 -27.75
C TYR A 252 -4.37 -7.53 -28.25
N ILE A 253 -4.90 -8.60 -27.65
CA ILE A 253 -6.19 -9.15 -28.06
C ILE A 253 -7.37 -8.21 -27.81
N PRO A 254 -7.53 -7.52 -26.65
CA PRO A 254 -8.63 -6.54 -26.53
C PRO A 254 -8.62 -5.39 -27.53
N SER A 255 -7.46 -4.78 -27.77
CA SER A 255 -7.37 -3.70 -28.75
C SER A 255 -7.83 -4.13 -30.13
N LEU A 256 -7.50 -5.36 -30.51
CA LEU A 256 -7.96 -5.95 -31.76
C LEU A 256 -9.48 -6.06 -31.78
N LEU A 257 -10.08 -6.42 -30.65
CA LEU A 257 -11.53 -6.50 -30.53
C LEU A 257 -12.19 -5.15 -30.73
N ILE A 258 -11.61 -4.09 -30.16
CA ILE A 258 -12.17 -2.75 -30.31
C ILE A 258 -12.09 -2.29 -31.76
N VAL A 259 -10.97 -2.58 -32.44
CA VAL A 259 -10.84 -2.21 -33.84
C VAL A 259 -11.85 -2.97 -34.72
N ILE A 260 -12.07 -4.25 -34.41
CA ILE A 260 -13.07 -5.04 -35.16
C ILE A 260 -14.48 -4.48 -34.93
N LEU A 261 -14.77 -4.01 -33.73
CA LEU A 261 -16.07 -3.37 -33.45
C LEU A 261 -16.26 -2.10 -34.27
N SER A 262 -15.20 -1.30 -34.38
CA SER A 262 -15.26 -0.12 -35.25
C SER A 262 -15.48 -0.50 -36.71
N TRP A 263 -14.90 -1.62 -37.16
CA TRP A 263 -15.18 -2.09 -38.52
C TRP A 263 -16.64 -2.50 -38.69
N VAL A 264 -17.22 -3.09 -37.63
CA VAL A 264 -18.62 -3.51 -37.66
C VAL A 264 -19.54 -2.32 -37.92
N SER A 265 -19.18 -1.16 -37.37
CA SER A 265 -19.92 0.09 -37.61
C SER A 265 -20.20 0.45 -39.07
N PHE A 266 -19.43 -0.06 -40.04
CA PHE A 266 -19.65 0.30 -41.45
C PHE A 266 -20.91 -0.34 -42.02
N TRP A 267 -21.22 -1.57 -41.61
CA TRP A 267 -22.36 -2.29 -42.15
C TRP A 267 -23.69 -1.67 -41.74
N ILE A 268 -23.73 -0.98 -40.60
CA ILE A 268 -24.94 -0.29 -40.13
C ILE A 268 -25.35 0.80 -41.13
N ASN A 269 -26.66 1.05 -41.23
CA ASN A 269 -27.22 2.00 -42.17
C ASN A 269 -26.72 3.42 -41.93
N MET A 270 -26.42 4.12 -43.03
CA MET A 270 -25.97 5.51 -42.96
C MET A 270 -27.04 6.43 -42.39
N ASP A 271 -28.32 6.12 -42.64
CA ASP A 271 -29.42 6.91 -42.12
C ASP A 271 -29.47 6.91 -40.60
N ALA A 272 -29.08 5.79 -39.96
CA ALA A 272 -29.13 5.66 -38.51
C ALA A 272 -27.94 6.37 -37.91
N ALA A 273 -28.04 7.70 -37.84
CA ALA A 273 -26.97 8.53 -37.29
C ALA A 273 -26.65 8.31 -35.81
N PRO A 274 -27.62 8.18 -34.87
CA PRO A 274 -27.21 7.93 -33.47
C PRO A 274 -26.48 6.62 -33.26
N ALA A 275 -26.87 5.55 -33.98
CA ALA A 275 -26.23 4.26 -33.81
C ALA A 275 -24.77 4.28 -34.25
N ARG A 276 -24.50 4.79 -35.45
CA ARG A 276 -23.13 4.83 -35.96
C ARG A 276 -22.27 5.82 -35.18
N VAL A 277 -22.82 6.98 -34.84
CA VAL A 277 -22.06 7.98 -34.08
C VAL A 277 -21.72 7.43 -32.70
N GLY A 278 -22.72 6.96 -31.94
CA GLY A 278 -22.49 6.35 -30.65
C GLY A 278 -21.51 5.19 -30.68
N LEU A 279 -21.56 4.37 -31.73
CA LEU A 279 -20.64 3.25 -31.82
C LEU A 279 -19.21 3.72 -32.00
N GLY A 280 -18.98 4.70 -32.89
CA GLY A 280 -17.65 5.26 -33.06
C GLY A 280 -17.12 5.93 -31.81
N ILE A 281 -17.98 6.67 -31.11
CA ILE A 281 -17.61 7.35 -29.86
C ILE A 281 -17.21 6.34 -28.79
N THR A 282 -18.03 5.31 -28.61
CA THR A 282 -17.77 4.30 -27.59
C THR A 282 -16.46 3.56 -27.85
N THR A 283 -16.20 3.18 -29.10
CA THR A 283 -14.92 2.54 -29.40
C THR A 283 -13.72 3.45 -29.17
N VAL A 284 -13.82 4.74 -29.54
CA VAL A 284 -12.70 5.66 -29.30
C VAL A 284 -12.46 5.85 -27.80
N LEU A 285 -13.55 6.00 -27.04
CA LEU A 285 -13.45 6.13 -25.59
C LEU A 285 -12.88 4.89 -24.93
N THR A 286 -13.30 3.72 -25.40
CA THR A 286 -12.82 2.45 -24.86
C THR A 286 -11.34 2.28 -25.14
N MET A 287 -10.91 2.66 -26.33
CA MET A 287 -9.50 2.59 -26.67
C MET A 287 -8.68 3.53 -25.81
N THR A 288 -9.21 4.72 -25.53
CA THR A 288 -8.52 5.69 -24.69
C THR A 288 -8.36 5.19 -23.26
N THR A 289 -9.45 4.68 -22.66
CA THR A 289 -9.34 4.19 -21.29
C THR A 289 -8.47 2.94 -21.19
N GLN A 290 -8.51 2.07 -22.20
CA GLN A 290 -7.65 0.89 -22.19
C GLN A 290 -6.17 1.28 -22.27
N SER A 291 -5.85 2.23 -23.16
CA SER A 291 -4.48 2.70 -23.29
C SER A 291 -3.98 3.36 -22.01
N SER A 292 -4.82 4.19 -21.38
CA SER A 292 -4.41 4.82 -20.13
C SER A 292 -4.25 3.80 -19.01
N GLY A 293 -5.17 2.85 -18.91
CA GLY A 293 -5.12 1.87 -17.84
C GLY A 293 -3.95 0.91 -17.94
N SER A 294 -3.56 0.53 -19.16
CA SER A 294 -2.50 -0.46 -19.34
C SER A 294 -1.16 0.03 -18.79
N ARG A 295 -0.80 1.26 -19.10
CA ARG A 295 0.50 1.79 -18.75
C ARG A 295 0.58 2.33 -17.32
N ALA A 296 -0.44 2.08 -16.51
CA ALA A 296 -0.44 2.57 -15.13
C ALA A 296 0.66 1.92 -14.29
N SER A 297 0.88 0.62 -14.46
CA SER A 297 1.90 -0.10 -13.69
C SER A 297 3.26 -0.05 -14.38
N LEU A 298 3.77 1.16 -14.54
CA LEU A 298 5.02 1.36 -15.25
C LEU A 298 5.65 2.64 -14.74
N PRO A 299 6.98 2.78 -14.80
CA PRO A 299 7.60 4.03 -14.39
C PRO A 299 7.32 5.13 -15.40
N LYS A 300 7.52 6.37 -14.95
CA LYS A 300 7.16 7.55 -15.72
C LYS A 300 8.29 7.97 -16.65
N VAL A 301 8.69 7.08 -17.53
CA VAL A 301 9.78 7.36 -18.46
C VAL A 301 9.30 8.29 -19.58
N SER A 302 10.21 9.13 -20.05
CA SER A 302 9.93 10.14 -21.05
C SER A 302 10.03 9.66 -22.50
N TYR A 303 10.48 8.45 -22.76
CA TYR A 303 10.68 7.98 -24.13
C TYR A 303 9.55 7.06 -24.59
N VAL A 304 9.29 7.11 -25.90
CA VAL A 304 8.21 6.34 -26.50
C VAL A 304 8.53 4.85 -26.43
N LYS A 305 7.50 4.03 -26.17
CA LYS A 305 7.62 2.59 -26.09
C LYS A 305 6.85 1.93 -27.23
N ALA A 306 7.13 0.64 -27.44
CA ALA A 306 6.42 -0.15 -28.43
C ALA A 306 4.92 -0.19 -28.19
N ILE A 307 4.53 -0.31 -26.92
CA ILE A 307 3.11 -0.35 -26.56
C ILE A 307 2.44 0.98 -26.91
N ASP A 308 3.17 2.10 -26.78
CA ASP A 308 2.64 3.39 -27.19
C ASP A 308 2.38 3.46 -28.68
N ILE A 309 3.26 2.87 -29.49
CA ILE A 309 3.07 2.86 -30.93
C ILE A 309 1.86 2.04 -31.30
N TRP A 310 1.69 0.88 -30.66
CA TRP A 310 0.54 0.03 -30.96
C TRP A 310 -0.77 0.70 -30.56
N MET A 311 -0.81 1.29 -29.36
CA MET A 311 -2.00 1.99 -28.90
C MET A 311 -2.32 3.20 -29.77
N ALA A 312 -1.27 3.91 -30.22
CA ALA A 312 -1.46 5.07 -31.07
C ALA A 312 -2.06 4.70 -32.41
N VAL A 313 -1.57 3.62 -33.02
CA VAL A 313 -2.08 3.24 -34.33
C VAL A 313 -3.51 2.72 -34.23
N CYS A 314 -3.77 1.84 -33.27
CA CYS A 314 -5.14 1.32 -33.11
C CYS A 314 -6.14 2.43 -32.79
N LEU A 315 -5.75 3.39 -31.94
CA LEU A 315 -6.64 4.52 -31.66
C LEU A 315 -6.80 5.41 -32.89
N LEU A 316 -5.77 5.53 -33.72
CA LEU A 316 -5.91 6.25 -34.97
C LEU A 316 -6.89 5.56 -35.91
N PHE A 317 -6.89 4.22 -35.92
CA PHE A 317 -7.85 3.48 -36.74
C PHE A 317 -9.30 3.73 -36.31
N VAL A 318 -9.57 3.67 -35.01
CA VAL A 318 -10.95 3.88 -34.58
C VAL A 318 -11.38 5.35 -34.77
N PHE A 319 -10.45 6.29 -34.57
CA PHE A 319 -10.73 7.70 -34.83
C PHE A 319 -10.99 7.96 -36.31
N SER A 320 -10.24 7.29 -37.18
CA SER A 320 -10.45 7.40 -38.62
C SER A 320 -11.81 6.84 -39.04
N ALA A 321 -12.25 5.77 -38.39
CA ALA A 321 -13.59 5.23 -38.68
C ALA A 321 -14.67 6.24 -38.34
N LEU A 322 -14.55 6.91 -37.19
CA LEU A 322 -15.53 7.95 -36.84
C LEU A 322 -15.49 9.12 -37.82
N LEU A 323 -14.29 9.52 -38.26
CA LEU A 323 -14.19 10.57 -39.27
C LEU A 323 -14.82 10.16 -40.59
N GLU A 324 -14.69 8.88 -40.95
CA GLU A 324 -15.30 8.37 -42.17
C GLU A 324 -16.81 8.50 -42.11
N TYR A 325 -17.41 8.15 -40.96
CA TYR A 325 -18.86 8.34 -40.87
C TYR A 325 -19.24 9.81 -40.92
N ALA A 326 -18.45 10.69 -40.31
CA ALA A 326 -18.72 12.12 -40.38
C ALA A 326 -18.71 12.63 -41.82
N ALA A 327 -17.77 12.14 -42.63
CA ALA A 327 -17.73 12.49 -44.04
C ALA A 327 -18.95 11.98 -44.80
N VAL A 328 -19.37 10.74 -44.53
CA VAL A 328 -20.54 10.16 -45.20
C VAL A 328 -21.80 10.97 -44.86
N ASN A 329 -21.97 11.29 -43.59
CA ASN A 329 -23.12 12.06 -43.14
C ASN A 329 -23.12 13.46 -43.75
N PHE A 330 -21.96 14.09 -43.86
CA PHE A 330 -21.88 15.40 -44.48
C PHE A 330 -22.23 15.36 -45.96
N ILE A 331 -21.80 14.32 -46.68
CA ILE A 331 -22.15 14.19 -48.09
C ILE A 331 -23.66 13.99 -48.27
N ALA A 332 -24.27 13.15 -47.43
CA ALA A 332 -25.72 12.99 -47.46
C ALA A 332 -26.44 14.27 -47.07
N ARG A 333 -25.87 15.05 -46.15
CA ARG A 333 -26.42 16.35 -45.78
C ARG A 333 -26.45 17.29 -46.96
N GLN A 334 -25.37 17.33 -47.73
CA GLN A 334 -25.33 18.17 -48.92
C GLN A 334 -26.34 17.70 -49.96
N HIS A 335 -26.55 16.37 -50.05
CA HIS A 335 -27.61 15.83 -50.89
C HIS A 335 -28.98 16.35 -50.46
N LYS A 336 -29.27 16.32 -49.16
CA LYS A 336 -30.56 16.77 -48.65
C LYS A 336 -30.70 18.29 -48.71
N GLU A 337 -29.58 19.00 -48.68
CA GLU A 337 -29.55 20.44 -48.87
C GLU A 337 -29.95 20.80 -50.29
N LEU A 338 -29.34 20.13 -51.28
CA LEU A 338 -29.76 20.31 -52.67
C LEU A 338 -31.18 19.79 -52.90
N LEU A 339 -31.59 18.73 -52.18
CA LEU A 339 -32.95 18.20 -52.28
C LEU A 339 -34.00 19.24 -51.91
N ARG A 340 -33.98 19.68 -50.66
CA ARG A 340 -34.97 20.64 -50.17
C ARG A 340 -34.31 21.97 -49.86
N PHE A 341 -34.84 23.03 -50.46
CA PHE A 341 -34.34 24.39 -50.25
C PHE A 341 -35.16 25.10 -49.18
N LYS A 394 -31.02 23.05 -63.57
CA LYS A 394 -30.31 23.18 -62.30
C LYS A 394 -29.51 21.92 -61.92
N THR A 395 -29.76 20.82 -62.65
CA THR A 395 -29.12 19.50 -62.48
C THR A 395 -29.12 19.01 -61.02
N VAL A 396 -30.21 19.30 -60.30
CA VAL A 396 -30.29 18.89 -58.90
C VAL A 396 -30.46 17.38 -58.80
N GLU A 397 -31.23 16.77 -59.70
CA GLU A 397 -31.44 15.32 -59.70
C GLU A 397 -30.13 14.59 -59.93
N GLU A 398 -29.36 15.08 -60.90
CA GLU A 398 -28.04 14.54 -61.18
C GLU A 398 -27.14 14.65 -59.96
N MET A 399 -27.20 15.81 -59.28
CA MET A 399 -26.44 15.99 -58.04
C MET A 399 -26.89 15.04 -56.94
N ARG A 400 -28.20 14.75 -56.85
CA ARG A 400 -28.68 13.80 -55.84
C ARG A 400 -28.14 12.40 -56.08
N LYS A 401 -28.21 11.94 -57.33
CA LYS A 401 -27.64 10.63 -57.65
C LYS A 401 -26.14 10.59 -57.41
N LEU A 402 -25.43 11.67 -57.78
CA LEU A 402 -23.98 11.73 -57.57
C LEU A 402 -23.64 11.64 -56.09
N PHE A 403 -24.22 12.52 -55.27
CA PHE A 403 -23.93 12.53 -53.83
C PHE A 403 -24.32 11.23 -53.12
N ILE A 404 -25.50 10.66 -53.43
CA ILE A 404 -25.88 9.39 -52.82
C ILE A 404 -24.94 8.26 -53.24
N SER A 405 -24.58 8.22 -54.53
CA SER A 405 -23.61 7.25 -55.02
C SER A 405 -22.26 7.45 -54.36
N ARG A 406 -21.89 8.71 -54.12
CA ARG A 406 -20.62 9.03 -53.50
C ARG A 406 -20.56 8.49 -52.08
N ALA A 407 -21.62 8.68 -51.31
CA ALA A 407 -21.66 8.19 -49.93
C ALA A 407 -21.65 6.67 -49.89
N LYS A 408 -22.51 6.05 -50.69
CA LYS A 408 -22.53 4.60 -50.85
C LYS A 408 -21.16 4.04 -51.28
N ARG A 409 -20.46 4.76 -52.15
CA ARG A 409 -19.14 4.35 -52.60
C ARG A 409 -18.13 4.42 -51.47
N ILE A 410 -18.18 5.47 -50.66
CA ILE A 410 -17.26 5.58 -49.52
C ILE A 410 -17.48 4.44 -48.54
N ASP A 411 -18.74 4.08 -48.27
CA ASP A 411 -19.02 2.96 -47.38
C ASP A 411 -18.52 1.63 -47.96
N THR A 412 -18.79 1.39 -49.25
CA THR A 412 -18.38 0.15 -49.91
C THR A 412 -16.87 0.00 -49.97
N VAL A 413 -16.16 1.07 -50.32
CA VAL A 413 -14.70 1.03 -50.34
C VAL A 413 -14.15 0.88 -48.93
N SER A 414 -14.78 1.54 -47.95
CA SER A 414 -14.27 1.56 -46.58
C SER A 414 -14.31 0.19 -45.93
N ARG A 415 -15.41 -0.57 -46.12
CA ARG A 415 -15.52 -1.88 -45.48
C ARG A 415 -14.41 -2.84 -45.93
N VAL A 416 -14.04 -2.81 -47.21
CA VAL A 416 -12.92 -3.61 -47.68
C VAL A 416 -11.59 -3.02 -47.21
N ALA A 417 -11.43 -1.70 -47.35
CA ALA A 417 -10.13 -1.05 -47.21
C ALA A 417 -9.59 -1.07 -45.79
N PHE A 418 -10.45 -0.87 -44.78
CA PHE A 418 -9.96 -0.74 -43.41
C PHE A 418 -9.27 -2.00 -42.87
N PRO A 419 -9.82 -3.23 -42.97
CA PRO A 419 -9.07 -4.38 -42.46
C PRO A 419 -7.80 -4.70 -43.21
N LEU A 420 -7.77 -4.48 -44.53
CA LEU A 420 -6.55 -4.74 -45.31
C LEU A 420 -5.40 -3.85 -44.86
N VAL A 421 -5.68 -2.56 -44.65
CA VAL A 421 -4.66 -1.62 -44.18
C VAL A 421 -4.21 -1.99 -42.77
N PHE A 422 -5.16 -2.39 -41.92
CA PHE A 422 -4.79 -2.81 -40.57
C PHE A 422 -3.92 -4.06 -40.58
N LEU A 423 -4.22 -5.00 -41.48
CA LEU A 423 -3.40 -6.21 -41.62
C LEU A 423 -1.98 -5.87 -42.06
N ILE A 424 -1.84 -4.93 -43.00
CA ILE A 424 -0.51 -4.50 -43.44
C ILE A 424 0.26 -3.86 -42.30
N PHE A 425 -0.39 -3.02 -41.50
CA PHE A 425 0.29 -2.45 -40.34
C PHE A 425 0.69 -3.52 -39.34
N ASN A 426 -0.18 -4.49 -39.12
CA ASN A 426 0.07 -5.52 -38.10
C ASN A 426 1.29 -6.36 -38.46
N ILE A 427 1.37 -6.80 -39.72
CA ILE A 427 2.54 -7.58 -40.12
C ILE A 427 3.80 -6.73 -40.13
N PHE A 428 3.70 -5.46 -40.52
CA PHE A 428 4.88 -4.58 -40.49
C PHE A 428 5.40 -4.38 -39.07
N TYR A 429 4.50 -4.14 -38.12
CA TYR A 429 4.89 -3.92 -36.73
C TYR A 429 5.50 -5.16 -36.11
N TRP A 430 4.89 -6.32 -36.34
CA TRP A 430 5.42 -7.55 -35.76
C TRP A 430 6.77 -7.91 -36.35
N ILE A 431 6.95 -7.72 -37.66
CA ILE A 431 8.23 -8.03 -38.29
C ILE A 431 9.33 -7.11 -37.77
N THR A 432 9.08 -5.79 -37.72
CA THR A 432 10.11 -4.87 -37.22
C THR A 432 10.45 -5.13 -35.76
N TYR A 433 9.46 -5.34 -34.90
CA TYR A 433 9.77 -5.59 -33.50
C TYR A 433 10.48 -6.92 -33.30
N LYS A 434 10.13 -7.96 -34.07
CA LYS A 434 10.83 -9.23 -33.97
C LYS A 434 12.30 -9.11 -34.41
N ILE A 435 12.57 -8.40 -35.51
CA ILE A 435 13.97 -8.22 -35.88
C ILE A 435 14.72 -7.31 -34.90
N ILE A 436 14.05 -6.31 -34.29
CA ILE A 436 14.72 -5.50 -33.26
C ILE A 436 15.04 -6.35 -32.02
N ARG A 437 14.11 -7.24 -31.63
CA ARG A 437 14.39 -8.19 -30.56
C ARG A 437 15.57 -9.10 -30.90
N SER A 438 15.62 -9.57 -32.15
CA SER A 438 16.75 -10.37 -32.61
C SER A 438 18.05 -9.57 -32.57
N GLU A 439 17.99 -8.28 -32.91
CA GLU A 439 19.15 -7.40 -32.84
C GLU A 439 19.63 -7.20 -31.40
N ASP A 440 18.70 -7.08 -30.46
CA ASP A 440 19.07 -6.98 -29.05
C ASP A 440 19.73 -8.27 -28.57
N ILE A 441 19.20 -9.41 -28.99
CA ILE A 441 19.83 -10.71 -28.70
C ILE A 441 21.19 -10.82 -29.39
N HIS A 442 21.34 -10.19 -30.56
CA HIS A 442 22.63 -10.17 -31.26
C HIS A 442 23.66 -9.37 -30.48
N LYS A 443 23.24 -8.25 -29.86
CA LYS A 443 24.19 -7.40 -29.16
C LYS A 443 24.62 -8.04 -27.83
N GLN A 444 23.65 -8.48 -27.03
CA GLN A 444 23.84 -9.01 -25.67
C GLN A 444 24.64 -8.06 -24.78
N MET B 32 19.69 -31.03 48.12
CA MET B 32 20.52 -30.34 47.14
C MET B 32 19.85 -29.06 46.66
N PRO B 33 20.51 -27.92 46.81
CA PRO B 33 19.93 -26.65 46.37
C PRO B 33 19.71 -26.65 44.87
N PRO B 34 18.56 -26.15 44.41
CA PRO B 34 18.28 -26.12 42.98
C PRO B 34 19.21 -25.25 42.18
N SER B 35 19.57 -24.09 42.74
CA SER B 35 20.44 -23.14 42.06
C SER B 35 21.80 -23.72 41.77
N GLU B 36 22.37 -24.42 42.74
CA GLU B 36 23.68 -25.00 42.53
C GLU B 36 23.64 -26.06 41.44
N PHE B 37 22.60 -26.90 41.42
CA PHE B 37 22.47 -27.94 40.40
C PHE B 37 22.32 -27.39 39.00
N LEU B 38 21.45 -26.38 38.83
CA LEU B 38 21.29 -25.76 37.51
C LEU B 38 22.57 -25.09 37.09
N ASP B 39 23.23 -24.41 38.03
CA ASP B 39 24.49 -23.77 37.72
C ASP B 39 25.53 -24.82 37.34
N LYS B 40 25.54 -25.95 38.05
CA LYS B 40 26.51 -27.04 37.83
C LYS B 40 26.42 -27.61 36.43
N LEU B 41 25.20 -27.77 35.90
CA LEU B 41 25.06 -28.32 34.53
C LEU B 41 25.74 -27.40 33.53
N MET B 42 25.56 -26.09 33.70
CA MET B 42 26.16 -25.06 32.87
C MET B 42 27.50 -24.62 33.43
N GLY B 43 27.91 -25.21 34.55
CA GLY B 43 29.13 -24.94 35.29
C GLY B 43 30.42 -24.77 34.55
N LYS B 44 31.00 -23.59 34.74
CA LYS B 44 32.29 -23.24 34.15
C LYS B 44 33.34 -24.23 34.60
N VAL B 45 33.21 -24.71 35.84
CA VAL B 45 34.14 -25.69 36.41
C VAL B 45 34.06 -26.98 35.60
N SER B 46 32.85 -27.38 35.25
CA SER B 46 32.61 -28.57 34.45
C SER B 46 32.90 -28.22 33.00
N GLY B 47 33.14 -29.24 32.19
CA GLY B 47 33.42 -29.03 30.80
C GLY B 47 32.21 -29.32 29.95
N TYR B 48 31.77 -28.32 29.19
CA TYR B 48 30.61 -28.56 28.34
C TYR B 48 30.98 -28.03 26.97
N ASP B 49 31.42 -26.76 26.91
CA ASP B 49 31.85 -26.11 25.67
C ASP B 49 30.78 -26.22 24.59
N ALA B 50 29.69 -25.46 24.79
CA ALA B 50 28.51 -25.36 23.93
C ALA B 50 28.77 -25.41 22.44
N ARG B 51 29.87 -24.80 22.00
CA ARG B 51 30.25 -24.81 20.59
C ARG B 51 30.38 -26.23 20.04
N ILE B 52 30.90 -27.17 20.82
CA ILE B 52 30.99 -28.56 20.39
C ILE B 52 29.64 -29.25 20.44
N ARG B 53 29.39 -30.10 19.45
CA ARG B 53 28.19 -30.91 19.34
C ARG B 53 28.32 -32.12 20.26
N PRO B 54 27.20 -32.76 20.63
CA PRO B 54 27.31 -33.99 21.41
C PRO B 54 27.93 -35.12 20.61
N ASN B 55 28.63 -36.00 21.34
CA ASN B 55 29.36 -37.18 20.86
C ASN B 55 30.19 -36.88 19.61
N PHE B 56 31.06 -35.89 19.78
CA PHE B 56 31.95 -35.41 18.73
C PHE B 56 32.88 -36.53 18.27
N LYS B 57 33.21 -36.50 16.97
CA LYS B 57 33.98 -37.54 16.28
C LYS B 57 33.32 -38.90 16.44
N GLY B 58 32.02 -38.93 16.28
CA GLY B 58 31.23 -40.12 16.51
C GLY B 58 30.04 -40.16 15.59
N PRO B 59 29.05 -40.98 15.93
CA PRO B 59 27.84 -41.07 15.12
C PRO B 59 27.08 -39.77 15.14
N PRO B 60 26.34 -39.46 14.07
CA PRO B 60 25.62 -38.19 13.98
C PRO B 60 24.53 -38.01 15.03
N VAL B 61 24.37 -36.77 15.47
CA VAL B 61 23.26 -36.37 16.31
C VAL B 61 21.95 -36.50 15.53
N ASN B 62 20.98 -37.18 16.10
CA ASN B 62 19.69 -37.39 15.47
C ASN B 62 18.64 -36.52 16.16
N VAL B 63 18.02 -35.64 15.38
CA VAL B 63 17.04 -34.70 15.88
C VAL B 63 15.69 -35.12 15.33
N THR B 64 14.71 -35.32 16.20
CA THR B 64 13.35 -35.65 15.80
C THR B 64 12.47 -34.44 16.09
N CYS B 65 11.86 -33.89 15.05
CA CYS B 65 11.13 -32.65 15.20
C CYS B 65 9.70 -32.71 14.69
N ASN B 66 8.77 -32.16 15.47
CA ASN B 66 7.37 -32.04 15.11
C ASN B 66 6.91 -30.60 15.31
N ILE B 67 6.12 -30.08 14.37
CA ILE B 67 5.62 -28.71 14.43
C ILE B 67 4.13 -28.72 14.77
N PHE B 68 3.71 -27.77 15.58
CA PHE B 68 2.29 -27.52 15.86
C PHE B 68 1.91 -26.21 15.17
N ILE B 69 0.89 -26.24 14.33
CA ILE B 69 0.48 -25.07 13.55
C ILE B 69 -0.54 -24.27 14.34
N ASN B 70 -0.09 -23.18 14.96
CA ASN B 70 -1.02 -22.35 15.73
C ASN B 70 -1.97 -21.57 14.82
N SER B 71 -1.46 -20.91 13.80
CA SER B 71 -2.32 -20.11 12.91
C SER B 71 -1.84 -20.25 11.49
N PHE B 72 -2.77 -20.34 10.56
CA PHE B 72 -2.52 -20.48 9.14
C PHE B 72 -3.38 -19.47 8.40
N GLY B 73 -2.79 -18.79 7.43
CA GLY B 73 -3.59 -17.86 6.65
C GLY B 73 -2.72 -16.92 5.84
N SER B 74 -3.34 -15.82 5.42
CA SER B 74 -2.71 -14.72 4.69
C SER B 74 -2.10 -15.19 3.37
N ILE B 75 -2.75 -16.16 2.72
CA ILE B 75 -2.30 -16.66 1.44
C ILE B 75 -2.51 -15.59 0.38
N ALA B 76 -1.48 -15.31 -0.41
CA ALA B 76 -1.54 -14.30 -1.45
C ALA B 76 -1.09 -14.90 -2.76
N GLU B 77 -1.97 -14.92 -3.74
CA GLU B 77 -1.63 -15.44 -5.06
C GLU B 77 -0.60 -14.57 -5.77
N THR B 78 -0.74 -13.25 -5.68
CA THR B 78 0.18 -12.33 -6.37
C THR B 78 1.59 -12.43 -5.81
N THR B 79 1.74 -12.30 -4.49
CA THR B 79 3.04 -12.40 -3.85
C THR B 79 3.57 -13.84 -3.87
N MET B 80 2.67 -14.83 -3.97
CA MET B 80 2.97 -16.29 -4.02
C MET B 80 3.55 -16.81 -2.70
N ASP B 81 3.06 -16.29 -1.58
CA ASP B 81 3.49 -16.73 -0.25
C ASP B 81 2.32 -16.86 0.71
N TYR B 82 2.52 -17.64 1.76
CA TYR B 82 1.55 -17.83 2.83
C TYR B 82 2.27 -17.68 4.17
N ARG B 83 1.56 -17.17 5.17
CA ARG B 83 2.13 -16.91 6.48
C ARG B 83 1.58 -17.89 7.50
N VAL B 84 2.47 -18.52 8.26
CA VAL B 84 2.08 -19.47 9.30
C VAL B 84 2.79 -19.12 10.60
N ASN B 85 2.15 -19.46 11.72
CA ASN B 85 2.72 -19.32 13.06
C ASN B 85 2.80 -20.73 13.64
N ILE B 86 4.00 -21.17 14.03
CA ILE B 86 4.21 -22.56 14.40
C ILE B 86 5.00 -22.66 15.70
N PHE B 87 4.75 -23.74 16.44
CA PHE B 87 5.57 -24.11 17.60
C PHE B 87 6.52 -25.20 17.13
N LEU B 88 7.74 -24.86 16.78
CA LEU B 88 8.72 -25.86 16.39
C LEU B 88 9.27 -26.56 17.62
N ARG B 89 9.21 -27.89 17.66
CA ARG B 89 9.70 -28.69 18.77
C ARG B 89 10.79 -29.61 18.31
N GLN B 90 11.98 -29.53 18.90
CA GLN B 90 13.12 -30.34 18.51
C GLN B 90 13.59 -31.20 19.69
N GLN B 91 13.72 -32.51 19.47
CA GLN B 91 14.18 -33.44 20.48
C GLN B 91 15.47 -34.11 20.04
N TRP B 92 16.53 -33.95 20.83
CA TRP B 92 17.80 -34.59 20.57
C TRP B 92 18.40 -35.04 21.89
N ASN B 93 19.31 -35.99 21.84
CA ASN B 93 19.91 -36.58 23.03
C ASN B 93 21.33 -36.05 23.19
N ASP B 94 21.62 -35.48 24.35
CA ASP B 94 22.96 -35.01 24.69
C ASP B 94 23.44 -35.82 25.88
N PRO B 95 24.54 -36.58 25.75
CA PRO B 95 25.00 -37.40 26.88
C PRO B 95 25.54 -36.62 28.07
N ARG B 96 26.24 -35.51 27.82
CA ARG B 96 26.83 -34.72 28.90
C ARG B 96 25.77 -34.18 29.86
N LEU B 97 24.59 -33.82 29.37
CA LEU B 97 23.55 -33.27 30.21
C LEU B 97 22.85 -34.29 31.10
N ALA B 98 23.25 -35.56 31.08
CA ALA B 98 22.63 -36.56 31.93
C ALA B 98 22.88 -36.26 33.40
N TYR B 99 21.85 -36.41 34.21
CA TYR B 99 21.94 -36.17 35.64
C TYR B 99 21.28 -37.30 36.41
N SER B 100 21.88 -37.68 37.54
CA SER B 100 21.34 -38.72 38.40
C SER B 100 21.11 -38.28 39.83
N GLU B 101 21.56 -37.07 40.18
CA GLU B 101 21.44 -36.56 41.54
C GLU B 101 19.97 -36.34 41.94
N TYR B 102 19.12 -35.90 41.01
CA TYR B 102 17.73 -35.62 41.30
C TYR B 102 16.85 -36.73 40.76
N PRO B 103 15.97 -37.30 41.60
CA PRO B 103 15.08 -38.36 41.11
C PRO B 103 14.10 -37.91 40.04
N ASP B 104 13.53 -36.71 40.20
CA ASP B 104 12.59 -36.12 39.24
C ASP B 104 13.21 -36.06 37.85
N ASP B 105 12.58 -36.73 36.89
CA ASP B 105 13.11 -36.77 35.53
C ASP B 105 12.71 -35.60 34.65
N SER B 106 11.58 -34.94 34.93
CA SER B 106 11.08 -33.90 34.03
C SER B 106 12.00 -32.69 34.04
N LEU B 107 12.10 -32.01 35.18
CA LEU B 107 13.01 -30.89 35.45
C LEU B 107 13.01 -29.83 34.34
N ASP B 108 11.87 -29.15 34.26
CA ASP B 108 11.72 -28.05 33.32
C ASP B 108 12.60 -26.89 33.77
N LEU B 109 13.18 -26.17 32.81
CA LEU B 109 14.13 -25.11 33.13
C LEU B 109 13.75 -23.78 32.49
N ASP B 110 14.38 -22.73 33.03
CA ASP B 110 14.17 -21.37 32.55
C ASP B 110 14.67 -21.22 31.11
N PRO B 111 13.93 -20.53 30.25
CA PRO B 111 14.37 -20.37 28.86
C PRO B 111 15.58 -19.48 28.67
N SER B 112 15.93 -18.62 29.63
CA SER B 112 17.06 -17.72 29.45
C SER B 112 18.39 -18.47 29.33
N MET B 113 18.54 -19.55 30.10
CA MET B 113 19.76 -20.34 30.10
C MET B 113 19.74 -21.38 28.98
N LEU B 114 19.46 -20.90 27.77
CA LEU B 114 19.46 -21.65 26.53
C LEU B 114 20.62 -21.25 25.64
N ASP B 115 21.45 -20.33 26.12
CA ASP B 115 22.69 -19.95 25.45
C ASP B 115 23.61 -21.12 25.15
N SER B 116 23.68 -22.09 26.06
CA SER B 116 24.68 -23.15 25.99
C SER B 116 24.05 -24.54 26.15
N ILE B 117 23.05 -24.87 25.33
CA ILE B 117 22.54 -26.24 25.38
C ILE B 117 22.74 -26.85 23.98
N TRP B 118 23.73 -26.36 23.24
CA TRP B 118 23.96 -26.75 21.83
C TRP B 118 22.66 -26.80 21.01
N LYS B 119 22.06 -25.66 20.83
CA LYS B 119 20.92 -25.59 19.92
C LYS B 119 21.31 -26.04 18.52
N PRO B 120 20.66 -27.06 17.95
CA PRO B 120 21.00 -27.48 16.59
C PRO B 120 20.56 -26.43 15.58
N ASP B 121 21.46 -26.11 14.66
CA ASP B 121 21.10 -25.15 13.62
C ASP B 121 20.06 -25.72 12.68
N LEU B 122 19.03 -24.94 12.45
CA LEU B 122 17.93 -25.28 11.57
C LEU B 122 17.53 -23.99 10.89
N PHE B 123 17.09 -24.09 9.66
CA PHE B 123 16.56 -22.93 8.97
C PHE B 123 15.58 -23.42 7.94
N PHE B 124 14.72 -22.54 7.50
CA PHE B 124 13.72 -22.93 6.52
C PHE B 124 14.21 -22.52 5.14
N ALA B 125 14.24 -23.50 4.24
CA ALA B 125 14.85 -23.33 2.92
C ALA B 125 14.14 -22.26 2.10
N ASN B 126 12.83 -22.21 2.15
CA ASN B 126 12.07 -21.21 1.44
C ASN B 126 11.38 -20.33 2.48
N GLU B 127 11.98 -19.18 2.80
CA GLU B 127 11.36 -18.35 3.80
C GLU B 127 11.62 -16.90 3.50
N LYS B 128 10.83 -16.06 4.17
CA LYS B 128 11.03 -14.63 4.30
C LYS B 128 10.65 -14.31 5.74
N GLY B 129 11.20 -13.23 6.27
CA GLY B 129 10.87 -12.90 7.64
C GLY B 129 11.43 -13.83 8.68
N ALA B 130 10.56 -14.69 9.22
CA ALA B 130 10.89 -15.70 10.23
C ALA B 130 11.30 -15.07 11.56
N ASN B 131 10.54 -14.06 12.00
CA ASN B 131 10.82 -13.39 13.25
C ASN B 131 10.48 -14.26 14.46
N PHE B 132 11.14 -13.96 15.58
CA PHE B 132 10.90 -14.59 16.86
C PHE B 132 9.94 -13.71 17.65
N HIS B 133 9.35 -14.28 18.71
CA HIS B 133 8.39 -13.56 19.54
C HIS B 133 9.02 -13.21 20.88
N GLU B 134 9.22 -11.92 21.12
CA GLU B 134 9.86 -11.42 22.32
C GLU B 134 8.89 -10.81 23.34
N VAL B 135 7.60 -11.13 23.28
CA VAL B 135 6.64 -10.39 24.09
C VAL B 135 6.60 -10.95 25.50
N THR B 136 6.79 -10.04 26.46
CA THR B 136 6.91 -10.18 27.92
C THR B 136 8.22 -10.89 28.22
N THR B 137 8.36 -12.13 27.75
CA THR B 137 9.58 -12.92 27.86
C THR B 137 9.68 -13.73 26.58
N ASP B 138 10.90 -14.18 26.26
CA ASP B 138 11.13 -14.95 25.05
C ASP B 138 10.26 -16.20 25.07
N ASN B 139 9.63 -16.51 23.94
CA ASN B 139 8.75 -17.68 23.85
C ASN B 139 9.59 -18.92 23.54
N LYS B 140 10.09 -19.57 24.58
CA LYS B 140 10.91 -20.75 24.45
C LYS B 140 10.61 -21.70 25.60
N LEU B 141 10.95 -22.97 25.43
CA LEU B 141 10.71 -23.98 26.45
C LEU B 141 11.83 -25.00 26.45
N LEU B 142 12.70 -24.95 27.46
CA LEU B 142 13.79 -25.90 27.57
C LEU B 142 13.43 -26.94 28.64
N ARG B 143 13.45 -28.21 28.28
CA ARG B 143 13.15 -29.30 29.20
C ARG B 143 14.20 -30.38 29.03
N ILE B 144 14.94 -30.68 30.09
CA ILE B 144 16.00 -31.68 30.05
C ILE B 144 15.58 -32.91 30.84
N SER B 145 15.55 -34.06 30.17
CA SER B 145 15.22 -35.32 30.80
C SER B 145 16.42 -35.89 31.54
N LYS B 146 16.15 -36.92 32.34
CA LYS B 146 17.19 -37.56 33.15
C LYS B 146 18.25 -38.25 32.30
N ASN B 147 17.85 -38.90 31.21
CA ASN B 147 18.80 -39.58 30.34
C ASN B 147 19.61 -38.65 29.45
N GLY B 148 19.25 -37.37 29.40
CA GLY B 148 19.93 -36.41 28.55
C GLY B 148 19.11 -35.95 27.36
N ASN B 149 17.90 -36.43 27.21
CA ASN B 149 17.01 -35.97 26.16
C ASN B 149 16.62 -34.52 26.40
N VAL B 150 16.68 -33.71 25.36
CA VAL B 150 16.42 -32.28 25.46
C VAL B 150 15.21 -31.96 24.59
N LEU B 151 14.22 -31.29 25.17
CA LEU B 151 13.06 -30.83 24.42
C LEU B 151 13.15 -29.31 24.29
N TYR B 152 13.17 -28.84 23.07
CA TYR B 152 13.34 -27.42 22.73
C TYR B 152 12.15 -26.97 21.91
N SER B 153 11.40 -26.00 22.41
CA SER B 153 10.18 -25.55 21.75
C SER B 153 10.20 -24.05 21.56
N ILE B 154 10.16 -23.59 20.31
CA ILE B 154 10.16 -22.17 19.95
C ILE B 154 8.96 -21.81 19.07
N ARG B 155 8.41 -20.63 19.29
CA ARG B 155 7.28 -20.10 18.54
C ARG B 155 7.80 -19.11 17.51
N ILE B 156 7.44 -19.29 16.23
CA ILE B 156 7.97 -18.47 15.15
C ILE B 156 6.90 -18.26 14.08
N THR B 157 6.84 -17.06 13.47
CA THR B 157 5.95 -16.79 12.34
C THR B 157 6.79 -16.82 11.08
N LEU B 158 6.34 -17.59 10.08
CA LEU B 158 7.11 -17.83 8.87
C LEU B 158 6.37 -17.30 7.66
N VAL B 159 7.01 -16.42 6.90
CA VAL B 159 6.48 -16.02 5.59
C VAL B 159 7.07 -17.00 4.58
N LEU B 160 6.41 -18.14 4.46
CA LEU B 160 6.81 -19.21 3.55
C LEU B 160 6.32 -18.92 2.13
N ALA B 161 7.23 -19.00 1.16
CA ALA B 161 6.87 -18.75 -0.23
C ALA B 161 6.80 -20.06 -1.02
N CYS B 162 5.64 -20.35 -1.58
CA CYS B 162 5.44 -21.57 -2.35
C CYS B 162 4.88 -21.25 -3.74
N PRO B 163 5.47 -21.77 -4.80
CA PRO B 163 4.92 -21.54 -6.15
C PRO B 163 3.57 -22.23 -6.27
N MET B 164 2.61 -21.56 -6.90
CA MET B 164 1.28 -22.14 -7.03
C MET B 164 0.83 -22.17 -8.49
N ASP B 165 0.52 -23.37 -8.97
CA ASP B 165 0.05 -23.55 -10.34
C ASP B 165 -1.37 -23.01 -10.46
N LEU B 166 -1.58 -22.09 -11.38
CA LEU B 166 -2.87 -21.46 -11.59
C LEU B 166 -3.45 -21.84 -12.95
N LYS B 167 -3.27 -23.10 -13.33
CA LYS B 167 -3.87 -23.62 -14.56
C LYS B 167 -5.37 -23.51 -14.51
N ASN B 168 -6.00 -24.07 -13.50
CA ASN B 168 -7.42 -23.91 -13.28
C ASN B 168 -7.58 -22.91 -12.15
N PHE B 169 -7.74 -21.61 -12.44
CA PHE B 169 -7.81 -20.66 -11.32
C PHE B 169 -9.07 -20.84 -10.46
N PRO B 170 -10.34 -20.82 -11.02
CA PRO B 170 -11.55 -21.04 -10.20
C PRO B 170 -11.48 -22.17 -9.19
N MET B 171 -11.35 -23.42 -9.65
CA MET B 171 -11.23 -24.53 -8.73
C MET B 171 -9.89 -25.23 -8.96
N ASP B 172 -9.10 -25.32 -7.90
CA ASP B 172 -7.78 -25.93 -7.92
C ASP B 172 -7.34 -26.36 -6.54
N VAL B 173 -6.31 -27.21 -6.53
CA VAL B 173 -5.72 -27.72 -5.32
C VAL B 173 -4.25 -27.29 -5.33
N GLN B 174 -3.84 -26.54 -4.32
CA GLN B 174 -2.49 -26.02 -4.22
C GLN B 174 -1.76 -26.73 -3.10
N THR B 175 -0.53 -27.14 -3.36
CA THR B 175 0.30 -27.80 -2.36
C THR B 175 1.32 -26.79 -1.84
N CYS B 176 1.29 -26.53 -0.54
CA CYS B 176 2.20 -25.62 0.13
C CYS B 176 3.22 -26.41 0.92
N ILE B 177 4.49 -26.19 0.64
CA ILE B 177 5.59 -27.01 1.14
C ILE B 177 6.50 -26.18 2.04
N MET B 178 6.81 -26.71 3.22
CA MET B 178 7.78 -26.10 4.14
C MET B 178 8.96 -27.05 4.32
N GLN B 179 10.18 -26.57 4.06
CA GLN B 179 11.38 -27.38 4.18
C GLN B 179 12.20 -26.96 5.39
N LEU B 180 12.57 -27.91 6.22
CA LEU B 180 13.45 -27.69 7.37
C LEU B 180 14.81 -28.31 7.05
N GLU B 181 15.83 -27.48 6.89
CA GLU B 181 17.13 -27.95 6.42
C GLU B 181 18.25 -27.44 7.32
N SER B 182 19.23 -28.30 7.58
CA SER B 182 20.41 -27.89 8.33
C SER B 182 21.34 -26.99 7.51
N PHE B 183 21.97 -26.04 8.19
CA PHE B 183 22.95 -25.13 7.61
C PHE B 183 24.25 -25.28 8.38
N GLY B 184 25.32 -25.63 7.68
CA GLY B 184 26.60 -25.72 8.32
C GLY B 184 26.96 -27.05 8.95
N TYR B 185 26.05 -28.02 8.98
CA TYR B 185 26.40 -29.36 9.42
C TYR B 185 26.00 -30.35 8.35
N THR B 186 26.95 -31.16 7.90
CA THR B 186 26.68 -32.10 6.83
C THR B 186 25.83 -33.26 7.33
N MET B 187 25.38 -34.07 6.38
CA MET B 187 24.49 -35.21 6.66
C MET B 187 25.16 -36.23 7.57
N ASN B 188 26.46 -36.48 7.36
CA ASN B 188 27.19 -37.35 8.26
C ASN B 188 27.28 -36.75 9.65
N ASP B 189 27.35 -35.42 9.74
CA ASP B 189 27.45 -34.76 11.03
C ASP B 189 26.11 -34.72 11.77
N LEU B 190 25.03 -34.29 11.10
CA LEU B 190 23.72 -34.10 11.71
C LEU B 190 22.62 -34.66 10.81
N ILE B 191 21.62 -35.31 11.41
CA ILE B 191 20.49 -35.87 10.67
C ILE B 191 19.18 -35.36 11.26
N PHE B 192 18.24 -35.00 10.39
CA PHE B 192 16.91 -34.54 10.78
C PHE B 192 15.89 -35.61 10.45
N GLU B 193 15.05 -35.96 11.40
CA GLU B 193 14.04 -36.98 11.19
C GLU B 193 12.68 -36.48 11.65
N TRP B 194 11.63 -36.88 10.94
CA TRP B 194 10.28 -36.51 11.32
C TRP B 194 9.85 -37.38 12.49
N ASP B 195 9.12 -36.77 13.42
CA ASP B 195 8.58 -37.48 14.57
C ASP B 195 7.71 -38.64 14.13
N GLU B 196 7.93 -39.79 14.80
CA GLU B 196 7.16 -41.02 14.55
C GLU B 196 5.65 -40.79 14.66
N LYS B 197 5.21 -40.17 15.74
CA LYS B 197 3.78 -39.90 15.94
C LYS B 197 3.55 -38.39 15.96
N GLY B 198 2.48 -37.96 15.29
CA GLY B 198 2.07 -36.57 15.26
C GLY B 198 3.10 -35.57 14.79
N ALA B 199 3.66 -35.77 13.61
CA ALA B 199 4.67 -34.85 13.09
C ALA B 199 4.10 -33.46 12.85
N VAL B 200 2.89 -33.37 12.31
CA VAL B 200 2.26 -32.07 12.07
C VAL B 200 0.93 -32.07 12.79
N GLN B 201 0.74 -31.10 13.67
CA GLN B 201 -0.47 -30.96 14.46
C GLN B 201 -1.11 -29.61 14.16
N VAL B 202 -2.39 -29.61 13.87
CA VAL B 202 -3.14 -28.41 13.55
C VAL B 202 -4.01 -28.07 14.75
N ALA B 203 -4.03 -26.79 15.13
CA ALA B 203 -4.84 -26.34 16.25
C ALA B 203 -6.31 -26.55 15.95
N ASP B 204 -7.04 -27.04 16.95
CA ASP B 204 -8.47 -27.31 16.79
C ASP B 204 -9.25 -26.03 16.59
N GLY B 205 -10.18 -26.06 15.64
CA GLY B 205 -10.96 -24.89 15.33
C GLY B 205 -10.29 -23.93 14.37
N LEU B 206 -9.07 -24.20 13.95
CA LEU B 206 -8.42 -23.34 12.97
C LEU B 206 -9.11 -23.50 11.63
N THR B 207 -9.39 -22.37 10.98
CA THR B 207 -10.10 -22.39 9.73
C THR B 207 -9.46 -21.36 8.81
N LEU B 208 -9.63 -21.58 7.53
CA LEU B 208 -9.13 -20.71 6.48
C LEU B 208 -10.34 -20.15 5.75
N PRO B 209 -10.45 -18.82 5.62
CA PRO B 209 -11.64 -18.25 4.96
C PRO B 209 -11.75 -18.61 3.49
N GLN B 210 -10.66 -18.55 2.74
CA GLN B 210 -10.69 -18.77 1.31
C GLN B 210 -10.30 -20.20 0.90
N PHE B 211 -9.88 -21.05 1.83
CA PHE B 211 -9.33 -22.35 1.50
C PHE B 211 -9.80 -23.41 2.47
N ILE B 212 -9.65 -24.67 2.09
CA ILE B 212 -9.91 -25.81 2.96
C ILE B 212 -8.63 -26.61 3.09
N LEU B 213 -8.23 -26.93 4.33
CA LEU B 213 -7.01 -27.67 4.59
C LEU B 213 -7.31 -29.16 4.71
N LYS B 214 -6.65 -29.96 3.87
CA LYS B 214 -6.82 -31.40 3.88
C LYS B 214 -6.16 -32.01 5.10
N GLU B 215 -6.81 -33.00 5.70
CA GLU B 215 -6.28 -33.66 6.89
C GLU B 215 -5.02 -34.47 6.60
N GLU B 216 -4.98 -35.20 5.50
CA GLU B 216 -3.81 -35.99 5.15
C GLU B 216 -2.63 -35.08 4.83
N LYS B 217 -1.43 -35.52 5.23
CA LYS B 217 -0.22 -34.71 5.12
C LYS B 217 0.87 -35.58 4.56
N ASP B 218 1.74 -34.99 3.75
CA ASP B 218 2.87 -35.69 3.16
C ASP B 218 4.13 -35.36 3.96
N LEU B 219 4.70 -36.35 4.59
CA LEU B 219 5.98 -36.20 5.29
C LEU B 219 7.03 -36.95 4.48
N ARG B 220 7.86 -36.21 3.76
CA ARG B 220 8.89 -36.81 2.95
C ARG B 220 10.17 -36.00 3.08
N TYR B 221 11.30 -36.68 3.17
CA TYR B 221 12.57 -36.00 3.29
C TYR B 221 13.36 -36.03 1.99
N CYS B 222 13.85 -34.86 1.60
CA CYS B 222 14.71 -34.70 0.43
C CYS B 222 16.03 -34.13 0.90
N THR B 223 17.14 -34.72 0.47
CA THR B 223 18.46 -34.29 0.90
C THR B 223 19.01 -33.23 -0.04
N LYS B 224 19.32 -32.05 0.49
CA LYS B 224 19.91 -31.00 -0.32
C LYS B 224 21.35 -31.33 -0.66
N HIS B 225 21.72 -31.16 -1.92
CA HIS B 225 23.08 -31.40 -2.39
C HIS B 225 23.65 -30.09 -2.90
N TYR B 226 24.83 -29.74 -2.40
CA TYR B 226 25.53 -28.52 -2.77
C TYR B 226 26.98 -28.88 -3.06
N ASN B 227 27.75 -27.92 -3.58
CA ASN B 227 29.16 -28.18 -3.79
C ASN B 227 29.90 -28.30 -2.47
N THR B 228 29.41 -27.62 -1.44
CA THR B 228 29.98 -27.72 -0.10
C THR B 228 29.81 -29.12 0.47
N GLY B 229 28.64 -29.73 0.26
CA GLY B 229 28.37 -31.06 0.77
C GLY B 229 26.87 -31.32 0.80
N LYS B 230 26.51 -32.46 1.40
CA LYS B 230 25.11 -32.85 1.50
C LYS B 230 24.58 -32.53 2.89
N PHE B 231 23.47 -31.83 2.94
CA PHE B 231 22.85 -31.37 4.18
C PHE B 231 21.47 -31.97 4.31
N THR B 232 21.16 -32.50 5.49
CA THR B 232 19.85 -33.10 5.74
C THR B 232 18.73 -32.08 5.65
N CYS B 233 17.63 -32.48 5.02
CA CYS B 233 16.44 -31.66 4.94
C CYS B 233 15.22 -32.56 4.98
N ILE B 234 14.14 -32.05 5.57
CA ILE B 234 12.86 -32.73 5.64
C ILE B 234 11.78 -31.74 5.25
N GLU B 235 10.71 -32.22 4.63
CA GLU B 235 9.68 -31.30 4.20
C GLU B 235 8.29 -31.89 4.39
N ALA B 236 7.34 -30.99 4.63
CA ALA B 236 5.93 -31.34 4.82
C ALA B 236 5.10 -30.61 3.77
N ARG B 237 4.12 -31.30 3.21
CA ARG B 237 3.26 -30.75 2.16
C ARG B 237 1.86 -30.60 2.68
N PHE B 238 1.30 -29.41 2.54
CA PHE B 238 -0.07 -29.14 2.96
C PHE B 238 -0.94 -28.96 1.72
N HIS B 239 -1.83 -29.90 1.46
CA HIS B 239 -2.76 -29.73 0.37
C HIS B 239 -3.82 -28.70 0.73
N LEU B 240 -4.03 -27.74 -0.16
CA LEU B 240 -5.01 -26.68 0.06
C LEU B 240 -6.05 -26.74 -1.03
N GLU B 241 -7.33 -26.74 -0.68
CA GLU B 241 -8.41 -26.75 -1.65
C GLU B 241 -9.12 -25.40 -1.61
N ARG B 242 -9.24 -24.76 -2.76
CA ARG B 242 -9.88 -23.45 -2.83
C ARG B 242 -11.39 -23.60 -2.91
N GLN B 243 -12.10 -22.98 -1.98
CA GLN B 243 -13.55 -22.98 -1.97
C GLN B 243 -14.11 -22.19 -3.14
N MET B 244 -15.15 -22.73 -3.77
CA MET B 244 -15.74 -22.16 -4.95
C MET B 244 -16.98 -21.32 -4.66
N GLY B 245 -17.27 -21.07 -3.39
CA GLY B 245 -18.47 -20.32 -3.06
C GLY B 245 -18.40 -18.87 -3.48
N TYR B 246 -17.27 -18.21 -3.22
CA TYR B 246 -17.15 -16.79 -3.54
C TYR B 246 -17.13 -16.55 -5.04
N TYR B 247 -16.33 -17.34 -5.76
CA TYR B 247 -16.12 -17.12 -7.19
C TYR B 247 -17.38 -17.33 -7.98
N LEU B 248 -18.23 -18.24 -7.53
CA LEU B 248 -19.51 -18.47 -8.17
C LEU B 248 -20.38 -17.23 -8.10
N ILE B 249 -20.48 -16.63 -6.91
CA ILE B 249 -21.29 -15.43 -6.73
C ILE B 249 -20.66 -14.21 -7.40
N GLN B 250 -19.35 -14.01 -7.18
CA GLN B 250 -18.69 -12.80 -7.66
C GLN B 250 -18.52 -12.78 -9.18
N MET B 251 -18.14 -13.91 -9.79
CA MET B 251 -17.76 -13.89 -11.19
C MET B 251 -18.72 -14.63 -12.11
N TYR B 252 -19.13 -15.84 -11.75
CA TYR B 252 -19.94 -16.64 -12.66
C TYR B 252 -21.36 -16.10 -12.82
N ILE B 253 -22.00 -15.70 -11.73
CA ILE B 253 -23.37 -15.18 -11.79
C ILE B 253 -23.49 -13.85 -12.55
N PRO B 254 -22.62 -12.82 -12.35
CA PRO B 254 -22.72 -11.62 -13.21
C PRO B 254 -22.58 -11.83 -14.71
N SER B 255 -21.60 -12.64 -15.14
CA SER B 255 -21.42 -12.93 -16.55
C SER B 255 -22.65 -13.55 -17.17
N LEU B 256 -23.31 -14.43 -16.42
CA LEU B 256 -24.58 -15.01 -16.85
C LEU B 256 -25.66 -13.95 -17.03
N LEU B 257 -25.68 -12.95 -16.14
CA LEU B 257 -26.62 -11.84 -16.26
C LEU B 257 -26.38 -11.03 -17.52
N ILE B 258 -25.12 -10.77 -17.86
CA ILE B 258 -24.81 -10.01 -19.07
C ILE B 258 -25.23 -10.78 -20.32
N VAL B 259 -24.99 -12.09 -20.33
CA VAL B 259 -25.40 -12.91 -21.47
C VAL B 259 -26.92 -12.93 -21.63
N ILE B 260 -27.65 -13.01 -20.50
CA ILE B 260 -29.11 -12.96 -20.54
C ILE B 260 -29.62 -11.62 -21.07
N LEU B 261 -28.93 -10.53 -20.71
CA LEU B 261 -29.29 -9.21 -21.23
C LEU B 261 -29.11 -9.13 -22.76
N SER B 262 -28.02 -9.72 -23.25
CA SER B 262 -27.83 -9.80 -24.70
C SER B 262 -28.92 -10.63 -25.38
N TRP B 263 -29.40 -11.68 -24.71
CA TRP B 263 -30.53 -12.43 -25.25
C TRP B 263 -31.80 -11.61 -25.29
N VAL B 264 -31.99 -10.74 -24.29
CA VAL B 264 -33.16 -9.86 -24.22
C VAL B 264 -33.21 -8.96 -25.44
N SER B 265 -32.04 -8.52 -25.91
CA SER B 265 -31.95 -7.71 -27.14
C SER B 265 -32.66 -8.25 -28.38
N PHE B 266 -32.94 -9.56 -28.47
CA PHE B 266 -33.58 -10.11 -29.66
C PHE B 266 -35.04 -9.73 -29.76
N TRP B 267 -35.74 -9.66 -28.62
CA TRP B 267 -37.17 -9.37 -28.61
C TRP B 267 -37.49 -7.95 -29.05
N ILE B 268 -36.55 -7.01 -28.87
CA ILE B 268 -36.71 -5.62 -29.30
C ILE B 268 -36.87 -5.56 -30.82
N ASN B 269 -37.64 -4.57 -31.29
CA ASN B 269 -37.95 -4.41 -32.71
C ASN B 269 -36.69 -4.18 -33.54
N MET B 270 -36.65 -4.81 -34.72
CA MET B 270 -35.53 -4.64 -35.64
C MET B 270 -35.44 -3.22 -36.17
N ASP B 271 -36.57 -2.54 -36.31
CA ASP B 271 -36.59 -1.15 -36.76
C ASP B 271 -35.85 -0.21 -35.81
N ALA B 272 -35.91 -0.48 -34.50
CA ALA B 272 -35.28 0.36 -33.50
C ALA B 272 -33.79 0.07 -33.45
N ALA B 273 -33.09 0.63 -34.43
CA ALA B 273 -31.65 0.43 -34.52
C ALA B 273 -30.82 1.00 -33.37
N PRO B 274 -31.05 2.23 -32.85
CA PRO B 274 -30.22 2.68 -31.71
C PRO B 274 -30.38 1.83 -30.47
N ALA B 275 -31.59 1.35 -30.17
CA ALA B 275 -31.82 0.56 -28.97
C ALA B 275 -31.07 -0.77 -29.01
N ARG B 276 -31.21 -1.51 -30.12
CA ARG B 276 -30.55 -2.80 -30.24
C ARG B 276 -29.03 -2.66 -30.35
N VAL B 277 -28.57 -1.67 -31.11
CA VAL B 277 -27.13 -1.45 -31.25
C VAL B 277 -26.51 -1.06 -29.92
N GLY B 278 -27.06 -0.03 -29.26
CA GLY B 278 -26.61 0.35 -27.94
C GLY B 278 -26.63 -0.76 -26.91
N LEU B 279 -27.66 -1.60 -26.95
CA LEU B 279 -27.73 -2.71 -26.00
C LEU B 279 -26.60 -3.72 -26.24
N GLY B 280 -26.37 -4.09 -27.50
CA GLY B 280 -25.25 -4.98 -27.81
C GLY B 280 -23.90 -4.41 -27.43
N ILE B 281 -23.69 -3.12 -27.70
CA ILE B 281 -22.45 -2.44 -27.36
C ILE B 281 -22.22 -2.44 -25.86
N THR B 282 -23.24 -2.05 -25.10
CA THR B 282 -23.13 -1.97 -23.65
C THR B 282 -22.82 -3.33 -23.04
N THR B 283 -23.50 -4.38 -23.49
CA THR B 283 -23.17 -5.72 -22.98
C THR B 283 -21.75 -6.16 -23.32
N VAL B 284 -21.28 -5.89 -24.54
CA VAL B 284 -19.90 -6.26 -24.90
C VAL B 284 -18.89 -5.49 -24.06
N LEU B 285 -19.12 -4.19 -23.87
CA LEU B 285 -18.26 -3.36 -23.05
C LEU B 285 -18.26 -3.81 -21.60
N THR B 286 -19.44 -4.15 -21.07
CA THR B 286 -19.55 -4.60 -19.69
C THR B 286 -18.82 -5.91 -19.48
N MET B 287 -18.93 -6.81 -20.45
CA MET B 287 -18.22 -8.08 -20.37
C MET B 287 -16.71 -7.86 -20.40
N THR B 288 -16.25 -6.91 -21.22
CA THR B 288 -14.83 -6.60 -21.31
C THR B 288 -14.29 -6.04 -20.00
N THR B 289 -14.98 -5.06 -19.42
CA THR B 289 -14.50 -4.48 -18.16
C THR B 289 -14.59 -5.46 -17.00
N GLN B 290 -15.62 -6.32 -16.99
CA GLN B 290 -15.71 -7.33 -15.94
C GLN B 290 -14.58 -8.35 -16.04
N SER B 291 -14.27 -8.79 -17.26
CA SER B 291 -13.17 -9.72 -17.47
C SER B 291 -11.82 -9.13 -17.08
N SER B 292 -11.60 -7.87 -17.45
CA SER B 292 -10.34 -7.20 -17.08
C SER B 292 -10.25 -7.00 -15.57
N GLY B 293 -11.34 -6.57 -14.95
CA GLY B 293 -11.32 -6.30 -13.51
C GLY B 293 -11.14 -7.54 -12.65
N SER B 294 -11.72 -8.66 -13.07
CA SER B 294 -11.67 -9.88 -12.25
C SER B 294 -10.24 -10.37 -12.05
N ARG B 295 -9.46 -10.43 -13.11
CA ARG B 295 -8.13 -11.01 -13.08
C ARG B 295 -7.06 -10.04 -12.57
N ALA B 296 -7.46 -8.88 -12.04
CA ALA B 296 -6.50 -7.91 -11.54
C ALA B 296 -5.72 -8.44 -10.33
N SER B 297 -6.40 -9.12 -9.41
CA SER B 297 -5.75 -9.65 -8.22
C SER B 297 -5.18 -11.05 -8.46
N LEU B 298 -4.23 -11.12 -9.39
CA LEU B 298 -3.66 -12.40 -9.78
C LEU B 298 -2.26 -12.14 -10.32
N PRO B 299 -1.35 -13.09 -10.23
CA PRO B 299 -0.03 -12.91 -10.82
C PRO B 299 -0.10 -12.93 -12.34
N LYS B 300 0.96 -12.42 -12.95
CA LYS B 300 1.00 -12.21 -14.39
C LYS B 300 1.51 -13.46 -15.11
N VAL B 301 0.82 -14.58 -14.92
CA VAL B 301 1.23 -15.83 -15.54
C VAL B 301 0.89 -15.84 -17.02
N SER B 302 1.72 -16.51 -17.80
CA SER B 302 1.59 -16.57 -19.25
C SER B 302 0.67 -17.66 -19.78
N TYR B 303 0.15 -18.54 -18.94
CA TYR B 303 -0.67 -19.65 -19.42
C TYR B 303 -2.16 -19.39 -19.21
N VAL B 304 -2.97 -19.95 -20.11
CA VAL B 304 -4.41 -19.77 -20.09
C VAL B 304 -5.01 -20.46 -18.87
N LYS B 305 -6.01 -19.82 -18.26
CA LYS B 305 -6.71 -20.32 -17.09
C LYS B 305 -8.15 -20.66 -17.44
N ALA B 306 -8.80 -21.41 -16.55
CA ALA B 306 -10.22 -21.73 -16.70
C ALA B 306 -11.09 -20.50 -16.77
N ILE B 307 -10.78 -19.49 -15.94
CA ILE B 307 -11.56 -18.25 -15.93
C ILE B 307 -11.43 -17.53 -17.27
N ASP B 308 -10.25 -17.62 -17.91
CA ASP B 308 -10.07 -17.04 -19.23
C ASP B 308 -10.95 -17.72 -20.27
N ILE B 309 -11.10 -19.04 -20.19
CA ILE B 309 -11.96 -19.77 -21.12
C ILE B 309 -13.41 -19.35 -20.94
N TRP B 310 -13.85 -19.23 -19.69
CA TRP B 310 -15.23 -18.84 -19.42
C TRP B 310 -15.51 -17.41 -19.90
N MET B 311 -14.60 -16.49 -19.60
CA MET B 311 -14.76 -15.11 -20.04
C MET B 311 -14.72 -15.01 -21.56
N ALA B 312 -13.86 -15.79 -22.21
CA ALA B 312 -13.75 -15.79 -23.65
C ALA B 312 -15.03 -16.25 -24.32
N VAL B 313 -15.62 -17.33 -23.80
CA VAL B 313 -16.83 -17.86 -24.43
C VAL B 313 -18.00 -16.92 -24.22
N CYS B 314 -18.20 -16.43 -22.98
CA CYS B 314 -19.31 -15.51 -22.73
C CYS B 314 -19.18 -14.22 -23.53
N LEU B 315 -17.96 -13.68 -23.66
CA LEU B 315 -17.75 -12.51 -24.48
C LEU B 315 -17.98 -12.82 -25.96
N LEU B 316 -17.65 -14.02 -26.40
CA LEU B 316 -17.96 -14.44 -27.76
C LEU B 316 -19.47 -14.49 -28.00
N PHE B 317 -20.24 -14.93 -27.00
CA PHE B 317 -21.69 -14.96 -27.11
C PHE B 317 -22.28 -13.56 -27.28
N VAL B 318 -21.85 -12.61 -26.45
CA VAL B 318 -22.41 -11.26 -26.57
C VAL B 318 -21.96 -10.59 -27.89
N PHE B 319 -20.71 -10.84 -28.32
CA PHE B 319 -20.23 -10.33 -29.59
C PHE B 319 -21.00 -10.93 -30.76
N SER B 320 -21.32 -12.23 -30.68
CA SER B 320 -22.12 -12.89 -31.70
C SER B 320 -23.54 -12.31 -31.77
N ALA B 321 -24.11 -11.95 -30.63
CA ALA B 321 -25.42 -11.32 -30.64
C ALA B 321 -25.41 -9.98 -31.36
N LEU B 322 -24.36 -9.17 -31.13
CA LEU B 322 -24.24 -7.90 -31.86
C LEU B 322 -24.05 -8.13 -33.37
N LEU B 323 -23.26 -9.14 -33.74
CA LEU B 323 -23.11 -9.47 -35.15
C LEU B 323 -24.42 -9.93 -35.78
N GLU B 324 -25.23 -10.66 -35.02
CA GLU B 324 -26.53 -11.10 -35.51
C GLU B 324 -27.43 -9.91 -35.82
N TYR B 325 -27.43 -8.90 -34.94
CA TYR B 325 -28.24 -7.71 -35.26
C TYR B 325 -27.68 -6.97 -36.48
N ALA B 326 -26.35 -6.92 -36.62
CA ALA B 326 -25.77 -6.29 -37.80
C ALA B 326 -26.19 -6.98 -39.08
N ALA B 327 -26.26 -8.31 -39.06
CA ALA B 327 -26.74 -9.08 -40.21
C ALA B 327 -28.21 -8.80 -40.51
N VAL B 328 -29.05 -8.72 -39.47
CA VAL B 328 -30.47 -8.44 -39.66
C VAL B 328 -30.68 -7.06 -40.26
N ASN B 329 -29.96 -6.06 -39.74
CA ASN B 329 -30.06 -4.70 -40.24
C ASN B 329 -29.58 -4.60 -41.68
N PHE B 330 -28.52 -5.33 -42.03
CA PHE B 330 -28.03 -5.32 -43.40
C PHE B 330 -29.04 -5.96 -44.37
N ILE B 331 -29.70 -7.05 -43.96
CA ILE B 331 -30.72 -7.66 -44.81
C ILE B 331 -31.91 -6.72 -45.02
N ALA B 332 -32.35 -6.05 -43.96
CA ALA B 332 -33.41 -5.05 -44.10
C ALA B 332 -32.97 -3.87 -44.96
N ARG B 333 -31.69 -3.48 -44.87
CA ARG B 333 -31.13 -2.43 -45.71
C ARG B 333 -31.21 -2.81 -47.18
N GLN B 334 -30.87 -4.05 -47.50
CA GLN B 334 -30.97 -4.51 -48.88
C GLN B 334 -32.42 -4.53 -49.35
N HIS B 335 -33.35 -4.87 -48.45
CA HIS B 335 -34.77 -4.76 -48.74
C HIS B 335 -35.16 -3.33 -49.10
N LYS B 336 -34.71 -2.36 -48.30
CA LYS B 336 -35.06 -0.95 -48.55
C LYS B 336 -34.32 -0.38 -49.75
N GLU B 337 -33.17 -0.97 -50.08
CA GLU B 337 -32.43 -0.63 -51.30
C GLU B 337 -33.20 -1.06 -52.52
N LEU B 338 -33.68 -2.31 -52.54
CA LEU B 338 -34.55 -2.76 -53.62
C LEU B 338 -35.89 -2.03 -53.61
N LEU B 339 -36.39 -1.65 -52.43
CA LEU B 339 -37.63 -0.88 -52.33
C LEU B 339 -37.55 0.46 -53.05
N ARG B 340 -36.65 1.34 -52.60
CA ARG B 340 -36.51 2.66 -53.18
C ARG B 340 -35.17 2.79 -53.89
N PHE B 341 -35.22 3.18 -55.16
CA PHE B 341 -34.03 3.37 -55.98
C PHE B 341 -33.63 4.84 -55.98
N LYS B 394 -39.29 -7.41 -62.79
CA LYS B 394 -38.12 -7.13 -61.96
C LYS B 394 -38.12 -7.90 -60.62
N THR B 395 -39.27 -8.52 -60.30
CA THR B 395 -39.50 -9.31 -59.07
C THR B 395 -39.06 -8.61 -57.78
N VAL B 396 -39.24 -7.29 -57.74
CA VAL B 396 -38.82 -6.54 -56.55
C VAL B 396 -39.73 -6.84 -55.38
N GLU B 397 -41.04 -7.02 -55.62
CA GLU B 397 -42.00 -7.33 -54.55
C GLU B 397 -41.66 -8.67 -53.92
N GLU B 398 -41.36 -9.65 -54.78
CA GLU B 398 -40.94 -10.97 -54.32
C GLU B 398 -39.67 -10.86 -53.48
N MET B 399 -38.72 -10.04 -53.94
CA MET B 399 -37.50 -9.81 -53.17
C MET B 399 -37.78 -9.13 -51.82
N ARG B 400 -38.75 -8.22 -51.78
CA ARG B 400 -39.10 -7.56 -50.51
C ARG B 400 -39.65 -8.56 -49.50
N LYS B 401 -40.59 -9.42 -49.95
CA LYS B 401 -41.12 -10.46 -49.07
C LYS B 401 -40.03 -11.42 -48.62
N LEU B 402 -39.14 -11.81 -49.55
CA LEU B 402 -38.06 -12.73 -49.23
C LEU B 402 -37.15 -12.13 -48.16
N PHE B 403 -36.62 -10.94 -48.41
CA PHE B 403 -35.70 -10.29 -47.48
C PHE B 403 -36.32 -10.02 -46.10
N ILE B 404 -37.58 -9.52 -46.07
CA ILE B 404 -38.23 -9.28 -44.77
C ILE B 404 -38.48 -10.60 -44.03
N SER B 405 -38.90 -11.63 -44.75
CA SER B 405 -39.06 -12.96 -44.16
C SER B 405 -37.73 -13.51 -43.67
N ARG B 406 -36.66 -13.22 -44.42
CA ARG B 406 -35.33 -13.67 -44.04
C ARG B 406 -34.88 -13.06 -42.72
N ALA B 407 -35.08 -11.75 -42.56
CA ALA B 407 -34.70 -11.08 -41.33
C ALA B 407 -35.53 -11.55 -40.15
N LYS B 408 -36.85 -11.61 -40.34
CA LYS B 408 -37.76 -12.16 -39.33
C LYS B 408 -37.39 -13.59 -38.95
N ARG B 409 -36.96 -14.39 -39.93
CA ARG B 409 -36.55 -15.76 -39.68
C ARG B 409 -35.29 -15.82 -38.84
N ILE B 410 -34.32 -14.95 -39.14
CA ILE B 410 -33.09 -14.92 -38.35
C ILE B 410 -33.39 -14.55 -36.91
N ASP B 411 -34.28 -13.59 -36.69
CA ASP B 411 -34.65 -13.22 -35.31
C ASP B 411 -35.36 -14.36 -34.59
N THR B 412 -36.31 -15.01 -35.27
CA THR B 412 -37.08 -16.10 -34.67
C THR B 412 -36.20 -17.30 -34.34
N VAL B 413 -35.31 -17.69 -35.25
CA VAL B 413 -34.38 -18.78 -34.98
C VAL B 413 -33.39 -18.40 -33.89
N SER B 414 -32.96 -17.14 -33.87
CA SER B 414 -31.93 -16.70 -32.94
C SER B 414 -32.39 -16.72 -31.50
N ARG B 415 -33.63 -16.29 -31.24
CA ARG B 415 -34.13 -16.25 -29.85
C ARG B 415 -34.16 -17.64 -29.23
N VAL B 416 -34.55 -18.66 -29.99
CA VAL B 416 -34.51 -20.03 -29.48
C VAL B 416 -33.06 -20.55 -29.41
N ALA B 417 -32.28 -20.31 -30.47
CA ALA B 417 -30.99 -20.97 -30.65
C ALA B 417 -29.94 -20.53 -29.66
N PHE B 418 -29.88 -19.24 -29.32
CA PHE B 418 -28.80 -18.74 -28.47
C PHE B 418 -28.79 -19.35 -27.06
N PRO B 419 -29.89 -19.40 -26.28
CA PRO B 419 -29.79 -20.03 -24.95
C PRO B 419 -29.52 -21.51 -24.98
N LEU B 420 -30.04 -22.25 -25.96
CA LEU B 420 -29.78 -23.67 -26.05
C LEU B 420 -28.29 -23.98 -26.25
N VAL B 421 -27.65 -23.23 -27.14
CA VAL B 421 -26.21 -23.38 -27.38
C VAL B 421 -25.42 -23.01 -26.14
N PHE B 422 -25.83 -21.92 -25.46
CA PHE B 422 -25.14 -21.53 -24.22
C PHE B 422 -25.30 -22.59 -23.13
N LEU B 423 -26.47 -23.22 -23.05
CA LEU B 423 -26.68 -24.30 -22.08
C LEU B 423 -25.78 -25.49 -22.36
N ILE B 424 -25.64 -25.84 -23.65
CA ILE B 424 -24.75 -26.95 -24.03
C ILE B 424 -23.30 -26.64 -23.67
N PHE B 425 -22.86 -25.40 -23.90
CA PHE B 425 -21.50 -25.03 -23.50
C PHE B 425 -21.34 -25.09 -21.98
N ASN B 426 -22.36 -24.62 -21.25
CA ASN B 426 -22.26 -24.54 -19.80
C ASN B 426 -22.11 -25.92 -19.18
N ILE B 427 -22.94 -26.88 -19.63
CA ILE B 427 -22.82 -28.23 -19.09
C ILE B 427 -21.52 -28.89 -19.52
N PHE B 428 -21.05 -28.63 -20.76
CA PHE B 428 -19.78 -29.20 -21.19
C PHE B 428 -18.61 -28.67 -20.36
N TYR B 429 -18.58 -27.36 -20.09
CA TYR B 429 -17.51 -26.75 -19.33
C TYR B 429 -17.51 -27.24 -17.89
N TRP B 430 -18.68 -27.31 -17.26
CA TRP B 430 -18.73 -27.75 -15.87
C TRP B 430 -18.34 -29.22 -15.74
N ILE B 431 -18.78 -30.06 -16.68
CA ILE B 431 -18.43 -31.48 -16.62
C ILE B 431 -16.93 -31.68 -16.81
N THR B 432 -16.32 -31.04 -17.81
CA THR B 432 -14.89 -31.20 -18.02
C THR B 432 -14.06 -30.67 -16.84
N TYR B 433 -14.40 -29.50 -16.31
CA TYR B 433 -13.62 -28.98 -15.19
C TYR B 433 -13.81 -29.82 -13.94
N LYS B 434 -15.01 -30.35 -13.71
CA LYS B 434 -15.22 -31.23 -12.55
C LYS B 434 -14.42 -32.52 -12.67
N ILE B 435 -14.39 -33.15 -13.85
CA ILE B 435 -13.55 -34.34 -13.98
C ILE B 435 -12.06 -34.01 -13.93
N ILE B 436 -11.63 -32.83 -14.41
CA ILE B 436 -10.22 -32.45 -14.27
C ILE B 436 -9.87 -32.22 -12.79
N ARG B 437 -10.78 -31.60 -12.02
CA ARG B 437 -10.60 -31.49 -10.58
C ARG B 437 -10.51 -32.85 -9.92
N SER B 438 -11.37 -33.78 -10.34
CA SER B 438 -11.31 -35.15 -9.83
C SER B 438 -9.99 -35.82 -10.19
N GLU B 439 -9.47 -35.56 -11.39
CA GLU B 439 -8.17 -36.09 -11.81
C GLU B 439 -7.03 -35.53 -10.97
N ASP B 440 -7.10 -34.24 -10.62
CA ASP B 440 -6.09 -33.65 -9.75
C ASP B 440 -6.13 -34.27 -8.37
N ILE B 441 -7.34 -34.50 -7.85
CA ILE B 441 -7.52 -35.21 -6.58
C ILE B 441 -7.03 -36.66 -6.70
N HIS B 442 -7.18 -37.26 -7.89
CA HIS B 442 -6.67 -38.60 -8.14
C HIS B 442 -5.15 -38.65 -8.07
N LYS B 443 -4.49 -37.60 -8.59
CA LYS B 443 -3.04 -37.60 -8.63
C LYS B 443 -2.44 -37.35 -7.25
N GLN B 444 -2.92 -36.30 -6.56
CA GLN B 444 -2.41 -35.81 -5.27
C GLN B 444 -0.90 -35.55 -5.30
N MET C 32 43.40 20.87 36.67
CA MET C 32 42.65 19.62 36.83
C MET C 32 42.34 19.00 35.48
N PRO C 33 42.76 17.74 35.28
CA PRO C 33 42.51 17.07 34.01
C PRO C 33 41.02 16.89 33.77
N PRO C 34 40.56 17.15 32.55
CA PRO C 34 39.13 17.01 32.25
C PRO C 34 38.60 15.59 32.39
N SER C 35 39.40 14.62 31.95
CA SER C 35 38.99 13.22 32.00
C SER C 35 38.74 12.74 33.41
N GLU C 36 39.61 13.10 34.34
CA GLU C 36 39.44 12.69 35.71
C GLU C 36 38.17 13.28 36.31
N PHE C 37 37.89 14.56 36.03
CA PHE C 37 36.69 15.21 36.54
C PHE C 37 35.40 14.60 36.03
N LEU C 38 35.34 14.35 34.71
CA LEU C 38 34.15 13.73 34.14
C LEU C 38 33.99 12.33 34.68
N ASP C 39 35.10 11.60 34.80
CA ASP C 39 35.04 10.26 35.35
C ASP C 39 34.59 10.32 36.81
N LYS C 40 35.06 11.32 37.57
CA LYS C 40 34.76 11.47 38.99
C LYS C 40 33.27 11.67 39.23
N LEU C 41 32.59 12.45 38.37
CA LEU C 41 31.16 12.66 38.56
C LEU C 41 30.40 11.34 38.45
N MET C 42 30.79 10.50 37.51
CA MET C 42 30.23 9.18 37.27
C MET C 42 30.99 8.13 38.06
N GLY C 43 32.02 8.55 38.80
CA GLY C 43 32.91 7.73 39.60
C GLY C 43 32.35 6.64 40.45
N LYS C 44 32.82 5.43 40.16
CA LYS C 44 32.44 4.24 40.90
C LYS C 44 32.80 4.41 42.36
N VAL C 45 33.92 5.11 42.62
CA VAL C 45 34.39 5.38 43.98
C VAL C 45 33.36 6.24 44.70
N SER C 46 32.81 7.23 44.00
CA SER C 46 31.79 8.10 44.54
C SER C 46 30.46 7.36 44.49
N GLY C 47 29.50 7.81 45.29
CA GLY C 47 28.20 7.18 45.32
C GLY C 47 27.20 8.00 44.53
N TYR C 48 26.61 7.36 43.52
CA TYR C 48 25.61 8.08 42.75
C TYR C 48 24.41 7.17 42.65
N ASP C 49 24.62 5.94 42.18
CA ASP C 49 23.57 4.92 42.06
C ASP C 49 22.38 5.46 41.24
N ALA C 50 22.61 5.61 39.93
CA ALA C 50 21.68 6.10 38.92
C ALA C 50 20.23 5.66 39.09
N ARG C 51 20.02 4.42 39.54
CA ARG C 51 18.68 3.90 39.80
C ARG C 51 17.90 4.78 40.77
N ILE C 52 18.55 5.31 41.80
CA ILE C 52 17.86 6.21 42.74
C ILE C 52 17.66 7.59 42.13
N ARG C 53 16.51 8.18 42.43
CA ARG C 53 16.13 9.51 42.01
C ARG C 53 16.82 10.54 42.92
N PRO C 54 16.96 11.79 42.48
CA PRO C 54 17.50 12.82 43.37
C PRO C 54 16.57 13.11 44.53
N ASN C 55 17.20 13.48 45.65
CA ASN C 55 16.58 13.82 46.96
C ASN C 55 15.50 12.80 47.35
N PHE C 56 15.93 11.55 47.40
CA PHE C 56 15.10 10.42 47.75
C PHE C 56 14.53 10.57 49.15
N LYS C 57 13.30 10.08 49.33
CA LYS C 57 12.51 10.24 50.57
C LYS C 57 12.34 11.70 50.93
N GLY C 58 12.06 12.52 49.93
CA GLY C 58 11.99 13.95 50.09
C GLY C 58 10.95 14.54 49.17
N PRO C 59 11.04 15.85 48.94
CA PRO C 59 10.11 16.50 48.02
C PRO C 59 10.28 16.00 46.60
N PRO C 60 9.22 16.01 45.80
CA PRO C 60 9.30 15.50 44.43
C PRO C 60 10.24 16.26 43.53
N VAL C 61 10.89 15.51 42.63
CA VAL C 61 11.67 16.10 41.55
C VAL C 61 10.75 16.85 40.60
N ASN C 62 11.09 18.09 40.30
CA ASN C 62 10.30 18.92 39.40
C ASN C 62 11.02 19.06 38.07
N VAL C 63 10.36 18.63 37.01
CA VAL C 63 10.93 18.65 35.67
C VAL C 63 10.18 19.69 34.87
N THR C 64 10.90 20.63 34.28
CA THR C 64 10.31 21.65 33.42
C THR C 64 10.71 21.35 31.99
N CYS C 65 9.75 21.11 31.12
CA CYS C 65 10.05 20.66 29.77
C CYS C 65 9.39 21.50 28.70
N ASN C 66 10.15 21.83 27.65
CA ASN C 66 9.68 22.55 26.48
C ASN C 66 10.09 21.80 25.23
N ILE C 67 9.19 21.71 24.25
CA ILE C 67 9.46 21.01 22.99
C ILE C 67 9.63 22.02 21.86
N PHE C 68 10.56 21.74 20.96
CA PHE C 68 10.74 22.49 19.73
C PHE C 68 10.27 21.60 18.58
N ILE C 69 9.34 22.09 17.77
CA ILE C 69 8.74 21.32 16.69
C ILE C 69 9.56 21.51 15.42
N ASN C 70 10.41 20.55 15.10
CA ASN C 70 11.22 20.66 13.89
C ASN C 70 10.38 20.49 12.62
N SER C 71 9.55 19.45 12.55
CA SER C 71 8.76 19.21 11.35
C SER C 71 7.38 18.72 11.76
N PHE C 72 6.36 19.19 11.05
CA PHE C 72 4.98 18.84 11.28
C PHE C 72 4.35 18.46 9.95
N GLY C 73 3.58 17.39 9.93
CA GLY C 73 2.91 17.03 8.69
C GLY C 73 2.39 15.61 8.74
N SER C 74 2.11 15.08 7.54
CA SER C 74 1.67 13.71 7.32
C SER C 74 0.35 13.41 8.02
N ILE C 75 -0.53 14.42 8.11
CA ILE C 75 -1.83 14.24 8.73
C ILE C 75 -2.69 13.35 7.84
N ALA C 76 -3.31 12.34 8.43
CA ALA C 76 -4.14 11.40 7.70
C ALA C 76 -5.49 11.29 8.39
N GLU C 77 -6.54 11.66 7.67
CA GLU C 77 -7.89 11.56 8.21
C GLU C 77 -8.31 10.12 8.44
N THR C 78 -8.00 9.23 7.49
CA THR C 78 -8.42 7.84 7.59
C THR C 78 -7.75 7.13 8.77
N THR C 79 -6.42 7.22 8.85
CA THR C 79 -5.68 6.61 9.94
C THR C 79 -5.90 7.35 11.26
N MET C 80 -6.28 8.64 11.19
CA MET C 80 -6.56 9.53 12.35
C MET C 80 -5.31 9.83 13.18
N ASP C 81 -4.17 9.97 12.51
CA ASP C 81 -2.91 10.31 13.17
C ASP C 81 -2.11 11.35 12.38
N TYR C 82 -1.22 12.02 13.08
CA TYR C 82 -0.30 12.99 12.49
C TYR C 82 1.11 12.71 13.01
N ARG C 83 2.11 12.98 12.18
CA ARG C 83 3.50 12.69 12.51
C ARG C 83 4.26 13.98 12.75
N VAL C 84 4.98 14.07 13.86
CA VAL C 84 5.79 15.23 14.20
C VAL C 84 7.19 14.78 14.57
N ASN C 85 8.16 15.67 14.34
CA ASN C 85 9.55 15.49 14.76
C ASN C 85 9.86 16.62 15.73
N ILE C 86 10.28 16.27 16.94
CA ILE C 86 10.42 17.26 18.01
C ILE C 86 11.75 17.11 18.72
N PHE C 87 12.24 18.23 19.25
CA PHE C 87 13.40 18.23 20.16
C PHE C 87 12.83 18.37 21.57
N LEU C 88 12.67 17.27 22.28
CA LEU C 88 12.21 17.34 23.66
C LEU C 88 13.35 17.76 24.58
N ARG C 89 13.13 18.81 25.38
CA ARG C 89 14.13 19.33 26.30
C ARG C 89 13.60 19.24 27.71
N GLN C 90 14.32 18.55 28.61
CA GLN C 90 13.91 18.37 29.99
C GLN C 90 14.94 18.97 30.93
N GLN C 91 14.50 19.81 31.85
CA GLN C 91 15.37 20.43 32.84
C GLN C 91 14.94 20.03 34.24
N TRP C 92 15.85 19.43 35.00
CA TRP C 92 15.61 19.06 36.38
C TRP C 92 16.88 19.28 37.17
N ASN C 93 16.74 19.42 38.49
CA ASN C 93 17.87 19.73 39.36
C ASN C 93 18.26 18.47 40.13
N ASP C 94 19.52 18.10 40.04
CA ASP C 94 20.08 16.98 40.78
C ASP C 94 21.14 17.53 41.72
N PRO C 95 21.00 17.38 43.05
CA PRO C 95 21.99 17.94 43.97
C PRO C 95 23.34 17.26 43.94
N ARG C 96 23.38 15.94 43.76
CA ARG C 96 24.64 15.20 43.75
C ARG C 96 25.58 15.66 42.64
N LEU C 97 25.03 16.02 41.48
CA LEU C 97 25.87 16.44 40.35
C LEU C 97 26.47 17.83 40.50
N ALA C 98 26.26 18.53 41.61
CA ALA C 98 26.84 19.85 41.80
C ALA C 98 28.36 19.77 41.87
N TYR C 99 29.03 20.69 41.19
CA TYR C 99 30.48 20.75 41.17
C TYR C 99 30.96 22.18 41.40
N SER C 100 32.04 22.31 42.15
CA SER C 100 32.64 23.62 42.42
C SER C 100 34.10 23.71 42.02
N GLU C 101 34.71 22.59 41.63
CA GLU C 101 36.11 22.57 41.25
C GLU C 101 36.41 23.41 40.01
N TYR C 102 35.49 23.41 39.04
CA TYR C 102 35.68 24.14 37.79
C TYR C 102 34.87 25.42 37.79
N PRO C 103 35.48 26.57 37.50
CA PRO C 103 34.73 27.83 37.47
C PRO C 103 33.67 27.87 36.38
N ASP C 104 33.98 27.37 35.18
CA ASP C 104 33.06 27.32 34.06
C ASP C 104 31.78 26.59 34.44
N ASP C 105 30.65 27.29 34.34
CA ASP C 105 29.37 26.71 34.73
C ASP C 105 28.68 25.91 33.63
N SER C 106 28.96 26.17 32.35
CA SER C 106 28.23 25.52 31.29
C SER C 106 28.55 24.04 31.22
N LEU C 107 29.80 23.70 30.91
CA LEU C 107 30.36 22.34 30.92
C LEU C 107 29.47 21.32 30.19
N ASP C 108 29.40 21.50 28.88
CA ASP C 108 28.67 20.58 28.03
C ASP C 108 29.42 19.25 27.99
N LEU C 109 28.66 18.14 27.95
CA LEU C 109 29.27 16.82 28.02
C LEU C 109 28.84 15.92 26.86
N ASP C 110 29.62 14.86 26.70
CA ASP C 110 29.39 13.87 25.66
C ASP C 110 28.07 13.14 25.90
N PRO C 111 27.27 12.91 24.85
CA PRO C 111 25.98 12.23 25.03
C PRO C 111 26.08 10.76 25.39
N SER C 112 27.21 10.10 25.16
CA SER C 112 27.31 8.67 25.46
C SER C 112 27.20 8.38 26.94
N MET C 113 27.77 9.25 27.79
CA MET C 113 27.74 9.07 29.23
C MET C 113 26.45 9.63 29.83
N LEU C 114 25.33 9.21 29.26
CA LEU C 114 23.98 9.51 29.68
C LEU C 114 23.31 8.31 30.29
N ASP C 115 24.01 7.19 30.38
CA ASP C 115 23.56 5.99 31.06
C ASP C 115 23.15 6.24 32.50
N SER C 116 23.87 7.10 33.20
CA SER C 116 23.70 7.26 34.64
C SER C 116 23.54 8.73 35.05
N ILE C 117 22.59 9.44 34.46
CA ILE C 117 22.32 10.79 34.93
C ILE C 117 20.87 10.84 35.42
N TRP C 118 20.33 9.70 35.83
CA TRP C 118 18.91 9.56 36.20
C TRP C 118 17.97 10.24 35.20
N LYS C 119 17.94 9.73 34.01
CA LYS C 119 16.95 10.20 33.05
C LYS C 119 15.53 10.00 33.59
N PRO C 120 14.72 11.06 33.70
CA PRO C 120 13.35 10.88 34.18
C PRO C 120 12.51 10.17 33.15
N ASP C 121 11.76 9.17 33.58
CA ASP C 121 10.88 8.46 32.66
C ASP C 121 9.75 9.35 32.19
N LEU C 122 9.57 9.36 30.88
CA LEU C 122 8.54 10.11 30.21
C LEU C 122 8.07 9.26 29.06
N PHE C 123 6.80 9.35 28.74
CA PHE C 123 6.28 8.67 27.56
C PHE C 123 5.09 9.45 27.08
N PHE C 124 4.72 9.23 25.84
CA PHE C 124 3.61 9.96 25.27
C PHE C 124 2.39 9.06 25.35
N ALA C 125 1.32 9.59 25.95
CA ALA C 125 0.12 8.80 26.26
C ALA C 125 -0.55 8.27 25.01
N ASN C 126 -0.62 9.08 23.97
CA ASN C 126 -1.21 8.65 22.70
C ASN C 126 -0.10 8.63 21.65
N GLU C 127 0.48 7.46 21.40
CA GLU C 127 1.55 7.43 20.45
C GLU C 127 1.55 6.11 19.71
N LYS C 128 2.27 6.12 18.60
CA LYS C 128 2.68 4.95 17.85
C LYS C 128 4.11 5.24 17.41
N GLY C 129 4.89 4.20 17.17
CA GLY C 129 6.25 4.44 16.76
C GLY C 129 7.17 5.00 17.83
N ALA C 130 7.44 6.31 17.73
CA ALA C 130 8.28 7.07 18.66
C ALA C 130 9.73 6.61 18.61
N ASN C 131 10.26 6.41 17.42
CA ASN C 131 11.64 5.99 17.26
C ASN C 131 12.64 7.10 17.59
N PHE C 132 13.84 6.71 17.96
CA PHE C 132 14.96 7.58 18.22
C PHE C 132 15.80 7.70 16.95
N HIS C 133 16.66 8.70 16.90
CA HIS C 133 17.52 8.94 15.73
C HIS C 133 18.96 8.56 16.05
N GLU C 134 19.45 7.51 15.40
CA GLU C 134 20.79 6.98 15.63
C GLU C 134 21.79 7.35 14.53
N VAL C 135 21.54 8.38 13.73
CA VAL C 135 22.38 8.59 12.55
C VAL C 135 23.65 9.33 12.94
N THR C 136 24.78 8.73 12.54
CA THR C 136 26.19 9.06 12.78
C THR C 136 26.48 8.83 14.26
N THR C 137 25.80 9.57 15.13
CA THR C 137 25.89 9.43 16.58
C THR C 137 24.50 9.71 17.12
N ASP C 138 24.23 9.22 18.33
CA ASP C 138 22.92 9.40 18.95
C ASP C 138 22.63 10.89 19.06
N ASN C 139 21.40 11.29 18.74
CA ASN C 139 21.01 12.69 18.80
C ASN C 139 20.57 13.03 20.21
N LYS C 140 21.52 13.43 21.05
CA LYS C 140 21.25 13.77 22.44
C LYS C 140 22.18 14.91 22.84
N LEU C 141 21.80 15.62 23.90
CA LEU C 141 22.60 16.74 24.40
C LEU C 141 22.53 16.80 25.92
N LEU C 142 23.60 16.42 26.59
CA LEU C 142 23.66 16.49 28.04
C LEU C 142 24.47 17.71 28.46
N ARG C 143 23.87 18.58 29.27
CA ARG C 143 24.56 19.76 29.77
C ARG C 143 24.29 19.90 31.26
N ILE C 144 25.35 19.87 32.06
CA ILE C 144 25.23 19.95 33.51
C ILE C 144 25.74 21.29 34.00
N SER C 145 24.87 22.04 34.67
CA SER C 145 25.21 23.33 35.25
C SER C 145 25.96 23.16 36.55
N LYS C 146 26.52 24.26 37.04
CA LYS C 146 27.30 24.26 38.28
C LYS C 146 26.45 23.93 39.50
N ASN C 147 25.22 24.45 39.56
CA ASN C 147 24.34 24.18 40.70
C ASN C 147 23.73 22.79 40.69
N GLY C 148 23.88 22.04 39.60
CA GLY C 148 23.29 20.72 39.48
C GLY C 148 22.13 20.65 38.52
N ASN C 149 21.77 21.74 37.88
CA ASN C 149 20.74 21.74 36.85
C ASN C 149 21.21 20.95 35.65
N VAL C 150 20.34 20.08 35.14
CA VAL C 150 20.67 19.19 34.03
C VAL C 150 19.76 19.52 32.86
N LEU C 151 20.35 19.76 31.70
CA LEU C 151 19.59 20.00 30.47
C LEU C 151 19.75 18.76 29.59
N TYR C 152 18.63 18.15 29.24
CA TYR C 152 18.60 16.92 28.48
C TYR C 152 17.75 17.15 27.24
N SER C 153 18.35 16.99 26.05
CA SER C 153 17.65 17.28 24.80
C SER C 153 17.74 16.10 23.86
N ILE C 154 16.60 15.52 23.49
CA ILE C 154 16.52 14.39 22.57
C ILE C 154 15.60 14.68 21.40
N ARG C 155 15.98 14.19 20.22
CA ARG C 155 15.22 14.35 18.97
C ARG C 155 14.46 13.06 18.71
N ILE C 156 13.13 13.16 18.50
CA ILE C 156 12.29 11.98 18.34
C ILE C 156 11.17 12.28 17.34
N THR C 157 10.79 11.30 16.52
CA THR C 157 9.64 11.41 15.61
C THR C 157 8.48 10.65 16.23
N LEU C 158 7.33 11.29 16.33
CA LEU C 158 6.18 10.75 17.03
C LEU C 158 5.01 10.57 16.07
N VAL C 159 4.50 9.35 15.98
CA VAL C 159 3.24 9.11 15.27
C VAL C 159 2.13 9.27 16.30
N LEU C 160 1.73 10.52 16.51
CA LEU C 160 0.68 10.88 17.46
C LEU C 160 -0.69 10.67 16.85
N ALA C 161 -1.57 9.97 17.55
CA ALA C 161 -2.92 9.72 17.06
C ALA C 161 -3.93 10.57 17.81
N CYS C 162 -4.66 11.42 17.08
CA CYS C 162 -5.66 12.29 17.67
C CYS C 162 -7.01 12.12 16.97
N PRO C 163 -8.09 11.93 17.72
CA PRO C 163 -9.41 11.82 17.10
C PRO C 163 -9.79 13.16 16.49
N MET C 164 -10.39 13.13 15.30
CA MET C 164 -10.76 14.37 14.63
C MET C 164 -12.23 14.38 14.25
N ASP C 165 -12.95 15.37 14.75
CA ASP C 165 -14.37 15.52 14.45
C ASP C 165 -14.54 15.98 13.01
N LEU C 166 -15.30 15.23 12.22
CA LEU C 166 -15.50 15.53 10.82
C LEU C 166 -16.96 15.89 10.56
N LYS C 167 -17.55 16.65 11.48
CA LYS C 167 -18.91 17.16 11.30
C LYS C 167 -18.99 18.04 10.06
N ASN C 168 -18.16 19.06 9.99
CA ASN C 168 -18.08 19.87 8.79
C ASN C 168 -16.80 19.44 8.08
N PHE C 169 -16.86 18.51 7.12
CA PHE C 169 -15.60 18.08 6.50
C PHE C 169 -14.92 19.17 5.68
N PRO C 170 -15.59 19.85 4.66
CA PRO C 170 -14.95 20.93 3.90
C PRO C 170 -14.16 21.95 4.72
N MET C 171 -14.83 22.70 5.58
CA MET C 171 -14.12 23.66 6.42
C MET C 171 -14.34 23.30 7.88
N ASP C 172 -13.23 23.09 8.60
CA ASP C 172 -13.24 22.72 10.00
C ASP C 172 -11.92 23.05 10.67
N VAL C 173 -11.97 23.04 11.99
CA VAL C 173 -10.81 23.30 12.83
C VAL C 173 -10.61 22.06 13.68
N GLN C 174 -9.44 21.45 13.56
CA GLN C 174 -9.10 20.23 14.28
C GLN C 174 -8.06 20.54 15.34
N THR C 175 -8.27 20.01 16.55
CA THR C 175 -7.33 20.20 17.64
C THR C 175 -6.54 18.91 17.81
N CYS C 176 -5.23 19.01 17.67
CA CYS C 176 -4.31 17.88 17.83
C CYS C 176 -3.57 18.00 19.16
N ILE C 177 -3.67 16.97 19.98
CA ILE C 177 -3.22 17.02 21.36
C ILE C 177 -2.10 16.01 21.58
N MET C 178 -1.01 16.45 22.20
CA MET C 178 0.09 15.57 22.60
C MET C 178 0.21 15.58 24.12
N GLN C 179 0.17 14.39 24.74
CA GLN C 179 0.26 14.28 26.19
C GLN C 179 1.61 13.69 26.60
N LEU C 180 2.28 14.36 27.53
CA LEU C 180 3.53 13.87 28.12
C LEU C 180 3.24 13.42 29.55
N GLU C 181 3.35 12.12 29.80
CA GLU C 181 2.93 11.57 31.09
C GLU C 181 4.02 10.67 31.67
N SER C 182 4.21 10.74 32.98
CA SER C 182 5.14 9.85 33.66
C SER C 182 4.59 8.43 33.78
N PHE C 183 5.50 7.46 33.69
CA PHE C 183 5.19 6.04 33.84
C PHE C 183 6.05 5.50 34.97
N GLY C 184 5.42 4.95 35.99
CA GLY C 184 6.15 4.35 37.07
C GLY C 184 6.55 5.26 38.21
N TYR C 185 6.31 6.56 38.13
CA TYR C 185 6.54 7.43 39.27
C TYR C 185 5.26 8.21 39.54
N THR C 186 4.78 8.13 40.77
CA THR C 186 3.53 8.78 41.11
C THR C 186 3.71 10.29 41.21
N MET C 187 2.59 10.99 41.34
CA MET C 187 2.57 12.46 41.39
C MET C 187 3.34 12.99 42.58
N ASN C 188 3.22 12.33 43.73
CA ASN C 188 4.01 12.71 44.89
C ASN C 188 5.49 12.48 44.63
N ASP C 189 5.83 11.46 43.85
CA ASP C 189 7.23 11.17 43.56
C ASP C 189 7.82 12.12 42.52
N LEU C 190 7.13 12.34 41.40
CA LEU C 190 7.63 13.15 40.28
C LEU C 190 6.54 14.07 39.76
N ILE C 191 6.91 15.30 39.42
CA ILE C 191 5.97 16.29 38.87
C ILE C 191 6.50 16.84 37.55
N PHE C 192 5.62 16.99 36.57
CA PHE C 192 5.95 17.55 35.26
C PHE C 192 5.33 18.94 35.14
N GLU C 193 6.12 19.92 34.75
CA GLU C 193 5.62 21.27 34.61
C GLU C 193 6.03 21.84 33.26
N TRP C 194 5.15 22.66 32.69
CA TRP C 194 5.46 23.30 31.42
C TRP C 194 6.39 24.46 31.68
N ASP C 195 7.33 24.66 30.77
CA ASP C 195 8.28 25.77 30.85
C ASP C 195 7.56 27.10 30.90
N GLU C 196 8.02 27.96 31.82
CA GLU C 196 7.46 29.31 31.99
C GLU C 196 7.46 30.11 30.69
N LYS C 197 8.59 30.14 29.98
CA LYS C 197 8.70 30.88 28.73
C LYS C 197 8.96 29.89 27.59
N GLY C 198 8.29 30.11 26.46
CA GLY C 198 8.46 29.32 25.27
C GLY C 198 8.30 27.81 25.40
N ALA C 199 7.16 27.37 25.93
CA ALA C 199 6.92 25.94 26.09
C ALA C 199 6.88 25.21 24.77
N VAL C 200 6.26 25.79 23.75
CA VAL C 200 6.20 25.16 22.44
C VAL C 200 6.77 26.14 21.44
N GLN C 201 7.78 25.71 20.70
CA GLN C 201 8.46 26.52 19.71
C GLN C 201 8.34 25.84 18.36
N VAL C 202 7.93 26.60 17.36
CA VAL C 202 7.77 26.09 16.01
C VAL C 202 8.92 26.63 15.16
N ALA C 203 9.52 25.76 14.36
CA ALA C 203 10.61 26.16 13.48
C ALA C 203 10.14 27.18 12.46
N ASP C 204 10.95 28.21 12.25
CA ASP C 204 10.60 29.27 11.32
C ASP C 204 10.56 28.76 9.89
N GLY C 205 9.54 29.18 9.15
CA GLY C 205 9.37 28.72 7.80
C GLY C 205 8.68 27.38 7.67
N LEU C 206 8.33 26.73 8.78
CA LEU C 206 7.60 25.47 8.70
C LEU C 206 6.19 25.75 8.21
N THR C 207 5.73 24.95 7.25
CA THR C 207 4.43 25.14 6.66
C THR C 207 3.80 23.78 6.46
N LEU C 208 2.47 23.79 6.42
CA LEU C 208 1.67 22.62 6.22
C LEU C 208 0.93 22.79 4.89
N PRO C 209 1.03 21.84 3.97
CA PRO C 209 0.38 22.02 2.66
C PRO C 209 -1.14 22.06 2.74
N GLN C 210 -1.75 21.18 3.52
CA GLN C 210 -3.18 21.07 3.59
C GLN C 210 -3.81 21.81 4.77
N PHE C 211 -3.01 22.38 5.67
CA PHE C 211 -3.54 22.94 6.91
C PHE C 211 -2.81 24.23 7.25
N ILE C 212 -3.41 25.00 8.14
CA ILE C 212 -2.79 26.20 8.71
C ILE C 212 -2.67 26.03 10.21
N LEU C 213 -1.49 26.27 10.76
CA LEU C 213 -1.24 26.12 12.19
C LEU C 213 -1.44 27.45 12.90
N LYS C 214 -2.33 27.46 13.89
CA LYS C 214 -2.61 28.65 14.68
C LYS C 214 -1.45 28.94 15.63
N GLU C 215 -1.12 30.22 15.77
CA GLU C 215 -0.03 30.64 16.64
C GLU C 215 -0.32 30.39 18.11
N GLU C 216 -1.54 30.69 18.56
CA GLU C 216 -1.91 30.48 19.95
C GLU C 216 -1.93 28.99 20.28
N LYS C 217 -1.49 28.65 21.50
CA LYS C 217 -1.33 27.26 21.92
C LYS C 217 -1.93 27.11 23.30
N ASP C 218 -2.53 25.95 23.55
CA ASP C 218 -3.11 25.66 24.85
C ASP C 218 -2.16 24.78 25.65
N LEU C 219 -1.66 25.29 26.75
CA LEU C 219 -0.82 24.53 27.66
C LEU C 219 -1.64 24.26 28.91
N ARG C 220 -2.11 23.04 29.06
CA ARG C 220 -2.93 22.67 30.21
C ARG C 220 -2.52 21.30 30.68
N TYR C 221 -2.44 21.12 31.99
CA TYR C 221 -2.07 19.82 32.55
C TYR C 221 -3.26 19.09 33.13
N CYS C 222 -3.40 17.82 32.75
CA CYS C 222 -4.41 16.93 33.26
C CYS C 222 -3.71 15.76 33.94
N THR C 223 -4.14 15.42 35.15
CA THR C 223 -3.50 14.36 35.92
C THR C 223 -4.18 13.03 35.64
N LYS C 224 -3.41 12.06 35.15
CA LYS C 224 -3.94 10.74 34.90
C LYS C 224 -4.19 10.01 36.21
N HIS C 225 -5.36 9.38 36.33
CA HIS C 225 -5.72 8.62 37.52
C HIS C 225 -5.92 7.16 37.12
N TYR C 226 -5.25 6.27 37.82
CA TYR C 226 -5.32 4.84 37.58
C TYR C 226 -5.53 4.14 38.92
N ASN C 227 -5.76 2.83 38.87
CA ASN C 227 -5.88 2.09 40.12
C ASN C 227 -4.54 1.99 40.83
N THR C 228 -3.45 2.00 40.05
CA THR C 228 -2.11 1.99 40.61
C THR C 228 -1.83 3.28 41.39
N GLY C 229 -2.27 4.42 40.86
CA GLY C 229 -2.04 5.69 41.51
C GLY C 229 -2.20 6.84 40.53
N LYS C 230 -1.86 8.04 40.99
CA LYS C 230 -1.97 9.24 40.17
C LYS C 230 -0.61 9.61 39.61
N PHE C 231 -0.55 9.79 38.30
CA PHE C 231 0.68 10.09 37.59
C PHE C 231 0.56 11.44 36.90
N THR C 232 1.59 12.27 37.05
CA THR C 232 1.58 13.59 36.43
C THR C 232 1.58 13.51 34.91
N CYS C 233 0.78 14.36 34.29
CA CYS C 233 0.73 14.48 32.84
C CYS C 233 0.48 15.93 32.48
N ILE C 234 1.03 16.35 31.34
CA ILE C 234 0.85 17.68 30.80
C ILE C 234 0.56 17.53 29.31
N GLU C 235 -0.25 18.43 28.77
CA GLU C 235 -0.62 18.30 27.37
C GLU C 235 -0.68 19.65 26.68
N ALA C 236 -0.38 19.63 25.38
CA ALA C 236 -0.39 20.80 24.52
C ALA C 236 -1.36 20.56 23.38
N ARG C 237 -2.14 21.57 23.04
CA ARG C 237 -3.15 21.49 21.98
C ARG C 237 -2.76 22.37 20.82
N PHE C 238 -2.73 21.79 19.63
CA PHE C 238 -2.41 22.53 18.42
C PHE C 238 -3.68 22.68 17.59
N HIS C 239 -4.20 23.91 17.49
CA HIS C 239 -5.33 24.13 16.61
C HIS C 239 -4.89 24.10 15.15
N LEU C 240 -5.59 23.33 14.34
CA LEU C 240 -5.29 23.18 12.93
C LEU C 240 -6.49 23.65 12.12
N GLU C 241 -6.26 24.52 11.16
CA GLU C 241 -7.32 25.01 10.28
C GLU C 241 -7.11 24.46 8.88
N ARG C 242 -8.13 23.82 8.33
CA ARG C 242 -8.01 23.21 7.01
C ARG C 242 -8.28 24.25 5.93
N GLN C 243 -7.32 24.43 5.03
CA GLN C 243 -7.47 25.35 3.91
C GLN C 243 -8.51 24.86 2.93
N MET C 244 -9.33 25.79 2.44
CA MET C 244 -10.45 25.48 1.57
C MET C 244 -10.13 25.69 0.10
N GLY C 245 -8.88 25.95 -0.23
CA GLY C 245 -8.53 26.20 -1.62
C GLY C 245 -8.66 24.98 -2.51
N TYR C 246 -8.18 23.83 -2.04
CA TYR C 246 -8.22 22.63 -2.86
C TYR C 246 -9.64 22.12 -3.05
N TYR C 247 -10.41 22.06 -1.97
CA TYR C 247 -11.74 21.47 -2.00
C TYR C 247 -12.69 22.26 -2.88
N LEU C 248 -12.50 23.57 -2.93
CA LEU C 248 -13.30 24.42 -3.80
C LEU C 248 -13.08 24.05 -5.26
N ILE C 249 -11.82 23.89 -5.66
CA ILE C 249 -11.51 23.55 -7.06
C ILE C 249 -11.87 22.10 -7.35
N GLN C 250 -11.49 21.17 -6.46
CA GLN C 250 -11.67 19.75 -6.73
C GLN C 250 -13.12 19.31 -6.68
N MET C 251 -13.90 19.80 -5.71
CA MET C 251 -15.23 19.25 -5.47
C MET C 251 -16.36 20.22 -5.77
N TYR C 252 -16.27 21.46 -5.32
CA TYR C 252 -17.39 22.38 -5.47
C TYR C 252 -17.59 22.83 -6.91
N ILE C 253 -16.52 23.17 -7.62
CA ILE C 253 -16.62 23.62 -9.01
C ILE C 253 -17.13 22.53 -9.96
N PRO C 254 -16.66 21.25 -9.94
CA PRO C 254 -17.29 20.24 -10.83
C PRO C 254 -18.78 20.00 -10.63
N SER C 255 -19.24 19.92 -9.38
CA SER C 255 -20.66 19.72 -9.11
C SER C 255 -21.51 20.83 -9.70
N LEU C 256 -21.00 22.06 -9.62
CA LEU C 256 -21.65 23.21 -10.25
C LEU C 256 -21.75 23.05 -11.76
N LEU C 257 -20.70 22.49 -12.38
CA LEU C 257 -20.70 22.22 -13.82
C LEU C 257 -21.77 21.20 -14.20
N ILE C 258 -21.92 20.15 -13.39
CA ILE C 258 -22.93 19.14 -13.68
C ILE C 258 -24.34 19.72 -13.57
N VAL C 259 -24.57 20.55 -12.55
CA VAL C 259 -25.88 21.19 -12.40
C VAL C 259 -26.18 22.13 -13.57
N ILE C 260 -25.17 22.87 -14.03
CA ILE C 260 -25.36 23.75 -15.19
C ILE C 260 -25.67 22.95 -16.46
N LEU C 261 -25.05 21.78 -16.61
CA LEU C 261 -25.35 20.89 -17.73
C LEU C 261 -26.81 20.41 -17.71
N SER C 262 -27.29 20.07 -16.52
CA SER C 262 -28.70 19.71 -16.38
C SER C 262 -29.62 20.89 -16.71
N TRP C 263 -29.21 22.11 -16.40
CA TRP C 263 -30.00 23.27 -16.81
C TRP C 263 -30.01 23.44 -18.31
N VAL C 264 -28.89 23.11 -18.97
CA VAL C 264 -28.78 23.20 -20.44
C VAL C 264 -29.81 22.30 -21.09
N SER C 265 -30.08 21.15 -20.48
CA SER C 265 -31.12 20.22 -20.98
C SER C 265 -32.50 20.82 -21.23
N PHE C 266 -32.85 21.96 -20.62
CA PHE C 266 -34.19 22.52 -20.82
C PHE C 266 -34.36 23.14 -22.19
N TRP C 267 -33.31 23.76 -22.72
CA TRP C 267 -33.39 24.45 -24.01
C TRP C 267 -33.59 23.48 -25.18
N ILE C 268 -33.14 22.23 -25.04
CA ILE C 268 -33.33 21.21 -26.07
C ILE C 268 -34.82 20.93 -26.28
N ASN C 269 -35.17 20.58 -27.52
CA ASN C 269 -36.57 20.36 -27.92
C ASN C 269 -37.20 19.22 -27.14
N MET C 270 -38.46 19.43 -26.75
CA MET C 270 -39.23 18.41 -26.03
C MET C 270 -39.47 17.17 -26.87
N ASP C 271 -39.60 17.35 -28.19
CA ASP C 271 -39.79 16.22 -29.10
C ASP C 271 -38.61 15.25 -29.08
N ALA C 272 -37.40 15.77 -28.91
CA ALA C 272 -36.18 14.95 -28.92
C ALA C 272 -36.04 14.23 -27.58
N ALA C 273 -36.83 13.17 -27.43
CA ALA C 273 -36.82 12.40 -26.19
C ALA C 273 -35.50 11.69 -25.87
N PRO C 274 -34.78 11.01 -26.81
CA PRO C 274 -33.51 10.40 -26.41
C PRO C 274 -32.46 11.39 -25.94
N ALA C 275 -32.38 12.56 -26.56
CA ALA C 275 -31.38 13.56 -26.19
C ALA C 275 -31.59 14.07 -24.77
N ARG C 276 -32.82 14.49 -24.45
CA ARG C 276 -33.11 15.02 -23.13
C ARG C 276 -33.04 13.94 -22.04
N VAL C 277 -33.55 12.75 -22.35
CA VAL C 277 -33.50 11.65 -21.39
C VAL C 277 -32.06 11.25 -21.09
N GLY C 278 -31.28 10.96 -22.15
CA GLY C 278 -29.87 10.65 -21.99
C GLY C 278 -29.07 11.71 -21.26
N LEU C 279 -29.38 12.98 -21.52
CA LEU C 279 -28.66 14.06 -20.84
C LEU C 279 -28.96 14.06 -19.35
N GLY C 280 -30.24 13.93 -18.97
CA GLY C 280 -30.59 13.84 -17.56
C GLY C 280 -29.99 12.64 -16.85
N ILE C 281 -29.99 11.48 -17.54
CA ILE C 281 -29.41 10.26 -16.99
C ILE C 281 -27.92 10.42 -16.75
N THR C 282 -27.21 10.93 -17.76
CA THR C 282 -25.77 11.10 -17.66
C THR C 282 -25.38 12.05 -16.54
N THR C 283 -26.08 13.18 -16.40
CA THR C 283 -25.79 14.08 -15.30
C THR C 283 -26.06 13.45 -13.93
N VAL C 284 -27.16 12.70 -13.78
CA VAL C 284 -27.45 12.05 -12.50
C VAL C 284 -26.38 11.00 -12.18
N LEU C 285 -25.98 10.21 -13.17
CA LEU C 285 -24.94 9.22 -12.99
C LEU C 285 -23.60 9.85 -12.66
N THR C 286 -23.27 10.95 -13.32
CA THR C 286 -22.01 11.65 -13.08
C THR C 286 -21.98 12.22 -11.67
N MET C 287 -23.10 12.76 -11.22
CA MET C 287 -23.18 13.28 -9.87
C MET C 287 -23.02 12.17 -8.85
N THR C 288 -23.60 11.00 -9.12
CA THR C 288 -23.48 9.85 -8.22
C THR C 288 -22.05 9.36 -8.12
N THR C 289 -21.37 9.19 -9.25
CA THR C 289 -19.98 8.70 -9.19
C THR C 289 -19.05 9.74 -8.60
N GLN C 290 -19.29 11.03 -8.84
CA GLN C 290 -18.46 12.06 -8.24
C GLN C 290 -18.62 12.09 -6.72
N SER C 291 -19.87 11.98 -6.24
CA SER C 291 -20.14 11.95 -4.81
C SER C 291 -19.51 10.74 -4.14
N SER C 292 -19.62 9.57 -4.77
CA SER C 292 -19.01 8.37 -4.21
C SER C 292 -17.49 8.46 -4.21
N GLY C 293 -16.90 8.96 -5.30
CA GLY C 293 -15.46 9.04 -5.40
C GLY C 293 -14.81 10.02 -4.45
N SER C 294 -15.49 11.16 -4.19
CA SER C 294 -14.91 12.21 -3.35
C SER C 294 -14.66 11.72 -1.93
N ARG C 295 -15.64 11.06 -1.33
CA ARG C 295 -15.56 10.65 0.07
C ARG C 295 -14.79 9.37 0.29
N ALA C 296 -14.09 8.86 -0.73
CA ALA C 296 -13.33 7.62 -0.57
C ALA C 296 -12.17 7.78 0.40
N SER C 297 -11.47 8.91 0.34
CA SER C 297 -10.33 9.14 1.24
C SER C 297 -10.76 9.79 2.55
N LEU C 298 -11.59 9.06 3.30
CA LEU C 298 -12.15 9.58 4.53
C LEU C 298 -12.49 8.40 5.42
N PRO C 299 -12.49 8.57 6.74
CA PRO C 299 -12.89 7.47 7.61
C PRO C 299 -14.39 7.23 7.52
N LYS C 300 -14.79 6.04 7.99
CA LYS C 300 -16.16 5.57 7.84
C LYS C 300 -17.04 6.04 8.99
N VAL C 301 -17.13 7.35 9.17
CA VAL C 301 -17.92 7.91 10.26
C VAL C 301 -19.40 7.84 9.93
N SER C 302 -20.21 7.65 10.98
CA SER C 302 -21.65 7.47 10.86
C SER C 302 -22.46 8.76 10.81
N TYR C 303 -21.86 9.92 11.00
CA TYR C 303 -22.61 11.17 11.06
C TYR C 303 -22.51 11.95 9.76
N VAL C 304 -23.57 12.70 9.45
CA VAL C 304 -23.67 13.48 8.22
C VAL C 304 -22.65 14.62 8.25
N LYS C 305 -22.04 14.89 7.09
CA LYS C 305 -21.06 15.94 6.91
C LYS C 305 -21.62 17.03 5.99
N ALA C 306 -20.95 18.19 6.00
CA ALA C 306 -21.29 19.29 5.11
C ALA C 306 -21.22 18.88 3.64
N ILE C 307 -20.20 18.11 3.28
CA ILE C 307 -20.04 17.67 1.91
C ILE C 307 -21.20 16.76 1.49
N ASP C 308 -21.72 15.97 2.43
CA ASP C 308 -22.91 15.15 2.16
C ASP C 308 -24.12 15.99 1.86
N ILE C 309 -24.31 17.09 2.58
CA ILE C 309 -25.43 17.98 2.34
C ILE C 309 -25.33 18.62 0.97
N TRP C 310 -24.12 19.07 0.60
CA TRP C 310 -23.93 19.69 -0.71
C TRP C 310 -24.17 18.71 -1.84
N MET C 311 -23.61 17.48 -1.72
CA MET C 311 -23.81 16.46 -2.73
C MET C 311 -25.27 16.05 -2.82
N ALA C 312 -25.95 15.97 -1.69
CA ALA C 312 -27.36 15.60 -1.66
C ALA C 312 -28.23 16.61 -2.38
N VAL C 313 -27.98 17.91 -2.14
CA VAL C 313 -28.81 18.93 -2.76
C VAL C 313 -28.54 19.01 -4.25
N CYS C 314 -27.27 19.02 -4.66
CA CYS C 314 -26.96 19.06 -6.09
C CYS C 314 -27.50 17.85 -6.84
N LEU C 315 -27.40 16.66 -6.25
CA LEU C 315 -27.98 15.47 -6.87
C LEU C 315 -29.50 15.54 -6.90
N LEU C 316 -30.12 16.16 -5.90
CA LEU C 316 -31.55 16.38 -5.94
C LEU C 316 -31.95 17.32 -7.07
N PHE C 317 -31.12 18.33 -7.34
CA PHE C 317 -31.39 19.24 -8.45
C PHE C 317 -31.36 18.53 -9.80
N VAL C 318 -30.33 17.71 -10.04
CA VAL C 318 -30.26 17.02 -11.33
C VAL C 318 -31.37 15.96 -11.46
N PHE C 319 -31.71 15.29 -10.36
CA PHE C 319 -32.82 14.33 -10.36
C PHE C 319 -34.15 15.04 -10.62
N SER C 320 -34.34 16.23 -10.05
CA SER C 320 -35.54 17.01 -10.29
C SER C 320 -35.64 17.45 -11.73
N ALA C 321 -34.51 17.77 -12.37
CA ALA C 321 -34.55 18.13 -13.79
C ALA C 321 -35.01 16.96 -14.66
N LEU C 322 -34.53 15.75 -14.34
CA LEU C 322 -34.99 14.57 -15.09
C LEU C 322 -36.49 14.30 -14.85
N LEU C 323 -36.96 14.49 -13.62
CA LEU C 323 -38.39 14.35 -13.34
C LEU C 323 -39.21 15.39 -14.09
N GLU C 324 -38.68 16.61 -14.23
CA GLU C 324 -39.37 17.65 -14.97
C GLU C 324 -39.55 17.25 -16.43
N TYR C 325 -38.50 16.68 -17.05
CA TYR C 325 -38.68 16.23 -18.42
C TYR C 325 -39.68 15.07 -18.51
N ALA C 326 -39.68 14.17 -17.52
CA ALA C 326 -40.65 13.08 -17.52
C ALA C 326 -42.09 13.60 -17.46
N ALA C 327 -42.31 14.65 -16.66
CA ALA C 327 -43.62 15.29 -16.60
C ALA C 327 -44.01 15.94 -17.94
N VAL C 328 -43.07 16.63 -18.58
CA VAL C 328 -43.34 17.27 -19.87
C VAL C 328 -43.70 16.23 -20.93
N ASN C 329 -42.94 15.15 -20.98
CA ASN C 329 -43.17 14.08 -21.95
C ASN C 329 -44.52 13.41 -21.69
N PHE C 330 -44.89 13.22 -20.42
CA PHE C 330 -46.19 12.63 -20.11
C PHE C 330 -47.35 13.53 -20.52
N ILE C 331 -47.21 14.85 -20.32
CA ILE C 331 -48.26 15.77 -20.76
C ILE C 331 -48.42 15.77 -22.27
N ALA C 332 -47.30 15.77 -23.00
CA ALA C 332 -47.36 15.65 -24.46
C ALA C 332 -47.94 14.31 -24.90
N ARG C 333 -47.65 13.23 -24.15
CA ARG C 333 -48.23 11.92 -24.42
C ARG C 333 -49.73 11.95 -24.30
N GLN C 334 -50.25 12.61 -23.26
CA GLN C 334 -51.69 12.73 -23.09
C GLN C 334 -52.30 13.55 -24.23
N HIS C 335 -51.57 14.58 -24.69
CA HIS C 335 -51.98 15.33 -25.88
C HIS C 335 -52.11 14.42 -27.10
N LYS C 336 -51.11 13.58 -27.34
CA LYS C 336 -51.12 12.67 -28.50
C LYS C 336 -52.12 11.55 -28.33
N GLU C 337 -52.43 11.19 -27.09
CA GLU C 337 -53.48 10.23 -26.79
C GLU C 337 -54.84 10.78 -27.16
N LEU C 338 -55.13 12.01 -26.73
CA LEU C 338 -56.36 12.68 -27.16
C LEU C 338 -56.36 12.98 -28.66
N LEU C 339 -55.18 13.24 -29.24
CA LEU C 339 -55.05 13.47 -30.69
C LEU C 339 -55.52 12.26 -31.49
N ARG C 340 -54.82 11.13 -31.35
CA ARG C 340 -55.14 9.93 -32.10
C ARG C 340 -55.67 8.84 -31.18
N PHE C 341 -56.85 8.33 -31.51
CA PHE C 341 -57.48 7.26 -30.75
C PHE C 341 -57.18 5.91 -31.36
N LYS C 394 -66.65 17.25 -28.24
CA LYS C 394 -65.67 16.49 -27.48
C LYS C 394 -64.52 17.34 -26.94
N THR C 395 -64.42 18.59 -27.42
CA THR C 395 -63.40 19.58 -27.05
C THR C 395 -61.96 19.05 -27.10
N VAL C 396 -61.69 18.18 -28.08
CA VAL C 396 -60.37 17.59 -28.18
C VAL C 396 -59.35 18.63 -28.65
N GLU C 397 -59.76 19.53 -29.57
CA GLU C 397 -58.87 20.58 -30.06
C GLU C 397 -58.47 21.51 -28.92
N GLU C 398 -59.45 21.89 -28.10
CA GLU C 398 -59.20 22.71 -26.93
C GLU C 398 -58.23 22.01 -25.99
N MET C 399 -58.43 20.70 -25.79
CA MET C 399 -57.52 19.93 -24.96
C MET C 399 -56.10 19.86 -25.55
N ARG C 400 -55.98 19.79 -26.89
CA ARG C 400 -54.66 19.79 -27.51
C ARG C 400 -53.93 21.09 -27.27
N LYS C 401 -54.61 22.23 -27.47
CA LYS C 401 -53.98 23.52 -27.18
C LYS C 401 -53.63 23.66 -25.71
N LEU C 402 -54.51 23.20 -24.83
CA LEU C 402 -54.25 23.28 -23.39
C LEU C 402 -53.01 22.48 -23.01
N PHE C 403 -52.98 21.20 -23.37
CA PHE C 403 -51.85 20.32 -23.03
C PHE C 403 -50.53 20.79 -23.65
N ILE C 404 -50.52 21.21 -24.92
CA ILE C 404 -49.28 21.72 -25.53
C ILE C 404 -48.82 23.00 -24.85
N SER C 405 -49.76 23.91 -24.55
CA SER C 405 -49.44 25.13 -23.82
C SER C 405 -48.93 24.80 -22.42
N ARG C 406 -49.49 23.75 -21.80
CA ARG C 406 -49.09 23.35 -20.47
C ARG C 406 -47.64 22.87 -20.46
N ALA C 407 -47.26 22.05 -21.44
CA ALA C 407 -45.89 21.55 -21.52
C ALA C 407 -44.91 22.67 -21.82
N LYS C 408 -45.23 23.50 -22.81
CA LYS C 408 -44.45 24.69 -23.13
C LYS C 408 -44.30 25.62 -21.92
N ARG C 409 -45.36 25.76 -21.13
CA ARG C 409 -45.32 26.58 -19.92
C ARG C 409 -44.39 26.00 -18.87
N ILE C 410 -44.43 24.68 -18.68
CA ILE C 410 -43.52 24.04 -17.73
C ILE C 410 -42.07 24.25 -18.13
N ASP C 411 -41.77 24.12 -19.43
CA ASP C 411 -40.40 24.37 -19.89
C ASP C 411 -39.96 25.82 -19.68
N THR C 412 -40.84 26.77 -20.04
CA THR C 412 -40.54 28.19 -19.91
C THR C 412 -40.35 28.61 -18.46
N VAL C 413 -41.21 28.15 -17.57
CA VAL C 413 -41.07 28.45 -16.15
C VAL C 413 -39.83 27.78 -15.59
N SER C 414 -39.54 26.55 -16.03
CA SER C 414 -38.44 25.76 -15.49
C SER C 414 -37.08 26.38 -15.78
N ARG C 415 -36.87 26.88 -17.00
CA ARG C 415 -35.56 27.45 -17.35
C ARG C 415 -35.21 28.65 -16.48
N VAL C 416 -36.18 29.49 -16.16
CA VAL C 416 -35.93 30.60 -15.23
C VAL C 416 -35.82 30.09 -13.79
N ALA C 417 -36.73 29.20 -13.38
CA ALA C 417 -36.90 28.86 -11.97
C ALA C 417 -35.73 28.07 -11.39
N PHE C 418 -35.16 27.14 -12.16
CA PHE C 418 -34.13 26.27 -11.61
C PHE C 418 -32.86 27.00 -11.15
N PRO C 419 -32.22 27.89 -11.95
CA PRO C 419 -31.03 28.57 -11.42
C PRO C 419 -31.30 29.52 -10.27
N LEU C 420 -32.45 30.18 -10.24
CA LEU C 420 -32.78 31.08 -9.13
C LEU C 420 -32.87 30.33 -7.81
N VAL C 421 -33.54 29.18 -7.82
CA VAL C 421 -33.66 28.35 -6.62
C VAL C 421 -32.30 27.82 -6.20
N PHE C 422 -31.47 27.41 -7.17
CA PHE C 422 -30.12 26.95 -6.84
C PHE C 422 -29.27 28.05 -6.25
N LEU C 423 -29.41 29.29 -6.76
CA LEU C 423 -28.69 30.42 -6.19
C LEU C 423 -29.09 30.70 -4.76
N ILE C 424 -30.40 30.60 -4.47
CA ILE C 424 -30.88 30.80 -3.10
C ILE C 424 -30.32 29.74 -2.17
N PHE C 425 -30.30 28.48 -2.61
CA PHE C 425 -29.68 27.43 -1.79
C PHE C 425 -28.20 27.69 -1.57
N ASN C 426 -27.50 28.13 -2.61
CA ASN C 426 -26.06 28.30 -2.53
C ASN C 426 -25.69 29.38 -1.52
N ILE C 427 -26.38 30.53 -1.57
CA ILE C 427 -26.09 31.58 -0.60
C ILE C 427 -26.51 31.16 0.81
N PHE C 428 -27.62 30.42 0.95
CA PHE C 428 -28.02 29.96 2.28
C PHE C 428 -27.00 29.01 2.88
N TYR C 429 -26.50 28.07 2.08
CA TYR C 429 -25.52 27.08 2.55
C TYR C 429 -24.21 27.75 2.93
N TRP C 430 -23.72 28.67 2.08
CA TRP C 430 -22.45 29.31 2.38
C TRP C 430 -22.55 30.20 3.61
N ILE C 431 -23.66 30.91 3.78
CA ILE C 431 -23.84 31.77 4.95
C ILE C 431 -23.91 30.95 6.23
N THR C 432 -24.71 29.87 6.25
CA THR C 432 -24.80 29.04 7.46
C THR C 432 -23.47 28.39 7.80
N TYR C 433 -22.77 27.81 6.81
CA TYR C 433 -21.49 27.18 7.13
C TYR C 433 -20.44 28.19 7.57
N LYS C 434 -20.43 29.39 6.99
CA LYS C 434 -19.49 30.41 7.43
C LYS C 434 -19.76 30.86 8.87
N ILE C 435 -21.03 31.06 9.24
CA ILE C 435 -21.29 31.41 10.63
C ILE C 435 -21.04 30.23 11.58
N ILE C 436 -21.24 28.98 11.15
CA ILE C 436 -20.88 27.84 12.00
C ILE C 436 -19.36 27.75 12.19
N ARG C 437 -18.59 28.02 11.12
CA ARG C 437 -17.14 28.11 11.23
C ARG C 437 -16.73 29.22 12.20
N SER C 438 -17.41 30.37 12.11
CA SER C 438 -17.16 31.46 13.04
C SER C 438 -17.50 31.07 14.47
N GLU C 439 -18.57 30.29 14.65
CA GLU C 439 -18.95 29.79 15.98
C GLU C 439 -17.91 28.83 16.54
N ASP C 440 -17.34 27.98 15.68
CA ASP C 440 -16.28 27.07 16.13
C ASP C 440 -15.04 27.86 16.53
N ILE C 441 -14.69 28.90 15.77
CA ILE C 441 -13.61 29.80 16.14
C ILE C 441 -13.94 30.55 17.42
N HIS C 442 -15.23 30.85 17.65
CA HIS C 442 -15.66 31.50 18.89
C HIS C 442 -15.45 30.59 20.08
N LYS C 443 -15.71 29.28 19.91
CA LYS C 443 -15.60 28.36 21.03
C LYS C 443 -14.14 28.08 21.39
N GLN C 444 -13.33 27.74 20.39
CA GLN C 444 -11.93 27.31 20.51
C GLN C 444 -11.75 26.18 21.51
N MET D 32 58.47 -3.45 14.91
CA MET D 32 57.37 -3.19 15.82
C MET D 32 56.13 -3.96 15.41
N PRO D 33 55.59 -4.79 16.31
CA PRO D 33 54.40 -5.59 15.98
C PRO D 33 53.21 -4.68 15.70
N PRO D 34 52.44 -4.98 14.66
CA PRO D 34 51.28 -4.14 14.33
C PRO D 34 50.21 -4.12 15.39
N SER D 35 49.96 -5.28 16.00
CA SER D 35 48.92 -5.40 17.02
C SER D 35 49.20 -4.53 18.22
N GLU D 36 50.44 -4.51 18.68
CA GLU D 36 50.77 -3.69 19.83
C GLU D 36 50.59 -2.21 19.53
N PHE D 37 50.99 -1.77 18.34
CA PHE D 37 50.85 -0.37 17.95
C PHE D 37 49.40 0.08 17.87
N LEU D 38 48.55 -0.74 17.22
CA LEU D 38 47.14 -0.39 17.12
C LEU D 38 46.51 -0.40 18.50
N ASP D 39 46.88 -1.38 19.32
CA ASP D 39 46.36 -1.42 20.68
C ASP D 39 46.84 -0.21 21.46
N LYS D 40 48.09 0.20 21.26
CA LYS D 40 48.70 1.33 21.98
C LYS D 40 47.97 2.63 21.72
N LEU D 41 47.53 2.87 20.47
CA LEU D 41 46.81 4.11 20.16
C LEU D 41 45.52 4.18 20.97
N MET D 42 44.82 3.06 21.09
CA MET D 42 43.59 2.91 21.85
C MET D 42 43.88 2.49 23.28
N GLY D 43 45.16 2.29 23.59
CA GLY D 43 45.69 1.86 24.88
C GLY D 43 45.14 2.43 26.15
N LYS D 44 44.60 1.52 26.96
CA LYS D 44 44.05 1.87 28.25
C LYS D 44 45.13 2.52 29.10
N VAL D 45 46.38 2.07 28.93
CA VAL D 45 47.53 2.63 29.66
C VAL D 45 47.70 4.09 29.28
N SER D 46 47.56 4.40 28.00
CA SER D 46 47.66 5.75 27.49
C SER D 46 46.35 6.46 27.78
N GLY D 47 46.39 7.79 27.78
CA GLY D 47 45.20 8.55 28.04
C GLY D 47 44.61 9.09 26.76
N TYR D 48 43.35 8.73 26.51
CA TYR D 48 42.73 9.23 25.29
C TYR D 48 41.37 9.77 25.71
N ASP D 49 40.58 8.95 26.39
CA ASP D 49 39.26 9.32 26.90
C ASP D 49 38.37 9.89 25.79
N ALA D 50 37.95 8.99 24.88
CA ALA D 50 37.10 9.23 23.71
C ALA D 50 36.00 10.26 23.90
N ARG D 51 35.39 10.29 25.08
CA ARG D 51 34.36 11.26 25.41
C ARG D 51 34.83 12.71 25.21
N ILE D 52 36.07 13.01 25.55
CA ILE D 52 36.61 14.35 25.34
C ILE D 52 36.95 14.58 23.88
N ARG D 53 36.68 15.80 23.42
CA ARG D 53 36.99 16.26 22.07
C ARG D 53 38.48 16.61 21.98
N PRO D 54 39.06 16.64 20.78
CA PRO D 54 40.43 17.10 20.66
C PRO D 54 40.59 18.57 20.99
N ASN D 55 41.77 18.90 21.53
CA ASN D 55 42.22 20.23 21.98
C ASN D 55 41.15 20.94 22.81
N PHE D 56 40.74 20.25 23.87
CA PHE D 56 39.73 20.71 24.80
C PHE D 56 40.16 22.03 25.46
N LYS D 57 39.16 22.88 25.72
CA LYS D 57 39.36 24.24 26.24
C LYS D 57 40.28 25.05 25.33
N GLY D 58 40.05 24.93 24.03
CA GLY D 58 40.88 25.52 23.03
C GLY D 58 40.08 25.93 21.81
N PRO D 59 40.76 26.16 20.70
CA PRO D 59 40.06 26.50 19.47
C PRO D 59 39.18 25.37 19.00
N PRO D 60 38.10 25.68 18.29
CA PRO D 60 37.15 24.64 17.84
C PRO D 60 37.76 23.65 16.86
N VAL D 61 37.29 22.40 16.98
CA VAL D 61 37.58 21.38 16.00
C VAL D 61 36.93 21.73 14.67
N ASN D 62 37.71 21.69 13.60
CA ASN D 62 37.22 22.00 12.26
C ASN D 62 37.09 20.72 11.45
N VAL D 63 35.88 20.43 11.00
CA VAL D 63 35.58 19.23 10.25
C VAL D 63 35.28 19.64 8.82
N THR D 64 35.98 19.05 7.86
CA THR D 64 35.74 19.31 6.45
C THR D 64 35.12 18.07 5.85
N CYS D 65 33.91 18.19 5.32
CA CYS D 65 33.18 17.02 4.87
C CYS D 65 32.68 17.13 3.44
N ASN D 66 32.84 16.06 2.67
CA ASN D 66 32.35 15.93 1.31
C ASN D 66 31.56 14.65 1.16
N ILE D 67 30.42 14.70 0.47
CA ILE D 67 29.57 13.53 0.26
C ILE D 67 29.68 13.06 -1.19
N PHE D 68 29.68 11.74 -1.37
CA PHE D 68 29.59 11.12 -2.68
C PHE D 68 28.20 10.50 -2.81
N ILE D 69 27.47 10.87 -3.86
CA ILE D 69 26.09 10.41 -4.04
C ILE D 69 26.10 9.12 -4.85
N ASN D 70 25.94 7.99 -4.17
CA ASN D 70 25.92 6.71 -4.86
C ASN D 70 24.64 6.52 -5.67
N SER D 71 23.47 6.76 -5.08
CA SER D 71 22.22 6.56 -5.79
C SER D 71 21.24 7.67 -5.40
N PHE D 72 20.49 8.14 -6.38
CA PHE D 72 19.51 9.19 -6.22
C PHE D 72 18.22 8.74 -6.87
N GLY D 73 17.09 8.95 -6.21
CA GLY D 73 15.83 8.60 -6.82
C GLY D 73 14.71 8.57 -5.80
N SER D 74 13.62 7.89 -6.21
CA SER D 74 12.44 7.65 -5.38
C SER D 74 11.77 8.94 -4.94
N ILE D 75 11.82 9.96 -5.81
CA ILE D 75 11.17 11.24 -5.52
C ILE D 75 9.67 11.06 -5.55
N ALA D 76 8.99 11.54 -4.52
CA ALA D 76 7.54 11.42 -4.40
C ALA D 76 6.96 12.79 -4.14
N GLU D 77 6.11 13.27 -5.05
CA GLU D 77 5.45 14.56 -4.88
C GLU D 77 4.47 14.54 -3.71
N THR D 78 3.69 13.46 -3.58
CA THR D 78 2.69 13.39 -2.52
C THR D 78 3.32 13.36 -1.14
N THR D 79 4.27 12.46 -0.92
CA THR D 79 4.96 12.37 0.36
C THR D 79 5.90 13.55 0.59
N MET D 80 6.35 14.21 -0.50
CA MET D 80 7.26 15.38 -0.51
C MET D 80 8.66 15.05 0.01
N ASP D 81 9.15 13.86 -0.33
CA ASP D 81 10.49 13.43 0.05
C ASP D 81 11.20 12.69 -1.08
N TYR D 82 12.52 12.67 -1.00
CA TYR D 82 13.37 11.95 -1.94
C TYR D 82 14.38 11.12 -1.15
N ARG D 83 14.77 9.98 -1.70
CA ARG D 83 15.68 9.06 -1.03
C ARG D 83 17.02 9.05 -1.73
N VAL D 84 18.10 9.19 -0.97
CA VAL D 84 19.46 9.18 -1.50
C VAL D 84 20.31 8.22 -0.68
N ASN D 85 21.33 7.65 -1.32
CA ASN D 85 22.33 6.81 -0.69
C ASN D 85 23.67 7.52 -0.88
N ILE D 86 24.36 7.82 0.21
CA ILE D 86 25.55 8.67 0.15
C ILE D 86 26.69 8.06 0.95
N PHE D 87 27.92 8.37 0.53
CA PHE D 87 29.13 8.06 1.29
C PHE D 87 29.55 9.36 1.97
N LEU D 88 29.18 9.55 3.22
CA LEU D 88 29.61 10.73 3.96
C LEU D 88 31.06 10.57 4.40
N ARG D 89 31.91 11.55 4.08
CA ARG D 89 33.32 11.51 4.43
C ARG D 89 33.64 12.72 5.29
N GLN D 90 34.17 12.49 6.49
CA GLN D 90 34.50 13.56 7.43
C GLN D 90 35.98 13.56 7.75
N GLN D 91 36.64 14.70 7.60
CA GLN D 91 38.06 14.84 7.90
C GLN D 91 38.26 15.86 9.01
N TRP D 92 38.88 15.45 10.10
CA TRP D 92 39.22 16.32 11.21
C TRP D 92 40.58 15.93 11.76
N ASN D 93 41.22 16.86 12.45
CA ASN D 93 42.57 16.65 12.96
C ASN D 93 42.51 16.42 14.46
N ASP D 94 43.08 15.31 14.92
CA ASP D 94 43.19 14.97 16.33
C ASP D 94 44.66 14.93 16.69
N PRO D 95 45.14 15.78 17.61
CA PRO D 95 46.58 15.77 17.93
C PRO D 95 47.05 14.54 18.66
N ARG D 96 46.23 13.98 19.56
CA ARG D 96 46.63 12.81 20.34
C ARG D 96 46.94 11.61 19.47
N LEU D 97 46.21 11.43 18.36
CA LEU D 97 46.42 10.29 17.49
C LEU D 97 47.68 10.37 16.64
N ALA D 98 48.50 11.41 16.77
CA ALA D 98 49.71 11.51 15.97
C ALA D 98 50.69 10.40 16.35
N TYR D 99 51.30 9.80 15.35
CA TYR D 99 52.27 8.74 15.54
C TYR D 99 53.51 8.97 14.69
N SER D 100 54.68 8.66 15.25
CA SER D 100 55.93 8.80 14.53
C SER D 100 56.74 7.51 14.47
N GLU D 101 56.31 6.47 15.17
CA GLU D 101 57.03 5.20 15.20
C GLU D 101 57.05 4.52 13.84
N TYR D 102 55.97 4.62 13.06
CA TYR D 102 55.88 3.96 11.76
C TYR D 102 56.06 4.97 10.65
N PRO D 103 56.98 4.71 9.71
CA PRO D 103 57.19 5.66 8.60
C PRO D 103 55.98 5.80 7.70
N ASP D 104 55.29 4.70 7.39
CA ASP D 104 54.09 4.69 6.55
C ASP D 104 53.04 5.64 7.11
N ASP D 105 52.64 6.63 6.33
CA ASP D 105 51.68 7.62 6.79
C ASP D 105 50.22 7.23 6.59
N SER D 106 49.92 6.34 5.64
CA SER D 106 48.52 6.03 5.33
C SER D 106 47.85 5.29 6.47
N LEU D 107 48.32 4.08 6.76
CA LEU D 107 47.93 3.23 7.89
C LEU D 107 46.40 3.15 8.06
N ASP D 108 45.80 2.47 7.09
CA ASP D 108 44.37 2.21 7.12
C ASP D 108 44.08 1.21 8.24
N LEU D 109 42.95 1.39 8.92
CA LEU D 109 42.62 0.56 10.09
C LEU D 109 41.26 -0.10 9.97
N ASP D 110 41.08 -1.11 10.81
CA ASP D 110 39.84 -1.87 10.87
C ASP D 110 38.68 -0.98 11.33
N PRO D 111 37.51 -1.09 10.71
CA PRO D 111 36.38 -0.25 11.12
C PRO D 111 35.78 -0.57 12.48
N SER D 112 36.03 -1.76 13.04
CA SER D 112 35.43 -2.11 14.32
C SER D 112 35.95 -1.24 15.46
N MET D 113 37.24 -0.88 15.43
CA MET D 113 37.85 -0.05 16.45
C MET D 113 37.63 1.43 16.17
N LEU D 114 36.37 1.78 15.95
CA LEU D 114 35.88 3.12 15.74
C LEU D 114 35.06 3.61 16.92
N ASP D 115 34.93 2.77 17.95
CA ASP D 115 34.31 3.13 19.21
C ASP D 115 34.90 4.38 19.84
N SER D 116 36.23 4.54 19.76
CA SER D 116 36.93 5.57 20.51
C SER D 116 37.86 6.39 19.62
N ILE D 117 37.33 6.97 18.54
CA ILE D 117 38.17 7.87 17.76
C ILE D 117 37.50 9.25 17.78
N TRP D 118 36.71 9.53 18.81
CA TRP D 118 35.90 10.76 18.89
C TRP D 118 35.16 11.09 17.59
N LYS D 119 34.26 10.23 17.21
CA LYS D 119 33.39 10.53 16.08
C LYS D 119 32.63 11.84 16.33
N PRO D 120 32.76 12.85 15.46
CA PRO D 120 32.00 14.09 15.64
C PRO D 120 30.53 13.86 15.39
N ASP D 121 29.70 14.36 16.29
CA ASP D 121 28.26 14.24 16.10
C ASP D 121 27.79 15.07 14.92
N LEU D 122 27.01 14.42 14.07
CA LEU D 122 26.43 15.04 12.90
C LEU D 122 25.06 14.43 12.74
N PHE D 123 24.13 15.20 12.24
CA PHE D 123 22.82 14.67 11.93
C PHE D 123 22.23 15.51 10.83
N PHE D 124 21.25 14.97 10.15
CA PHE D 124 20.64 15.69 9.04
C PHE D 124 19.38 16.36 9.57
N ALA D 125 19.29 17.66 9.35
CA ALA D 125 18.22 18.48 9.92
C ALA D 125 16.85 18.07 9.43
N ASN D 126 16.73 17.75 8.16
CA ASN D 126 15.47 17.30 7.59
C ASN D 126 15.65 15.86 7.14
N GLU D 127 15.23 14.92 7.98
CA GLU D 127 15.43 13.54 7.59
C GLU D 127 14.31 12.68 8.12
N LYS D 128 14.23 11.49 7.55
CA LYS D 128 13.45 10.37 8.05
C LYS D 128 14.32 9.14 7.80
N GLY D 129 14.12 8.09 8.58
CA GLY D 129 14.94 6.91 8.38
C GLY D 129 16.39 7.06 8.79
N ALA D 130 17.26 7.22 7.78
CA ALA D 130 18.70 7.39 7.93
C ALA D 130 19.37 6.15 8.51
N ASN D 131 19.00 4.98 8.00
CA ASN D 131 19.59 3.73 8.47
C ASN D 131 21.02 3.55 8.00
N PHE D 132 21.77 2.75 8.75
CA PHE D 132 23.13 2.36 8.45
C PHE D 132 23.10 1.02 7.70
N HIS D 133 24.20 0.67 7.06
CA HIS D 133 24.30 -0.58 6.31
C HIS D 133 25.19 -1.57 7.04
N GLU D 134 24.58 -2.66 7.52
CA GLU D 134 25.26 -3.68 8.30
C GLU D 134 25.58 -4.96 7.52
N VAL D 135 25.59 -4.91 6.19
CA VAL D 135 25.66 -6.16 5.43
C VAL D 135 27.10 -6.65 5.34
N THR D 136 27.30 -7.90 5.74
CA THR D 136 28.52 -8.70 5.89
C THR D 136 29.32 -8.10 7.05
N THR D 137 29.75 -6.85 6.91
CA THR D 137 30.45 -6.10 7.93
C THR D 137 29.99 -4.67 7.82
N ASP D 138 30.14 -3.91 8.90
CA ASP D 138 29.70 -2.51 8.92
C ASP D 138 30.41 -1.75 7.81
N ASN D 139 29.68 -0.91 7.10
CA ASN D 139 30.25 -0.14 5.99
C ASN D 139 30.87 1.14 6.53
N LYS D 140 32.13 1.06 6.93
CA LYS D 140 32.86 2.19 7.48
C LYS D 140 34.32 2.11 7.04
N LEU D 141 35.00 3.24 7.10
CA LEU D 141 36.41 3.31 6.70
C LEU D 141 37.16 4.28 7.60
N LEU D 142 37.98 3.77 8.49
CA LEU D 142 38.79 4.62 9.36
C LEU D 142 40.22 4.65 8.84
N ARG D 143 40.73 5.85 8.58
CA ARG D 143 42.10 6.02 8.11
C ARG D 143 42.76 7.14 8.90
N ILE D 144 43.84 6.82 9.60
CA ILE D 144 44.54 7.80 10.43
C ILE D 144 45.88 8.15 9.80
N SER D 145 46.08 9.43 9.51
CA SER D 145 47.31 9.91 8.94
C SER D 145 48.37 10.10 10.03
N LYS D 146 49.61 10.32 9.59
CA LYS D 146 50.73 10.48 10.50
C LYS D 146 50.61 11.74 11.37
N ASN D 147 50.15 12.83 10.80
CA ASN D 147 49.99 14.08 11.55
C ASN D 147 48.80 14.08 12.49
N GLY D 148 47.92 13.08 12.42
CA GLY D 148 46.74 13.03 13.23
C GLY D 148 45.44 13.29 12.49
N ASN D 149 45.51 13.53 11.18
CA ASN D 149 44.32 13.67 10.37
C ASN D 149 43.56 12.36 10.30
N VAL D 150 42.25 12.42 10.49
CA VAL D 150 41.41 11.24 10.53
C VAL D 150 40.42 11.32 9.39
N LEU D 151 40.35 10.27 8.58
CA LEU D 151 39.37 10.18 7.51
C LEU D 151 38.33 9.14 7.90
N TYR D 152 37.07 9.57 7.97
CA TYR D 152 35.96 8.74 8.41
C TYR D 152 34.92 8.70 7.31
N SER D 153 34.62 7.51 6.80
CA SER D 153 33.69 7.37 5.67
C SER D 153 32.61 6.37 6.00
N ILE D 154 31.35 6.81 5.99
CA ILE D 154 30.19 5.97 6.28
C ILE D 154 29.17 6.03 5.15
N ARG D 155 28.54 4.90 4.85
CA ARG D 155 27.52 4.77 3.83
C ARG D 155 26.15 4.77 4.50
N ILE D 156 25.24 5.66 4.06
CA ILE D 156 23.94 5.82 4.70
C ILE D 156 22.88 6.13 3.66
N THR D 157 21.66 5.61 3.82
CA THR D 157 20.52 5.96 2.97
C THR D 157 19.64 6.93 3.72
N LEU D 158 19.32 8.06 3.09
CA LEU D 158 18.60 9.15 3.74
C LEU D 158 17.26 9.39 3.07
N VAL D 159 16.18 9.32 3.85
CA VAL D 159 14.87 9.75 3.37
C VAL D 159 14.76 11.23 3.70
N LEU D 160 15.32 12.04 2.82
CA LEU D 160 15.32 13.50 2.95
C LEU D 160 14.00 14.09 2.48
N ALA D 161 13.38 14.94 3.30
CA ALA D 161 12.11 15.56 2.94
C ALA D 161 12.31 17.02 2.58
N CYS D 162 11.95 17.39 1.35
CA CYS D 162 12.09 18.76 0.88
C CYS D 162 10.77 19.28 0.34
N PRO D 163 10.33 20.47 0.77
CA PRO D 163 9.09 21.05 0.22
C PRO D 163 9.30 21.39 -1.25
N MET D 164 8.29 21.11 -2.07
CA MET D 164 8.42 21.38 -3.50
C MET D 164 7.27 22.24 -4.00
N ASP D 165 7.62 23.40 -4.56
CA ASP D 165 6.63 24.30 -5.12
C ASP D 165 6.06 23.72 -6.40
N LEU D 166 4.74 23.57 -6.45
CA LEU D 166 4.06 22.99 -7.60
C LEU D 166 3.19 24.02 -8.30
N LYS D 167 3.70 25.25 -8.40
CA LYS D 167 3.01 26.30 -9.13
C LYS D 167 2.83 25.91 -10.58
N ASN D 168 3.91 25.58 -11.26
CA ASN D 168 3.82 25.06 -12.62
C ASN D 168 4.06 23.57 -12.52
N PHE D 169 3.00 22.74 -12.42
CA PHE D 169 3.27 21.31 -12.25
C PHE D 169 3.91 20.66 -13.47
N PRO D 170 3.36 20.76 -14.74
CA PRO D 170 4.00 20.19 -15.93
C PRO D 170 5.50 20.41 -16.06
N MET D 171 5.93 21.66 -16.21
CA MET D 171 7.36 21.93 -16.29
C MET D 171 7.75 22.86 -15.13
N ASP D 172 8.70 22.40 -14.33
CA ASP D 172 9.20 23.11 -13.16
C ASP D 172 10.59 22.66 -12.77
N VAL D 173 11.22 23.47 -11.95
CA VAL D 173 12.54 23.19 -11.41
C VAL D 173 12.41 23.15 -9.90
N GLN D 174 12.75 22.02 -9.31
CA GLN D 174 12.65 21.81 -7.87
C GLN D 174 14.04 21.78 -7.25
N THR D 175 14.21 22.48 -6.15
CA THR D 175 15.48 22.50 -5.44
C THR D 175 15.35 21.61 -4.21
N CYS D 176 16.19 20.58 -4.13
CA CYS D 176 16.22 19.64 -3.02
C CYS D 176 17.44 19.91 -2.16
N ILE D 177 17.22 20.15 -0.88
CA ILE D 177 18.22 20.65 0.04
C ILE D 177 18.50 19.63 1.15
N MET D 178 19.77 19.35 1.39
CA MET D 178 20.19 18.49 2.49
C MET D 178 21.04 19.31 3.46
N GLN D 179 20.66 19.33 4.73
CA GLN D 179 21.38 20.09 5.76
C GLN D 179 22.13 19.15 6.69
N LEU D 180 23.42 19.42 6.90
CA LEU D 180 24.24 18.69 7.84
C LEU D 180 24.52 19.60 9.03
N GLU D 181 23.99 19.26 10.20
CA GLU D 181 24.05 20.15 11.35
C GLU D 181 24.54 19.42 12.58
N SER D 182 25.37 20.08 13.38
CA SER D 182 25.82 19.52 14.65
C SER D 182 24.71 19.54 15.71
N PHE D 183 24.71 18.50 16.55
CA PHE D 183 23.79 18.37 17.67
C PHE D 183 24.60 18.23 18.94
N GLY D 184 24.39 19.13 19.88
CA GLY D 184 25.07 19.04 21.14
C GLY D 184 26.42 19.70 21.24
N TYR D 185 26.96 20.25 20.16
CA TYR D 185 28.18 21.05 20.24
C TYR D 185 27.94 22.39 19.60
N THR D 186 28.18 23.46 20.34
CA THR D 186 27.91 24.80 19.85
C THR D 186 28.96 25.20 18.80
N MET D 187 28.68 26.32 18.15
CA MET D 187 29.51 26.83 17.06
C MET D 187 30.92 27.15 17.54
N ASN D 188 31.05 27.70 18.74
CA ASN D 188 32.37 27.93 19.32
C ASN D 188 33.07 26.61 19.59
N ASP D 189 32.32 25.57 19.93
CA ASP D 189 32.91 24.27 20.22
C ASP D 189 33.32 23.53 18.94
N LEU D 190 32.43 23.44 17.95
CA LEU D 190 32.66 22.66 16.74
C LEU D 190 32.20 23.45 15.52
N ILE D 191 32.96 23.38 14.42
CA ILE D 191 32.64 24.05 13.17
C ILE D 191 32.63 23.05 12.02
N PHE D 192 31.65 23.16 11.14
CA PHE D 192 31.52 22.32 9.95
C PHE D 192 31.83 23.15 8.72
N GLU D 193 32.71 22.64 7.86
CA GLU D 193 33.08 23.36 6.66
C GLU D 193 32.99 22.44 5.45
N TRP D 194 32.59 23.00 4.32
CA TRP D 194 32.51 22.23 3.09
C TRP D 194 33.92 22.06 2.54
N ASP D 195 34.19 20.89 1.98
CA ASP D 195 35.46 20.59 1.35
C ASP D 195 35.77 21.58 0.25
N GLU D 196 37.02 22.05 0.25
CA GLU D 196 37.51 23.00 -0.76
C GLU D 196 37.31 22.48 -2.19
N LYS D 197 37.72 21.24 -2.46
CA LYS D 197 37.55 20.65 -3.78
C LYS D 197 36.60 19.46 -3.69
N GLY D 198 35.71 19.36 -4.69
CA GLY D 198 34.78 18.26 -4.80
C GLY D 198 33.89 17.99 -3.61
N ALA D 199 33.16 19.01 -3.13
CA ALA D 199 32.28 18.83 -1.99
C ALA D 199 31.15 17.83 -2.27
N VAL D 200 30.57 17.87 -3.46
CA VAL D 200 29.51 16.93 -3.81
C VAL D 200 29.94 16.23 -5.08
N GLN D 201 29.99 14.91 -5.03
CA GLN D 201 30.38 14.08 -6.16
C GLN D 201 29.25 13.15 -6.51
N VAL D 202 28.89 13.09 -7.78
CA VAL D 202 27.83 12.24 -8.28
C VAL D 202 28.45 11.07 -9.01
N ALA D 203 27.94 9.87 -8.75
CA ALA D 203 28.44 8.67 -9.40
C ALA D 203 28.19 8.74 -10.90
N ASP D 204 29.19 8.34 -11.67
CA ASP D 204 29.10 8.38 -13.12
C ASP D 204 28.06 7.39 -13.63
N GLY D 205 27.27 7.85 -14.59
CA GLY D 205 26.20 7.03 -15.12
C GLY D 205 24.94 7.03 -14.31
N LEU D 206 24.90 7.74 -13.18
CA LEU D 206 23.67 7.83 -12.41
C LEU D 206 22.66 8.67 -13.16
N THR D 207 21.43 8.18 -13.24
CA THR D 207 20.39 8.86 -13.98
C THR D 207 19.10 8.78 -13.19
N LEU D 208 18.24 9.74 -13.46
CA LEU D 208 16.94 9.82 -12.84
C LEU D 208 15.90 9.65 -13.92
N PRO D 209 14.95 8.71 -13.76
CA PRO D 209 13.96 8.48 -14.83
C PRO D 209 13.04 9.66 -15.09
N GLN D 210 12.54 10.29 -14.03
CA GLN D 210 11.57 11.36 -14.16
C GLN D 210 12.19 12.75 -14.09
N PHE D 211 13.47 12.89 -13.83
CA PHE D 211 14.08 14.18 -13.56
C PHE D 211 15.46 14.26 -14.20
N ILE D 212 15.96 15.49 -14.34
CA ILE D 212 17.33 15.74 -14.78
C ILE D 212 18.06 16.49 -13.68
N LEU D 213 19.25 16.03 -13.32
CA LEU D 213 20.04 16.65 -12.27
C LEU D 213 21.03 17.64 -12.86
N LYS D 214 20.95 18.88 -12.42
CA LYS D 214 21.86 19.93 -12.88
C LYS D 214 23.24 19.74 -12.30
N GLU D 215 24.26 19.99 -13.13
CA GLU D 215 25.65 19.83 -12.70
C GLU D 215 26.05 20.85 -11.64
N GLU D 216 25.65 22.10 -11.80
CA GLU D 216 26.01 23.14 -10.84
C GLU D 216 25.31 22.87 -9.51
N LYS D 217 26.01 23.17 -8.41
CA LYS D 217 25.54 22.86 -7.07
C LYS D 217 25.76 24.07 -6.19
N ASP D 218 24.84 24.30 -5.26
CA ASP D 218 24.95 25.40 -4.32
C ASP D 218 25.48 24.89 -2.99
N LEU D 219 26.66 25.34 -2.61
CA LEU D 219 27.23 25.01 -1.31
C LEU D 219 27.17 26.29 -0.46
N ARG D 220 26.24 26.34 0.47
CA ARG D 220 26.09 27.50 1.33
C ARG D 220 25.81 27.04 2.75
N TYR D 221 26.42 27.71 3.71
CA TYR D 221 26.22 27.35 5.10
C TYR D 221 25.31 28.35 5.83
N CYS D 222 24.32 27.81 6.51
CA CYS D 222 23.41 28.58 7.34
C CYS D 222 23.54 28.10 8.78
N THR D 223 23.69 29.02 9.72
CA THR D 223 23.89 28.67 11.12
C THR D 223 22.55 28.58 11.83
N LYS D 224 22.26 27.41 12.39
CA LYS D 224 21.03 27.23 13.15
C LYS D 224 21.12 27.97 14.49
N HIS D 225 20.07 28.70 14.84
CA HIS D 225 19.98 29.43 16.09
C HIS D 225 18.83 28.88 16.90
N TYR D 226 19.12 28.52 18.15
CA TYR D 226 18.14 27.97 19.07
C TYR D 226 18.29 28.70 20.40
N ASN D 227 17.36 28.42 21.33
CA ASN D 227 17.50 29.03 22.64
C ASN D 227 18.68 28.41 23.40
N THR D 228 19.00 27.16 23.10
CA THR D 228 20.15 26.50 23.70
C THR D 228 21.45 27.16 23.26
N GLY D 229 21.55 27.53 21.98
CA GLY D 229 22.75 28.15 21.46
C GLY D 229 22.79 28.06 19.95
N LYS D 230 23.93 28.46 19.39
CA LYS D 230 24.12 28.43 17.94
C LYS D 230 24.93 27.21 17.55
N PHE D 231 24.43 26.46 16.60
CA PHE D 231 25.03 25.21 16.14
C PHE D 231 25.37 25.33 14.67
N THR D 232 26.59 24.92 14.31
CA THR D 232 27.02 24.98 12.92
C THR D 232 26.20 24.05 12.02
N CYS D 233 25.85 24.55 10.85
CA CYS D 233 25.16 23.75 9.85
C CYS D 233 25.63 24.18 8.47
N ILE D 234 25.66 23.23 7.55
CA ILE D 234 26.02 23.47 6.15
C ILE D 234 24.98 22.76 5.29
N GLU D 235 24.70 23.31 4.12
CA GLU D 235 23.69 22.71 3.28
C GLU D 235 24.05 22.77 1.81
N ALA D 236 23.59 21.78 1.07
CA ALA D 236 23.81 21.66 -0.36
C ALA D 236 22.47 21.61 -1.07
N ARG D 237 22.35 22.31 -2.19
CA ARG D 237 21.12 22.40 -2.96
C ARG D 237 21.29 21.70 -4.28
N PHE D 238 20.38 20.79 -4.58
CA PHE D 238 20.39 20.07 -5.85
C PHE D 238 19.24 20.56 -6.72
N HIS D 239 19.55 21.26 -7.80
CA HIS D 239 18.49 21.65 -8.72
C HIS D 239 18.02 20.46 -9.52
N LEU D 240 16.72 20.25 -9.56
CA LEU D 240 16.12 19.14 -10.29
C LEU D 240 15.20 19.68 -11.37
N GLU D 241 15.36 19.23 -12.59
CA GLU D 241 14.50 19.64 -13.69
C GLU D 241 13.61 18.48 -14.12
N ARG D 242 12.31 18.70 -14.16
CA ARG D 242 11.38 17.64 -14.51
C ARG D 242 11.25 17.52 -16.01
N GLN D 243 11.52 16.33 -16.54
CA GLN D 243 11.38 16.07 -17.97
C GLN D 243 9.92 16.11 -18.40
N MET D 244 9.67 16.72 -19.54
CA MET D 244 8.33 16.94 -20.06
C MET D 244 7.91 15.89 -21.08
N GLY D 245 8.72 14.85 -21.26
CA GLY D 245 8.37 13.84 -22.26
C GLY D 245 7.15 13.03 -21.92
N TYR D 246 7.05 12.58 -20.67
CA TYR D 246 5.92 11.74 -20.27
C TYR D 246 4.62 12.51 -20.25
N TYR D 247 4.63 13.70 -19.67
CA TYR D 247 3.41 14.48 -19.47
C TYR D 247 2.80 14.91 -20.78
N LEU D 248 3.64 15.16 -21.78
CA LEU D 248 3.16 15.50 -23.11
C LEU D 248 2.35 14.35 -23.71
N ILE D 249 2.88 13.13 -23.63
CA ILE D 249 2.19 11.97 -24.17
C ILE D 249 0.98 11.60 -23.32
N GLN D 250 1.16 11.56 -22.00
CA GLN D 250 0.10 11.07 -21.12
C GLN D 250 -1.07 12.04 -21.00
N MET D 251 -0.81 13.33 -20.90
CA MET D 251 -1.86 14.29 -20.58
C MET D 251 -2.21 15.25 -21.70
N TYR D 252 -1.21 15.86 -22.34
CA TYR D 252 -1.50 16.89 -23.33
C TYR D 252 -2.10 16.31 -24.61
N ILE D 253 -1.56 15.21 -25.12
CA ILE D 253 -2.08 14.59 -26.35
C ILE D 253 -3.51 14.06 -26.21
N PRO D 254 -3.92 13.33 -25.15
CA PRO D 254 -5.34 12.94 -25.05
C PRO D 254 -6.36 14.08 -25.01
N SER D 255 -6.08 15.13 -24.24
CA SER D 255 -6.97 16.28 -24.16
C SER D 255 -7.19 16.91 -25.53
N LEU D 256 -6.13 16.98 -26.34
CA LEU D 256 -6.21 17.45 -27.71
C LEU D 256 -7.14 16.57 -28.54
N LEU D 257 -7.07 15.26 -28.32
CA LEU D 257 -7.96 14.31 -29.02
C LEU D 257 -9.42 14.56 -28.67
N ILE D 258 -9.72 14.81 -27.40
CA ILE D 258 -11.09 15.06 -26.98
C ILE D 258 -11.61 16.35 -27.60
N VAL D 259 -10.78 17.38 -27.64
CA VAL D 259 -11.19 18.65 -28.26
C VAL D 259 -11.45 18.48 -29.76
N ILE D 260 -10.61 17.69 -30.43
CA ILE D 260 -10.81 17.42 -31.87
C ILE D 260 -12.11 16.64 -32.10
N LEU D 261 -12.45 15.73 -31.19
CA LEU D 261 -13.72 14.99 -31.29
C LEU D 261 -14.93 15.93 -31.16
N SER D 262 -14.83 16.89 -30.24
CA SER D 262 -15.88 17.90 -30.13
C SER D 262 -15.98 18.75 -31.39
N TRP D 263 -14.87 19.03 -32.04
CA TRP D 263 -14.92 19.74 -33.32
C TRP D 263 -15.60 18.90 -34.40
N VAL D 264 -15.39 17.59 -34.37
CA VAL D 264 -16.00 16.66 -35.33
C VAL D 264 -17.52 16.74 -35.24
N SER D 265 -18.04 16.93 -34.03
CA SER D 265 -19.49 17.11 -33.82
C SER D 265 -20.19 18.17 -34.68
N PHE D 266 -19.46 19.16 -35.21
CA PHE D 266 -20.10 20.21 -36.01
C PHE D 266 -20.55 19.72 -37.37
N TRP D 267 -19.80 18.82 -37.98
CA TRP D 267 -20.10 18.33 -39.33
C TRP D 267 -21.36 17.47 -39.36
N ILE D 268 -21.71 16.83 -38.24
CA ILE D 268 -22.94 16.03 -38.14
C ILE D 268 -24.17 16.91 -38.33
N ASN D 269 -25.23 16.33 -38.90
CA ASN D 269 -26.46 17.05 -39.23
C ASN D 269 -27.13 17.63 -37.98
N MET D 270 -27.64 18.86 -38.12
CA MET D 270 -28.34 19.53 -37.03
C MET D 270 -29.63 18.81 -36.67
N ASP D 271 -30.28 18.17 -37.64
CA ASP D 271 -31.50 17.42 -37.39
C ASP D 271 -31.27 16.25 -36.44
N ALA D 272 -30.10 15.61 -36.50
CA ALA D 272 -29.79 14.45 -35.68
C ALA D 272 -29.43 14.91 -34.28
N ALA D 273 -30.46 15.25 -33.51
CA ALA D 273 -30.26 15.72 -32.14
C ALA D 273 -29.65 14.72 -31.17
N PRO D 274 -30.04 13.42 -31.12
CA PRO D 274 -29.36 12.52 -30.18
C PRO D 274 -27.88 12.34 -30.45
N ALA D 275 -27.47 12.29 -31.72
CA ALA D 275 -26.07 12.09 -32.06
C ALA D 275 -25.20 13.25 -31.61
N ARG D 276 -25.60 14.48 -31.93
CA ARG D 276 -24.82 15.66 -31.56
C ARG D 276 -24.84 15.89 -30.06
N VAL D 277 -26.00 15.71 -29.42
CA VAL D 277 -26.11 15.90 -27.98
C VAL D 277 -25.25 14.88 -27.24
N GLY D 278 -25.44 13.59 -27.55
CA GLY D 278 -24.62 12.54 -26.96
C GLY D 278 -23.13 12.72 -27.17
N LEU D 279 -22.73 13.20 -28.36
CA LEU D 279 -21.32 13.42 -28.62
C LEU D 279 -20.76 14.53 -27.74
N GLY D 280 -21.48 15.65 -27.63
CA GLY D 280 -21.03 16.72 -26.74
C GLY D 280 -20.96 16.31 -25.28
N ILE D 281 -21.97 15.55 -24.83
CA ILE D 281 -22.01 15.05 -23.45
C ILE D 281 -20.83 14.14 -23.16
N THR D 282 -20.59 13.17 -24.05
CA THR D 282 -19.51 12.22 -23.87
C THR D 282 -18.15 12.90 -23.82
N THR D 283 -17.90 13.87 -24.72
CA THR D 283 -16.63 14.59 -24.65
C THR D 283 -16.47 15.41 -23.37
N VAL D 284 -17.55 16.07 -22.91
CA VAL D 284 -17.46 16.84 -21.65
C VAL D 284 -17.19 15.91 -20.46
N LEU D 285 -17.88 14.77 -20.43
CA LEU D 285 -17.67 13.78 -19.37
C LEU D 285 -16.27 13.19 -19.41
N THR D 286 -15.76 12.91 -20.61
CA THR D 286 -14.44 12.35 -20.76
C THR D 286 -13.38 13.35 -20.31
N MET D 287 -13.57 14.61 -20.63
CA MET D 287 -12.65 15.64 -20.19
C MET D 287 -12.66 15.78 -18.68
N THR D 288 -13.84 15.67 -18.07
CA THR D 288 -13.96 15.76 -16.61
C THR D 288 -13.24 14.60 -15.92
N THR D 289 -13.47 13.37 -16.37
CA THR D 289 -12.82 12.23 -15.73
C THR D 289 -11.32 12.22 -15.98
N GLN D 290 -10.87 12.66 -17.15
CA GLN D 290 -9.44 12.75 -17.41
C GLN D 290 -8.77 13.78 -16.52
N SER D 291 -9.40 14.94 -16.34
CA SER D 291 -8.87 15.98 -15.48
C SER D 291 -8.82 15.53 -14.02
N SER D 292 -9.86 14.86 -13.56
CA SER D 292 -9.85 14.35 -12.18
C SER D 292 -8.81 13.26 -11.99
N GLY D 293 -8.71 12.35 -12.94
CA GLY D 293 -7.77 11.24 -12.82
C GLY D 293 -6.31 11.66 -12.85
N SER D 294 -5.98 12.66 -13.67
CA SER D 294 -4.59 13.07 -13.83
C SER D 294 -3.98 13.58 -12.54
N ARG D 295 -4.69 14.43 -11.82
CA ARG D 295 -4.16 15.09 -10.64
C ARG D 295 -4.28 14.24 -9.38
N ALA D 296 -4.62 12.96 -9.51
CA ALA D 296 -4.76 12.09 -8.34
C ALA D 296 -3.42 11.87 -7.65
N SER D 297 -2.35 11.68 -8.41
CA SER D 297 -1.02 11.44 -7.84
C SER D 297 -0.28 12.75 -7.58
N LEU D 298 -0.85 13.57 -6.71
CA LEU D 298 -0.30 14.88 -6.42
C LEU D 298 -0.74 15.29 -5.03
N PRO D 299 0.03 16.12 -4.32
CA PRO D 299 -0.42 16.59 -3.03
C PRO D 299 -1.59 17.56 -3.16
N LYS D 300 -2.28 17.75 -2.04
CA LYS D 300 -3.51 18.53 -2.02
C LYS D 300 -3.23 20.02 -1.80
N VAL D 301 -2.47 20.60 -2.70
CA VAL D 301 -2.11 22.01 -2.58
C VAL D 301 -3.28 22.89 -2.99
N SER D 302 -3.38 24.04 -2.35
CA SER D 302 -4.48 24.99 -2.54
C SER D 302 -4.30 25.97 -3.69
N TYR D 303 -3.15 26.00 -4.35
CA TYR D 303 -2.91 26.99 -5.39
C TYR D 303 -3.05 26.38 -6.78
N VAL D 304 -3.48 27.23 -7.72
CA VAL D 304 -3.72 26.82 -9.10
C VAL D 304 -2.40 26.45 -9.77
N LYS D 305 -2.44 25.39 -10.60
CA LYS D 305 -1.30 24.90 -11.34
C LYS D 305 -1.50 25.11 -12.83
N ALA D 306 -0.40 24.99 -13.58
CA ALA D 306 -0.46 25.06 -15.04
C ALA D 306 -1.37 24.01 -15.65
N ILE D 307 -1.33 22.80 -15.10
CA ILE D 307 -2.17 21.71 -15.60
C ILE D 307 -3.65 22.04 -15.38
N ASP D 308 -3.97 22.73 -14.28
CA ASP D 308 -5.34 23.18 -14.03
C ASP D 308 -5.81 24.18 -15.08
N ILE D 309 -4.93 25.09 -15.49
CA ILE D 309 -5.28 26.07 -16.52
C ILE D 309 -5.55 25.37 -17.85
N TRP D 310 -4.70 24.40 -18.20
CA TRP D 310 -4.88 23.68 -19.47
C TRP D 310 -6.16 22.86 -19.46
N MET D 311 -6.43 22.15 -18.36
CA MET D 311 -7.65 21.36 -18.25
C MET D 311 -8.88 22.25 -18.26
N ALA D 312 -8.80 23.41 -17.60
CA ALA D 312 -9.91 24.35 -17.56
C ALA D 312 -10.26 24.88 -18.93
N VAL D 313 -9.25 25.25 -19.71
CA VAL D 313 -9.51 25.82 -21.02
C VAL D 313 -10.06 24.77 -21.97
N CYS D 314 -9.43 23.58 -22.01
CA CYS D 314 -9.93 22.53 -22.89
C CYS D 314 -11.35 22.09 -22.53
N LEU D 315 -11.65 21.99 -21.24
CA LEU D 315 -13.01 21.67 -20.83
C LEU D 315 -13.98 22.79 -21.16
N LEU D 316 -13.53 24.04 -21.12
CA LEU D 316 -14.36 25.16 -21.56
C LEU D 316 -14.65 25.07 -23.06
N PHE D 317 -13.68 24.63 -23.85
CA PHE D 317 -13.90 24.44 -25.28
C PHE D 317 -14.96 23.39 -25.58
N VAL D 318 -14.87 22.23 -24.92
CA VAL D 318 -15.88 21.19 -25.20
C VAL D 318 -17.26 21.60 -24.68
N PHE D 319 -17.31 22.29 -23.53
CA PHE D 319 -18.57 22.80 -23.01
C PHE D 319 -19.17 23.86 -23.92
N SER D 320 -18.33 24.71 -24.50
CA SER D 320 -18.80 25.70 -25.47
C SER D 320 -19.34 25.06 -26.73
N ALA D 321 -18.75 23.96 -27.17
CA ALA D 321 -19.28 23.24 -28.33
C ALA D 321 -20.68 22.70 -28.06
N LEU D 322 -20.89 22.14 -26.87
CA LEU D 322 -22.24 21.68 -26.52
C LEU D 322 -23.24 22.83 -26.43
N LEU D 323 -22.82 23.97 -25.89
CA LEU D 323 -23.69 25.15 -25.86
C LEU D 323 -24.02 25.65 -27.26
N GLU D 324 -23.05 25.56 -28.18
CA GLU D 324 -23.29 25.96 -29.56
C GLU D 324 -24.37 25.09 -30.20
N TYR D 325 -24.32 23.77 -29.97
CA TYR D 325 -25.39 22.94 -30.52
C TYR D 325 -26.74 23.27 -29.87
N ALA D 326 -26.75 23.55 -28.57
CA ALA D 326 -28.00 23.94 -27.91
C ALA D 326 -28.61 25.19 -28.52
N ALA D 327 -27.76 26.17 -28.86
CA ALA D 327 -28.22 27.38 -29.54
C ALA D 327 -28.77 27.08 -30.93
N VAL D 328 -28.09 26.22 -31.69
CA VAL D 328 -28.56 25.86 -33.03
C VAL D 328 -29.92 25.17 -32.97
N ASN D 329 -30.06 24.22 -32.05
CA ASN D 329 -31.31 23.49 -31.88
C ASN D 329 -32.43 24.42 -31.45
N PHE D 330 -32.14 25.38 -30.58
CA PHE D 330 -33.17 26.34 -30.17
C PHE D 330 -33.62 27.24 -31.31
N ILE D 331 -32.68 27.68 -32.17
CA ILE D 331 -33.06 28.49 -33.33
C ILE D 331 -33.93 27.70 -34.31
N ALA D 332 -33.57 26.44 -34.56
CA ALA D 332 -34.41 25.58 -35.39
C ALA D 332 -35.77 25.31 -34.75
N ARG D 333 -35.81 25.21 -33.41
CA ARG D 333 -37.07 25.05 -32.68
C ARG D 333 -37.98 26.24 -32.90
N GLN D 334 -37.41 27.46 -32.83
CA GLN D 334 -38.20 28.66 -33.08
C GLN D 334 -38.70 28.69 -34.52
N HIS D 335 -37.87 28.21 -35.46
CA HIS D 335 -38.32 28.05 -36.85
C HIS D 335 -39.53 27.13 -36.94
N LYS D 336 -39.48 25.98 -36.27
CA LYS D 336 -40.58 25.01 -36.33
C LYS D 336 -41.80 25.49 -35.54
N GLU D 337 -41.57 26.35 -34.54
CA GLU D 337 -42.64 26.99 -33.81
C GLU D 337 -43.40 27.95 -34.70
N LEU D 338 -42.68 28.82 -35.42
CA LEU D 338 -43.31 29.67 -36.42
C LEU D 338 -43.90 28.88 -37.57
N LEU D 339 -43.28 27.75 -37.93
CA LEU D 339 -43.80 26.87 -38.99
C LEU D 339 -45.20 26.34 -38.66
N ARG D 340 -45.30 25.56 -37.59
CA ARG D 340 -46.57 24.96 -37.20
C ARG D 340 -47.07 25.56 -35.89
N PHE D 341 -48.29 26.06 -35.91
CA PHE D 341 -48.93 26.65 -34.74
C PHE D 341 -49.82 25.63 -34.03
N LYS D 394 -47.96 38.09 -42.37
CA LYS D 394 -47.38 37.57 -41.14
C LYS D 394 -45.87 37.31 -41.24
N THR D 395 -45.35 37.36 -42.49
CA THR D 395 -43.93 37.14 -42.83
C THR D 395 -43.32 35.88 -42.20
N VAL D 396 -44.14 34.82 -42.10
CA VAL D 396 -43.65 33.58 -41.48
C VAL D 396 -42.64 32.90 -42.40
N GLU D 397 -42.85 32.94 -43.72
CA GLU D 397 -41.93 32.32 -44.67
C GLU D 397 -40.57 32.99 -44.60
N GLU D 398 -40.58 34.33 -44.53
CA GLU D 398 -39.36 35.11 -44.38
C GLU D 398 -38.65 34.73 -43.09
N MET D 399 -39.43 34.57 -42.01
CA MET D 399 -38.85 34.14 -40.74
C MET D 399 -38.27 32.73 -40.81
N ARG D 400 -38.89 31.83 -41.58
CA ARG D 400 -38.36 30.47 -41.73
C ARG D 400 -37.01 30.49 -42.44
N LYS D 401 -36.92 31.23 -43.55
CA LYS D 401 -35.63 31.36 -44.23
C LYS D 401 -34.58 32.01 -43.36
N LEU D 402 -34.97 33.05 -42.61
CA LEU D 402 -34.03 33.74 -41.72
C LEU D 402 -33.49 32.79 -40.67
N PHE D 403 -34.38 32.14 -39.91
CA PHE D 403 -33.96 31.23 -38.84
C PHE D 403 -33.14 30.04 -39.34
N ILE D 404 -33.54 29.41 -40.46
CA ILE D 404 -32.77 28.29 -41.01
C ILE D 404 -31.39 28.76 -41.48
N SER D 405 -31.33 29.93 -42.14
CA SER D 405 -30.06 30.51 -42.55
C SER D 405 -29.22 30.87 -41.34
N ARG D 406 -29.86 31.32 -40.27
CA ARG D 406 -29.15 31.67 -39.04
C ARG D 406 -28.48 30.46 -38.42
N ALA D 407 -29.19 29.33 -38.35
CA ALA D 407 -28.63 28.12 -37.78
C ALA D 407 -27.49 27.57 -38.64
N LYS D 408 -27.74 27.49 -39.95
CA LYS D 408 -26.71 27.10 -40.91
C LYS D 408 -25.48 28.00 -40.83
N ARG D 409 -25.69 29.31 -40.63
CA ARG D 409 -24.60 30.25 -40.49
C ARG D 409 -23.79 30.01 -39.23
N ILE D 410 -24.46 29.72 -38.12
CA ILE D 410 -23.75 29.42 -36.87
C ILE D 410 -22.89 28.17 -37.03
N ASP D 411 -23.42 27.14 -37.70
CA ASP D 411 -22.62 25.93 -37.92
C ASP D 411 -21.42 26.20 -38.82
N THR D 412 -21.63 26.94 -39.92
CA THR D 412 -20.56 27.25 -40.87
C THR D 412 -19.47 28.09 -40.25
N VAL D 413 -19.85 29.12 -39.49
CA VAL D 413 -18.86 29.95 -38.81
C VAL D 413 -18.16 29.16 -37.71
N SER D 414 -18.88 28.28 -37.02
CA SER D 414 -18.34 27.55 -35.88
C SER D 414 -17.25 26.57 -36.29
N ARG D 415 -17.45 25.84 -37.40
CA ARG D 415 -16.45 24.85 -37.82
C ARG D 415 -15.10 25.49 -38.11
N VAL D 416 -15.10 26.66 -38.74
CA VAL D 416 -13.84 27.39 -38.95
C VAL D 416 -13.32 28.00 -37.65
N ALA D 417 -14.21 28.63 -36.88
CA ALA D 417 -13.81 29.49 -35.76
C ALA D 417 -13.20 28.72 -34.60
N PHE D 418 -13.74 27.54 -34.27
CA PHE D 418 -13.29 26.83 -33.07
C PHE D 418 -11.82 26.39 -33.13
N PRO D 419 -11.30 25.73 -34.18
CA PRO D 419 -9.87 25.39 -34.17
C PRO D 419 -8.93 26.57 -34.20
N LEU D 420 -9.29 27.65 -34.90
CA LEU D 420 -8.43 28.83 -34.95
C LEU D 420 -8.24 29.46 -33.56
N VAL D 421 -9.34 29.58 -32.81
CA VAL D 421 -9.28 30.11 -31.45
C VAL D 421 -8.49 29.19 -30.55
N PHE D 422 -8.67 27.87 -30.71
CA PHE D 422 -7.89 26.93 -29.91
C PHE D 422 -6.41 27.00 -30.23
N LEU D 423 -6.06 27.19 -31.49
CA LEU D 423 -4.66 27.35 -31.89
C LEU D 423 -4.04 28.60 -31.26
N ILE D 424 -4.80 29.71 -31.25
CA ILE D 424 -4.32 30.93 -30.62
C ILE D 424 -4.08 30.75 -29.13
N PHE D 425 -5.00 30.04 -28.45
CA PHE D 425 -4.79 29.76 -27.03
C PHE D 425 -3.56 28.87 -26.83
N ASN D 426 -3.39 27.88 -27.69
CA ASN D 426 -2.30 26.91 -27.52
C ASN D 426 -0.94 27.59 -27.64
N ILE D 427 -0.77 28.44 -28.67
CA ILE D 427 0.50 29.13 -28.80
C ILE D 427 0.71 30.14 -27.68
N PHE D 428 -0.35 30.82 -27.23
CA PHE D 428 -0.21 31.75 -26.12
C PHE D 428 0.22 31.05 -24.83
N TYR D 429 -0.40 29.90 -24.52
CA TYR D 429 -0.08 29.15 -23.32
C TYR D 429 1.35 28.60 -23.35
N TRP D 430 1.76 28.04 -24.49
CA TRP D 430 3.10 27.50 -24.57
C TRP D 430 4.16 28.58 -24.49
N ILE D 431 3.92 29.73 -25.13
CA ILE D 431 4.89 30.82 -25.08
C ILE D 431 5.02 31.38 -23.66
N THR D 432 3.89 31.63 -22.97
CA THR D 432 3.97 32.16 -21.61
C THR D 432 4.65 31.17 -20.65
N TYR D 433 4.28 29.88 -20.72
CA TYR D 433 4.91 28.93 -19.81
C TYR D 433 6.38 28.73 -20.12
N LYS D 434 6.78 28.76 -21.39
CA LYS D 434 8.19 28.66 -21.73
C LYS D 434 9.00 29.85 -21.22
N ILE D 435 8.48 31.06 -21.36
CA ILE D 435 9.21 32.22 -20.80
C ILE D 435 9.19 32.21 -19.26
N ILE D 436 8.13 31.71 -18.63
CA ILE D 436 8.14 31.58 -17.16
C ILE D 436 9.17 30.55 -16.71
N ARG D 437 9.28 29.42 -17.44
CA ARG D 437 10.35 28.45 -17.19
C ARG D 437 11.73 29.08 -17.35
N SER D 438 11.89 29.89 -18.39
CA SER D 438 13.15 30.60 -18.60
C SER D 438 13.43 31.57 -17.46
N GLU D 439 12.38 32.24 -16.95
CA GLU D 439 12.52 33.14 -15.80
C GLU D 439 12.94 32.40 -14.54
N ASP D 440 12.39 31.20 -14.33
CA ASP D 440 12.79 30.39 -13.17
C ASP D 440 14.25 29.97 -13.30
N ILE D 441 14.67 29.59 -14.52
CA ILE D 441 16.08 29.30 -14.77
C ILE D 441 16.94 30.55 -14.59
N HIS D 442 16.38 31.73 -14.91
CA HIS D 442 17.09 32.99 -14.71
C HIS D 442 17.31 33.25 -13.23
N LYS D 443 16.32 32.93 -12.39
CA LYS D 443 16.44 33.22 -10.97
C LYS D 443 17.40 32.26 -10.27
N GLN D 444 17.24 30.95 -10.51
CA GLN D 444 17.97 29.86 -9.85
C GLN D 444 17.95 29.97 -8.32
N MET E 32 19.35 3.81 57.10
CA MET E 32 19.79 2.83 56.11
C MET E 32 19.83 3.45 54.72
N PRO E 33 20.99 3.41 54.06
CA PRO E 33 21.12 4.01 52.73
C PRO E 33 20.22 3.28 51.75
N PRO E 34 19.54 4.02 50.87
CA PRO E 34 18.63 3.39 49.90
C PRO E 34 19.34 2.51 48.90
N SER E 35 20.52 2.95 48.44
CA SER E 35 21.29 2.21 47.44
C SER E 35 21.70 0.85 47.94
N GLU E 36 22.16 0.77 49.18
CA GLU E 36 22.58 -0.50 49.71
C GLU E 36 21.40 -1.46 49.82
N PHE E 37 20.24 -0.97 50.26
CA PHE E 37 19.05 -1.82 50.38
C PHE E 37 18.57 -2.36 49.05
N LEU E 38 18.49 -1.50 48.03
CA LEU E 38 18.07 -1.95 46.71
C LEU E 38 19.07 -2.93 46.15
N ASP E 39 20.37 -2.64 46.35
CA ASP E 39 21.40 -3.55 45.88
C ASP E 39 21.29 -4.88 46.62
N LYS E 40 21.00 -4.83 47.93
CA LYS E 40 20.92 -6.02 48.78
C LYS E 40 19.82 -6.99 48.32
N LEU E 41 18.66 -6.45 47.89
CA LEU E 41 17.58 -7.32 47.41
C LEU E 41 18.05 -8.13 46.19
N MET E 42 18.77 -7.47 45.29
CA MET E 42 19.33 -8.07 44.09
C MET E 42 20.73 -8.59 44.35
N GLY E 43 21.22 -8.41 45.58
CA GLY E 43 22.53 -8.79 46.05
C GLY E 43 23.10 -10.12 45.68
N LYS E 44 24.26 -10.05 45.00
CA LYS E 44 24.99 -11.24 44.59
C LYS E 44 25.35 -12.07 45.81
N VAL E 45 25.62 -11.39 46.94
CA VAL E 45 25.94 -12.05 48.20
C VAL E 45 24.75 -12.90 48.65
N SER E 46 23.55 -12.34 48.51
CA SER E 46 22.34 -13.03 48.87
C SER E 46 21.99 -13.99 47.74
N GLY E 47 21.14 -14.98 48.04
CA GLY E 47 20.76 -15.93 47.05
C GLY E 47 19.38 -15.64 46.52
N TYR E 48 19.28 -15.44 45.21
CA TYR E 48 17.97 -15.16 44.66
C TYR E 48 17.83 -16.08 43.45
N ASP E 49 18.80 -16.03 42.54
CA ASP E 49 18.84 -16.87 41.33
C ASP E 49 17.52 -16.75 40.55
N ALA E 50 17.35 -15.59 39.91
CA ALA E 50 16.21 -15.18 39.09
C ALA E 50 15.61 -16.28 38.22
N ARG E 51 16.44 -17.16 37.68
CA ARG E 51 15.99 -18.28 36.87
C ARG E 51 14.98 -19.15 37.62
N ILE E 52 15.18 -19.38 38.92
CA ILE E 52 14.23 -20.17 39.70
C ILE E 52 12.98 -19.36 40.02
N ARG E 53 11.84 -20.03 39.98
CA ARG E 53 10.54 -19.48 40.32
C ARG E 53 10.40 -19.42 41.84
N PRO E 54 9.49 -18.59 42.36
CA PRO E 54 9.25 -18.60 43.81
C PRO E 54 8.61 -19.89 44.26
N ASN E 55 8.94 -20.26 45.51
CA ASN E 55 8.49 -21.47 46.23
C ASN E 55 8.59 -22.72 45.35
N PHE E 56 9.80 -22.94 44.87
CA PHE E 56 10.13 -24.06 44.00
C PHE E 56 9.88 -25.39 44.72
N LYS E 57 9.45 -26.39 43.93
CA LYS E 57 9.02 -27.71 44.41
C LYS E 57 7.90 -27.58 45.44
N GLY E 58 6.94 -26.70 45.13
CA GLY E 58 5.87 -26.39 46.03
C GLY E 58 4.60 -26.07 45.28
N PRO E 59 3.66 -25.40 45.94
CA PRO E 59 2.42 -25.01 45.29
C PRO E 59 2.67 -24.02 44.17
N PRO E 60 1.83 -24.00 43.14
CA PRO E 60 2.04 -23.11 42.00
C PRO E 60 1.96 -21.63 42.34
N VAL E 61 2.78 -20.86 41.65
CA VAL E 61 2.70 -19.40 41.68
C VAL E 61 1.38 -18.95 41.06
N ASN E 62 0.64 -18.11 41.77
CA ASN E 62 -0.64 -17.60 41.30
C ASN E 62 -0.47 -16.14 40.89
N VAL E 63 -0.76 -15.86 39.63
CA VAL E 63 -0.62 -14.53 39.07
C VAL E 63 -2.02 -13.99 38.79
N THR E 64 -2.33 -12.82 39.32
CA THR E 64 -3.60 -12.17 39.08
C THR E 64 -3.35 -10.96 38.20
N CYS E 65 -3.95 -10.94 37.02
CA CYS E 65 -3.64 -9.90 36.06
C CYS E 65 -4.87 -9.18 35.53
N ASN E 66 -4.78 -7.86 35.44
CA ASN E 66 -5.81 -6.99 34.87
C ASN E 66 -5.18 -6.07 33.83
N ILE E 67 -5.87 -5.88 32.71
CA ILE E 67 -5.38 -5.02 31.63
C ILE E 67 -6.20 -3.73 31.59
N PHE E 68 -5.52 -2.62 31.31
CA PHE E 68 -6.16 -1.33 31.05
C PHE E 68 -6.01 -1.04 29.56
N ILE E 69 -7.11 -0.79 28.87
CA ILE E 69 -7.11 -0.58 27.43
C ILE E 69 -6.92 0.90 27.14
N ASN E 70 -5.70 1.30 26.78
CA ASN E 70 -5.45 2.70 26.48
C ASN E 70 -6.08 3.12 25.16
N SER E 71 -5.88 2.36 24.09
CA SER E 71 -6.43 2.73 22.79
C SER E 71 -6.92 1.48 22.07
N PHE E 72 -8.04 1.60 21.39
CA PHE E 72 -8.67 0.52 20.64
C PHE E 72 -9.02 1.04 19.27
N GLY E 73 -8.74 0.25 18.24
CA GLY E 73 -9.12 0.68 16.90
C GLY E 73 -8.42 -0.14 15.84
N SER E 74 -8.41 0.43 14.63
CA SER E 74 -7.74 -0.12 13.45
C SER E 74 -8.26 -1.50 13.07
N ILE E 75 -9.57 -1.72 13.28
CA ILE E 75 -10.20 -2.97 12.93
C ILE E 75 -10.26 -3.08 11.42
N ALA E 76 -9.83 -4.23 10.89
CA ALA E 76 -9.81 -4.47 9.46
C ALA E 76 -10.51 -5.78 9.17
N GLU E 77 -11.60 -5.71 8.40
CA GLU E 77 -12.33 -6.92 8.02
C GLU E 77 -11.51 -7.82 7.11
N THR E 78 -10.80 -7.23 6.14
CA THR E 78 -10.03 -8.01 5.18
C THR E 78 -8.88 -8.76 5.84
N THR E 79 -8.06 -8.04 6.60
CA THR E 79 -6.94 -8.65 7.31
C THR E 79 -7.42 -9.52 8.48
N MET E 80 -8.63 -9.25 9.01
CA MET E 80 -9.28 -9.97 10.12
C MET E 80 -8.55 -9.79 11.46
N ASP E 81 -8.01 -8.59 11.69
CA ASP E 81 -7.32 -8.26 12.92
C ASP E 81 -7.67 -6.87 13.42
N TYR E 82 -7.46 -6.66 14.72
CA TYR E 82 -7.66 -5.37 15.36
C TYR E 82 -6.44 -5.06 16.23
N ARG E 83 -6.12 -3.77 16.35
CA ARG E 83 -4.93 -3.34 17.08
C ARG E 83 -5.33 -2.65 18.37
N VAL E 84 -4.73 -3.04 19.49
CA VAL E 84 -5.01 -2.45 20.80
C VAL E 84 -3.70 -2.09 21.46
N ASN E 85 -3.74 -1.07 22.32
CA ASN E 85 -2.62 -0.65 23.15
C ASN E 85 -3.08 -0.82 24.60
N ILE E 86 -2.36 -1.62 25.38
CA ILE E 86 -2.82 -2.01 26.71
C ILE E 86 -1.72 -1.84 27.74
N PHE E 87 -2.12 -1.59 28.98
CA PHE E 87 -1.21 -1.62 30.14
C PHE E 87 -1.45 -2.95 30.84
N LEU E 88 -0.64 -3.94 30.56
CA LEU E 88 -0.77 -5.22 31.25
C LEU E 88 -0.18 -5.12 32.66
N ARG E 89 -0.96 -5.49 33.67
CA ARG E 89 -0.53 -5.45 35.06
C ARG E 89 -0.58 -6.84 35.66
N GLN E 90 0.54 -7.32 36.17
CA GLN E 90 0.63 -8.67 36.75
C GLN E 90 1.03 -8.59 38.21
N GLN E 91 0.26 -9.25 39.08
CA GLN E 91 0.53 -9.29 40.51
C GLN E 91 0.78 -10.72 40.96
N TRP E 92 1.95 -10.97 41.53
CA TRP E 92 2.29 -12.28 42.08
C TRP E 92 3.09 -12.09 43.34
N ASN E 93 3.11 -13.10 44.20
CA ASN E 93 3.76 -13.02 45.49
C ASN E 93 5.07 -13.81 45.45
N ASP E 94 6.16 -13.15 45.79
CA ASP E 94 7.49 -13.77 45.89
C ASP E 94 7.93 -13.69 47.34
N PRO E 95 8.16 -14.82 48.01
CA PRO E 95 8.55 -14.77 49.43
C PRO E 95 9.94 -14.21 49.68
N ARG E 96 10.90 -14.50 48.81
CA ARG E 96 12.27 -14.05 48.99
C ARG E 96 12.38 -12.52 49.02
N LEU E 97 11.56 -11.83 48.23
CA LEU E 97 11.63 -10.37 48.17
C LEU E 97 11.03 -9.67 49.37
N ALA E 98 10.56 -10.39 50.39
CA ALA E 98 10.00 -9.75 51.58
C ALA E 98 11.08 -8.98 52.33
N TYR E 99 10.73 -7.77 52.76
CA TYR E 99 11.64 -6.91 53.51
C TYR E 99 10.96 -6.33 54.73
N SER E 100 11.69 -6.24 55.84
CA SER E 100 11.16 -5.67 57.06
C SER E 100 11.99 -4.51 57.59
N GLU E 101 13.15 -4.25 56.99
CA GLU E 101 14.04 -3.18 57.42
C GLU E 101 13.42 -1.79 57.26
N TYR E 102 12.65 -1.58 56.20
CA TYR E 102 12.03 -0.28 55.92
C TYR E 102 10.56 -0.31 56.26
N PRO E 103 10.08 0.65 57.06
CA PRO E 103 8.65 0.67 57.41
C PRO E 103 7.73 0.90 56.22
N ASP E 104 8.12 1.82 55.32
CA ASP E 104 7.37 2.13 54.11
C ASP E 104 7.12 0.87 53.29
N ASP E 105 5.85 0.55 53.07
CA ASP E 105 5.48 -0.66 52.35
C ASP E 105 5.44 -0.51 50.83
N SER E 106 5.22 0.71 50.31
CA SER E 106 5.04 0.88 48.88
C SER E 106 6.33 0.59 48.12
N LEU E 107 7.35 1.42 48.35
CA LEU E 107 8.73 1.27 47.83
C LEU E 107 8.76 0.96 46.33
N ASP E 108 8.37 1.97 45.57
CA ASP E 108 8.43 1.88 44.12
C ASP E 108 9.88 1.88 43.68
N LEU E 109 10.20 1.11 42.63
CA LEU E 109 11.58 0.95 42.20
C LEU E 109 11.76 1.28 40.72
N ASP E 110 13.04 1.48 40.38
CA ASP E 110 13.44 1.78 39.01
C ASP E 110 13.13 0.61 38.07
N PRO E 111 12.61 0.88 36.88
CA PRO E 111 12.29 -0.22 35.96
C PRO E 111 13.49 -0.94 35.37
N SER E 112 14.69 -0.35 35.40
CA SER E 112 15.85 -1.01 34.79
C SER E 112 16.23 -2.28 35.53
N MET E 113 16.11 -2.30 36.84
CA MET E 113 16.45 -3.47 37.65
C MET E 113 15.28 -4.45 37.73
N LEU E 114 14.77 -4.81 36.56
CA LEU E 114 13.72 -5.78 36.33
C LEU E 114 14.25 -7.04 35.68
N ASP E 115 15.56 -7.07 35.43
CA ASP E 115 16.25 -8.24 34.94
C ASP E 115 16.02 -9.48 35.80
N SER E 116 15.98 -9.31 37.11
CA SER E 116 15.99 -10.43 38.05
C SER E 116 14.88 -10.33 39.09
N ILE E 117 13.63 -10.18 38.65
CA ILE E 117 12.54 -10.23 39.62
C ILE E 117 11.62 -11.39 39.24
N TRP E 118 12.17 -12.40 38.56
CA TRP E 118 11.39 -13.53 38.01
C TRP E 118 10.12 -13.08 37.32
N LYS E 119 10.28 -12.36 36.24
CA LYS E 119 9.12 -12.04 35.41
C LYS E 119 8.42 -13.31 34.93
N PRO E 120 7.14 -13.50 35.22
CA PRO E 120 6.43 -14.69 34.75
C PRO E 120 6.24 -14.62 33.24
N ASP E 121 6.54 -15.73 32.56
CA ASP E 121 6.33 -15.77 31.13
C ASP E 121 4.85 -15.74 30.78
N LEU E 122 4.52 -14.86 29.86
CA LEU E 122 3.17 -14.68 29.38
C LEU E 122 3.30 -14.37 27.90
N PHE E 123 2.34 -14.81 27.12
CA PHE E 123 2.31 -14.45 25.72
C PHE E 123 0.87 -14.50 25.27
N PHE E 124 0.59 -13.85 24.17
CA PHE E 124 -0.78 -13.80 23.67
C PHE E 124 -0.91 -14.86 22.59
N ALA E 125 -1.91 -15.73 22.76
CA ALA E 125 -2.07 -16.90 21.91
C ALA E 125 -2.33 -16.53 20.46
N ASN E 126 -3.13 -15.50 20.23
CA ASN E 126 -3.41 -15.04 18.88
C ASN E 126 -2.84 -13.63 18.75
N GLU E 127 -1.65 -13.52 18.19
CA GLU E 127 -1.07 -12.19 18.09
C GLU E 127 -0.23 -12.09 16.84
N LYS E 128 0.07 -10.85 16.50
CA LYS E 128 1.08 -10.45 15.54
C LYS E 128 1.73 -9.21 16.13
N GLY E 129 2.98 -8.95 15.75
CA GLY E 129 3.63 -7.78 16.31
C GLY E 129 3.99 -7.89 17.77
N ALA E 130 3.21 -7.21 18.61
CA ALA E 130 3.35 -7.18 20.06
C ALA E 130 4.64 -6.49 20.50
N ASN E 131 4.94 -5.36 19.88
CA ASN E 131 6.13 -4.59 20.22
C ASN E 131 6.02 -3.91 21.57
N PHE E 132 7.18 -3.64 22.17
CA PHE E 132 7.31 -2.90 23.41
C PHE E 132 7.56 -1.44 23.07
N HIS E 133 7.39 -0.56 24.07
CA HIS E 133 7.60 0.87 23.89
C HIS E 133 8.88 1.32 24.58
N GLU E 134 9.87 1.73 23.78
CA GLU E 134 11.17 2.13 24.28
C GLU E 134 11.39 3.64 24.30
N VAL E 135 10.34 4.46 24.27
CA VAL E 135 10.54 5.89 24.06
C VAL E 135 10.90 6.57 25.37
N THR E 136 12.03 7.29 25.33
CA THR E 136 12.75 8.02 26.36
C THR E 136 13.36 7.00 27.32
N THR E 137 12.51 6.22 27.99
CA THR E 137 12.90 5.13 28.86
C THR E 137 11.88 4.04 28.69
N ASP E 138 12.26 2.80 29.03
CA ASP E 138 11.35 1.66 28.89
C ASP E 138 10.09 1.91 29.69
N ASN E 139 8.93 1.60 29.11
CA ASN E 139 7.66 1.82 29.78
C ASN E 139 7.33 0.62 30.67
N LYS E 140 7.82 0.66 31.91
CA LYS E 140 7.61 -0.42 32.86
C LYS E 140 7.46 0.19 34.25
N LEU E 141 6.86 -0.58 35.16
CA LEU E 141 6.64 -0.13 36.53
C LEU E 141 6.80 -1.28 37.50
N LEU E 142 7.89 -1.31 38.24
CA LEU E 142 8.13 -2.35 39.22
C LEU E 142 7.84 -1.79 40.62
N ARG E 143 6.94 -2.44 41.35
CA ARG E 143 6.59 -2.02 42.71
C ARG E 143 6.56 -3.24 43.61
N ILE E 144 7.41 -3.25 44.63
CA ILE E 144 7.52 -4.39 45.54
C ILE E 144 6.95 -4.02 46.90
N SER E 145 5.94 -4.76 47.33
CA SER E 145 5.31 -4.55 48.63
C SER E 145 6.14 -5.18 49.74
N LYS E 146 5.78 -4.85 50.98
CA LYS E 146 6.49 -5.34 52.15
C LYS E 146 6.37 -6.85 52.31
N ASN E 147 5.20 -7.41 52.06
CA ASN E 147 4.99 -8.85 52.18
C ASN E 147 5.61 -9.66 51.05
N GLY E 148 6.08 -9.03 49.99
CA GLY E 148 6.63 -9.71 48.85
C GLY E 148 5.78 -9.67 47.61
N ASN E 149 4.63 -9.01 47.67
CA ASN E 149 3.78 -8.83 46.50
C ASN E 149 4.48 -7.93 45.50
N VAL E 150 4.46 -8.33 44.23
CA VAL E 150 5.15 -7.62 43.16
C VAL E 150 4.11 -7.14 42.16
N LEU E 151 4.13 -5.85 41.85
CA LEU E 151 3.27 -5.27 40.83
C LEU E 151 4.12 -4.94 39.63
N TYR E 152 3.79 -5.52 38.48
CA TYR E 152 4.53 -5.38 37.25
C TYR E 152 3.61 -4.85 36.18
N SER E 153 3.93 -3.68 35.62
CA SER E 153 3.05 -3.03 34.65
C SER E 153 3.83 -2.66 33.40
N ILE E 154 3.43 -3.23 32.25
CA ILE E 154 4.06 -2.97 30.96
C ILE E 154 3.05 -2.51 29.92
N ARG E 155 3.47 -1.59 29.08
CA ARG E 155 2.66 -1.02 28.00
C ARG E 155 3.04 -1.69 26.69
N ILE E 156 2.06 -2.25 25.96
CA ILE E 156 2.33 -3.01 24.75
C ILE E 156 1.22 -2.78 23.73
N THR E 157 1.55 -2.72 22.43
CA THR E 157 0.56 -2.65 21.36
C THR E 157 0.46 -4.02 20.72
N LEU E 158 -0.75 -4.53 20.60
CA LEU E 158 -1.00 -5.89 20.15
C LEU E 158 -1.80 -5.88 18.86
N VAL E 159 -1.26 -6.52 17.82
CA VAL E 159 -2.03 -6.78 16.61
C VAL E 159 -2.71 -8.13 16.81
N LEU E 160 -3.85 -8.09 17.48
CA LEU E 160 -4.65 -9.27 17.79
C LEU E 160 -5.51 -9.66 16.59
N ALA E 161 -5.46 -10.92 16.19
CA ALA E 161 -6.25 -11.40 15.06
C ALA E 161 -7.42 -12.24 15.55
N CYS E 162 -8.64 -11.80 15.21
CA CYS E 162 -9.84 -12.51 15.60
C CYS E 162 -10.72 -12.81 14.39
N PRO E 163 -11.17 -14.06 14.22
CA PRO E 163 -12.08 -14.38 13.10
C PRO E 163 -13.40 -13.67 13.30
N MET E 164 -13.97 -13.12 12.23
CA MET E 164 -15.23 -12.41 12.36
C MET E 164 -16.27 -12.94 11.38
N ASP E 165 -17.39 -13.39 11.93
CA ASP E 165 -18.49 -13.92 11.12
C ASP E 165 -19.16 -12.77 10.39
N LEU E 166 -19.24 -12.85 9.07
CA LEU E 166 -19.83 -11.82 8.24
C LEU E 166 -21.10 -12.32 7.57
N LYS E 167 -21.89 -13.09 8.31
CA LYS E 167 -23.19 -13.55 7.82
C LYS E 167 -24.09 -12.37 7.50
N ASN E 168 -24.31 -11.49 8.46
CA ASN E 168 -25.04 -10.26 8.23
C ASN E 168 -24.00 -9.15 8.16
N PHE E 169 -23.51 -8.79 6.97
CA PHE E 169 -22.46 -7.76 6.95
C PHE E 169 -22.95 -6.39 7.39
N PRO E 170 -24.05 -5.76 6.81
CA PRO E 170 -24.55 -4.47 7.28
C PRO E 170 -24.65 -4.28 8.79
N MET E 171 -25.50 -5.05 9.46
CA MET E 171 -25.59 -4.96 10.90
C MET E 171 -25.24 -6.31 11.52
N ASP E 172 -24.24 -6.29 12.40
CA ASP E 172 -23.74 -7.48 13.08
C ASP E 172 -23.00 -7.12 14.35
N VAL E 173 -22.82 -8.15 15.17
CA VAL E 173 -22.10 -8.04 16.43
C VAL E 173 -20.92 -8.98 16.36
N GLN E 174 -19.71 -8.44 16.49
CA GLN E 174 -18.49 -9.21 16.40
C GLN E 174 -17.86 -9.32 17.78
N THR E 175 -17.41 -10.52 18.14
CA THR E 175 -16.75 -10.75 19.41
C THR E 175 -15.25 -10.86 19.15
N CYS E 176 -14.47 -9.99 19.77
CA CYS E 176 -13.02 -9.98 19.66
C CYS E 176 -12.40 -10.51 20.94
N ILE E 177 -11.59 -11.54 20.81
CA ILE E 177 -11.09 -12.31 21.94
C ILE E 177 -9.58 -12.19 22.05
N MET E 178 -9.08 -11.89 23.24
CA MET E 178 -7.64 -11.87 23.53
C MET E 178 -7.32 -12.94 24.57
N GLN E 179 -6.39 -13.83 24.25
CA GLN E 179 -6.01 -14.91 25.15
C GLN E 179 -4.62 -14.66 25.73
N LEU E 180 -4.51 -14.75 27.05
CA LEU E 180 -3.23 -14.65 27.76
C LEU E 180 -2.86 -16.04 28.27
N GLU E 181 -1.80 -16.62 27.72
CA GLU E 181 -1.46 -18.01 28.00
C GLU E 181 0.01 -18.13 28.39
N SER E 182 0.31 -18.99 29.36
CA SER E 182 1.67 -19.29 29.74
C SER E 182 2.37 -20.17 28.71
N PHE E 183 3.68 -19.92 28.53
CA PHE E 183 4.54 -20.69 27.64
C PHE E 183 5.69 -21.23 28.46
N GLY E 184 5.83 -22.55 28.47
CA GLY E 184 6.94 -23.15 29.18
C GLY E 184 6.73 -23.47 30.64
N TYR E 185 5.60 -23.10 31.23
CA TYR E 185 5.29 -23.53 32.58
C TYR E 185 3.92 -24.19 32.59
N THR E 186 3.86 -25.41 33.08
CA THR E 186 2.62 -26.17 33.07
C THR E 186 1.65 -25.61 34.12
N MET E 187 0.41 -26.11 34.05
CA MET E 187 -0.66 -25.66 34.92
C MET E 187 -0.36 -25.94 36.39
N ASN E 188 0.23 -27.10 36.67
CA ASN E 188 0.68 -27.39 38.03
C ASN E 188 1.78 -26.43 38.47
N ASP E 189 2.62 -26.01 37.54
CA ASP E 189 3.71 -25.10 37.86
C ASP E 189 3.23 -23.66 38.05
N LEU E 190 2.43 -23.12 37.13
CA LEU E 190 1.99 -21.74 37.15
C LEU E 190 0.51 -21.64 36.81
N ILE E 191 -0.22 -20.76 37.50
CA ILE E 191 -1.65 -20.54 37.26
C ILE E 191 -1.92 -19.06 37.01
N PHE E 192 -2.76 -18.76 36.03
CA PHE E 192 -3.17 -17.41 35.69
C PHE E 192 -4.61 -17.20 36.12
N GLU E 193 -4.88 -16.12 36.84
CA GLU E 193 -6.23 -15.84 37.30
C GLU E 193 -6.59 -14.40 36.97
N TRP E 194 -7.86 -14.18 36.65
CA TRP E 194 -8.34 -12.83 36.38
C TRP E 194 -8.53 -12.11 37.69
N ASP E 195 -8.20 -10.82 37.69
CA ASP E 195 -8.38 -9.97 38.85
C ASP E 195 -9.82 -9.97 39.32
N GLU E 196 -10.00 -10.10 40.63
CA GLU E 196 -11.32 -10.08 41.26
C GLU E 196 -12.12 -8.83 40.90
N LYS E 197 -11.52 -7.65 41.03
CA LYS E 197 -12.19 -6.40 40.71
C LYS E 197 -11.48 -5.73 39.54
N GLY E 198 -12.27 -5.19 38.62
CA GLY E 198 -11.76 -4.46 37.47
C GLY E 198 -10.75 -5.17 36.60
N ALA E 199 -11.09 -6.36 36.11
CA ALA E 199 -10.18 -7.11 35.25
C ALA E 199 -9.88 -6.38 33.94
N VAL E 200 -10.88 -5.77 33.33
CA VAL E 200 -10.67 -5.03 32.09
C VAL E 200 -11.18 -3.62 32.32
N GLN E 201 -10.32 -2.64 32.10
CA GLN E 201 -10.62 -1.24 32.28
C GLN E 201 -10.42 -0.52 30.96
N VAL E 202 -11.41 0.27 30.56
CA VAL E 202 -11.37 1.02 29.31
C VAL E 202 -11.15 2.48 29.66
N ALA E 203 -10.24 3.13 28.94
CA ALA E 203 -9.95 4.54 29.16
C ALA E 203 -11.18 5.39 28.86
N ASP E 204 -11.44 6.35 29.74
CA ASP E 204 -12.59 7.22 29.59
C ASP E 204 -12.47 8.09 28.36
N GLY E 205 -13.57 8.21 27.63
CA GLY E 205 -13.57 8.97 26.41
C GLY E 205 -13.07 8.23 25.20
N LEU E 206 -12.64 6.98 25.35
CA LEU E 206 -12.22 6.21 24.19
C LEU E 206 -13.43 5.86 23.35
N THR E 207 -13.30 6.06 22.05
CA THR E 207 -14.39 5.83 21.13
C THR E 207 -13.85 5.16 19.88
N LEU E 208 -14.74 4.45 19.21
CA LEU E 208 -14.44 3.76 17.99
C LEU E 208 -15.27 4.38 16.89
N PRO E 209 -14.66 4.82 15.79
CA PRO E 209 -15.43 5.48 14.72
C PRO E 209 -16.45 4.59 14.05
N GLN E 210 -16.08 3.36 13.74
CA GLN E 210 -16.94 2.45 12.99
C GLN E 210 -17.70 1.47 13.87
N PHE E 211 -17.45 1.44 15.18
CA PHE E 211 -18.00 0.40 16.04
C PHE E 211 -18.41 1.00 17.38
N ILE E 212 -19.23 0.25 18.11
CA ILE E 212 -19.61 0.58 19.48
C ILE E 212 -19.16 -0.55 20.40
N LEU E 213 -18.47 -0.21 21.48
CA LEU E 213 -17.96 -1.20 22.42
C LEU E 213 -18.95 -1.39 23.57
N LYS E 214 -19.39 -2.63 23.76
CA LYS E 214 -20.31 -2.97 24.83
C LYS E 214 -19.61 -2.93 26.17
N GLU E 215 -20.31 -2.42 27.19
CA GLU E 215 -19.74 -2.31 28.53
C GLU E 215 -19.52 -3.67 29.18
N GLU E 216 -20.47 -4.59 29.03
CA GLU E 216 -20.33 -5.93 29.62
C GLU E 216 -19.20 -6.69 28.94
N LYS E 217 -18.46 -7.47 29.72
CA LYS E 217 -17.27 -8.17 29.26
C LYS E 217 -17.33 -9.60 29.76
N ASP E 218 -16.83 -10.52 28.95
CA ASP E 218 -16.79 -11.93 29.32
C ASP E 218 -15.39 -12.29 29.78
N LEU E 219 -15.25 -12.65 31.04
CA LEU E 219 -13.99 -13.13 31.59
C LEU E 219 -14.14 -14.62 31.82
N ARG E 220 -13.53 -15.42 30.95
CA ARG E 220 -13.61 -16.86 31.06
C ARG E 220 -12.26 -17.46 30.77
N TYR E 221 -11.85 -18.46 31.53
CA TYR E 221 -10.58 -19.11 31.32
C TYR E 221 -10.73 -20.48 30.66
N CYS E 222 -9.94 -20.69 29.61
CA CYS E 222 -9.88 -21.96 28.90
C CYS E 222 -8.45 -22.47 29.00
N THR E 223 -8.29 -23.73 29.36
CA THR E 223 -6.96 -24.32 29.55
C THR E 223 -6.47 -24.94 28.25
N LYS E 224 -5.34 -24.47 27.75
CA LYS E 224 -4.76 -25.04 26.54
C LYS E 224 -4.18 -26.41 26.83
N HIS E 225 -4.47 -27.38 25.96
CA HIS E 225 -3.95 -28.73 26.09
C HIS E 225 -3.09 -29.04 24.88
N TYR E 226 -1.87 -29.49 25.13
CA TYR E 226 -0.91 -29.85 24.10
C TYR E 226 -0.32 -31.19 24.45
N ASN E 227 0.48 -31.75 23.53
CA ASN E 227 1.15 -33.00 23.82
C ASN E 227 2.22 -32.80 24.89
N THR E 228 2.81 -31.62 24.94
CA THR E 228 3.80 -31.28 25.96
C THR E 228 3.16 -31.26 27.35
N GLY E 229 1.95 -30.73 27.46
CA GLY E 229 1.27 -30.65 28.75
C GLY E 229 0.16 -29.62 28.71
N LYS E 230 -0.41 -29.36 29.87
CA LYS E 230 -1.50 -28.40 30.00
C LYS E 230 -0.97 -27.08 30.54
N PHE E 231 -1.27 -26.01 29.84
CA PHE E 231 -0.80 -24.67 30.18
C PHE E 231 -1.98 -23.76 30.47
N THR E 232 -1.89 -23.01 31.56
CA THR E 232 -2.95 -22.09 31.94
C THR E 232 -3.14 -20.98 30.92
N CYS E 233 -4.41 -20.68 30.63
CA CYS E 233 -4.75 -19.58 29.75
C CYS E 233 -6.05 -18.96 30.24
N ILE E 234 -6.17 -17.64 30.04
CA ILE E 234 -7.36 -16.88 30.38
C ILE E 234 -7.68 -15.98 29.20
N GLU E 235 -8.97 -15.72 28.98
CA GLU E 235 -9.34 -14.92 27.83
C GLU E 235 -10.48 -13.98 28.15
N ALA E 236 -10.48 -12.83 27.46
CA ALA E 236 -11.49 -11.80 27.60
C ALA E 236 -12.14 -11.56 26.24
N ARG E 237 -13.46 -11.41 26.23
CA ARG E 237 -14.23 -11.22 25.01
C ARG E 237 -14.80 -9.81 24.98
N PHE E 238 -14.56 -9.10 23.90
CA PHE E 238 -15.09 -7.76 23.71
C PHE E 238 -16.17 -7.80 22.64
N HIS E 239 -17.42 -7.59 23.05
CA HIS E 239 -18.48 -7.50 22.06
C HIS E 239 -18.40 -6.17 21.33
N LEU E 240 -18.43 -6.22 20.01
CA LEU E 240 -18.36 -5.04 19.16
C LEU E 240 -19.62 -4.94 18.33
N GLU E 241 -20.27 -3.79 18.34
CA GLU E 241 -21.46 -3.57 17.54
C GLU E 241 -21.16 -2.58 16.43
N ARG E 242 -21.45 -2.95 15.19
CA ARG E 242 -21.14 -2.11 14.05
C ARG E 242 -22.25 -1.09 13.84
N GLN E 243 -21.89 0.19 13.84
CA GLN E 243 -22.85 1.27 13.60
C GLN E 243 -23.35 1.24 12.17
N MET E 244 -24.64 1.46 12.00
CA MET E 244 -25.30 1.38 10.70
C MET E 244 -25.48 2.73 10.05
N GLY E 245 -24.90 3.79 10.61
CA GLY E 245 -25.08 5.10 10.04
C GLY E 245 -24.42 5.28 8.69
N TYR E 246 -23.18 4.81 8.55
CA TYR E 246 -22.46 5.00 7.29
C TYR E 246 -23.05 4.17 6.18
N TYR E 247 -23.34 2.90 6.45
CA TYR E 247 -23.79 1.96 5.42
C TYR E 247 -25.14 2.36 4.85
N LEU E 248 -25.98 2.96 5.69
CA LEU E 248 -27.27 3.44 5.23
C LEU E 248 -27.10 4.54 4.19
N ILE E 249 -26.22 5.50 4.46
CA ILE E 249 -25.99 6.60 3.53
C ILE E 249 -25.21 6.12 2.31
N GLN E 250 -24.14 5.37 2.52
CA GLN E 250 -23.25 4.97 1.42
C GLN E 250 -23.88 3.96 0.47
N MET E 251 -24.59 2.96 1.00
CA MET E 251 -25.04 1.85 0.17
C MET E 251 -26.53 1.77 -0.01
N TYR E 252 -27.32 1.90 1.05
CA TYR E 252 -28.75 1.70 0.93
C TYR E 252 -29.45 2.83 0.19
N ILE E 253 -29.10 4.08 0.46
CA ILE E 253 -29.72 5.22 -0.21
C ILE E 253 -29.42 5.29 -1.72
N PRO E 254 -28.18 5.09 -2.22
CA PRO E 254 -27.99 5.06 -3.69
C PRO E 254 -28.77 3.98 -4.44
N SER E 255 -28.80 2.76 -3.93
CA SER E 255 -29.56 1.68 -4.58
C SER E 255 -31.04 2.03 -4.71
N LEU E 256 -31.58 2.68 -3.69
CA LEU E 256 -32.96 3.17 -3.74
C LEU E 256 -33.14 4.20 -4.85
N LEU E 257 -32.14 5.07 -5.05
CA LEU E 257 -32.19 6.05 -6.13
C LEU E 257 -32.20 5.40 -7.50
N ILE E 258 -31.40 4.34 -7.68
CA ILE E 258 -31.38 3.64 -8.96
C ILE E 258 -32.71 2.96 -9.25
N VAL E 259 -33.31 2.35 -8.23
CA VAL E 259 -34.61 1.72 -8.40
C VAL E 259 -35.69 2.74 -8.73
N ILE E 260 -35.64 3.92 -8.10
CA ILE E 260 -36.59 4.99 -8.41
C ILE E 260 -36.42 5.49 -9.85
N LEU E 261 -35.19 5.55 -10.33
CA LEU E 261 -34.92 5.93 -11.72
C LEU E 261 -35.52 4.92 -12.71
N SER E 262 -35.39 3.63 -12.39
CA SER E 262 -36.04 2.62 -13.20
C SER E 262 -37.56 2.74 -13.19
N TRP E 263 -38.13 3.15 -12.06
CA TRP E 263 -39.58 3.41 -12.03
C TRP E 263 -39.96 4.60 -12.90
N VAL E 264 -39.08 5.61 -12.96
CA VAL E 264 -39.31 6.80 -13.79
C VAL E 264 -39.44 6.41 -15.24
N SER E 265 -38.67 5.40 -15.67
CA SER E 265 -38.75 4.87 -17.05
C SER E 265 -40.16 4.49 -17.54
N PHE E 266 -41.12 4.22 -16.66
CA PHE E 266 -42.46 3.81 -17.11
C PHE E 266 -43.24 4.96 -17.71
N TRP E 267 -43.08 6.16 -17.17
CA TRP E 267 -43.85 7.32 -17.63
C TRP E 267 -43.46 7.76 -19.04
N ILE E 268 -42.23 7.48 -19.46
CA ILE E 268 -41.77 7.79 -20.81
C ILE E 268 -42.58 7.02 -21.84
N ASN E 269 -42.76 7.63 -23.03
CA ASN E 269 -43.58 7.07 -24.10
C ASN E 269 -43.04 5.74 -24.58
N MET E 270 -43.97 4.80 -24.84
CA MET E 270 -43.61 3.48 -25.36
C MET E 270 -43.00 3.55 -26.75
N ASP E 271 -43.42 4.53 -27.55
CA ASP E 271 -42.87 4.73 -28.89
C ASP E 271 -41.38 5.05 -28.86
N ALA E 272 -40.92 5.79 -27.84
CA ALA E 272 -39.53 6.20 -27.74
C ALA E 272 -38.69 5.03 -27.23
N ALA E 273 -38.41 4.11 -28.15
CA ALA E 273 -37.62 2.92 -27.80
C ALA E 273 -36.19 3.18 -27.37
N PRO E 274 -35.37 4.06 -28.00
CA PRO E 274 -34.02 4.27 -27.48
C PRO E 274 -33.97 4.84 -26.08
N ALA E 275 -34.89 5.75 -25.75
CA ALA E 275 -34.89 6.37 -24.43
C ALA E 275 -35.17 5.37 -23.32
N ARG E 276 -36.24 4.57 -23.48
CA ARG E 276 -36.61 3.60 -22.46
C ARG E 276 -35.60 2.46 -22.37
N VAL E 277 -35.11 2.00 -23.53
CA VAL E 277 -34.12 0.92 -23.53
C VAL E 277 -32.83 1.37 -22.87
N GLY E 278 -32.27 2.50 -23.33
CA GLY E 278 -31.08 3.09 -22.71
C GLY E 278 -31.22 3.34 -21.22
N LEU E 279 -32.39 3.80 -20.78
CA LEU E 279 -32.60 4.06 -19.36
C LEU E 279 -32.55 2.77 -18.56
N GLY E 280 -33.24 1.72 -19.03
CA GLY E 280 -33.17 0.43 -18.36
C GLY E 280 -31.78 -0.16 -18.31
N ILE E 281 -31.04 -0.05 -19.42
CA ILE E 281 -29.67 -0.56 -19.51
C ILE E 281 -28.77 0.17 -18.52
N THR E 282 -28.84 1.50 -18.52
CA THR E 282 -28.00 2.30 -17.64
C THR E 282 -28.26 2.00 -16.18
N THR E 283 -29.53 1.88 -15.77
CA THR E 283 -29.81 1.52 -14.39
C THR E 283 -29.31 0.13 -14.02
N VAL E 284 -29.46 -0.86 -14.92
CA VAL E 284 -28.95 -2.21 -14.63
C VAL E 284 -27.44 -2.21 -14.50
N LEU E 285 -26.76 -1.50 -15.40
CA LEU E 285 -25.31 -1.38 -15.35
C LEU E 285 -24.83 -0.67 -14.10
N THR E 286 -25.53 0.40 -13.72
CA THR E 286 -25.17 1.16 -12.53
C THR E 286 -25.33 0.31 -11.27
N MET E 287 -26.41 -0.47 -11.22
CA MET E 287 -26.62 -1.36 -10.10
C MET E 287 -25.52 -2.42 -10.02
N THR E 288 -25.10 -2.94 -11.17
CA THR E 288 -24.04 -3.93 -11.20
C THR E 288 -22.71 -3.38 -10.71
N THR E 289 -22.32 -2.19 -11.21
CA THR E 289 -21.05 -1.63 -10.78
C THR E 289 -21.08 -1.19 -9.32
N GLN E 290 -22.23 -0.71 -8.84
CA GLN E 290 -22.34 -0.34 -7.42
C GLN E 290 -22.22 -1.56 -6.52
N SER E 291 -22.89 -2.67 -6.91
CA SER E 291 -22.81 -3.90 -6.13
C SER E 291 -21.40 -4.47 -6.12
N SER E 292 -20.72 -4.45 -7.26
CA SER E 292 -19.34 -4.93 -7.30
C SER E 292 -18.40 -4.05 -6.49
N GLY E 293 -18.56 -2.72 -6.61
CA GLY E 293 -17.68 -1.81 -5.91
C GLY E 293 -17.83 -1.83 -4.40
N SER E 294 -19.06 -2.02 -3.91
CA SER E 294 -19.31 -1.97 -2.47
C SER E 294 -18.56 -3.06 -1.71
N ARG E 295 -18.61 -4.28 -2.21
CA ARG E 295 -18.05 -5.43 -1.52
C ARG E 295 -16.56 -5.61 -1.75
N ALA E 296 -15.89 -4.62 -2.35
CA ALA E 296 -14.46 -4.72 -2.60
C ALA E 296 -13.65 -4.75 -1.31
N SER E 297 -14.03 -3.93 -0.34
CA SER E 297 -13.29 -3.87 0.94
C SER E 297 -13.84 -4.88 1.93
N LEU E 298 -13.73 -6.16 1.58
CA LEU E 298 -14.28 -7.22 2.39
C LEU E 298 -13.49 -8.49 2.11
N PRO E 299 -13.40 -9.42 3.04
CA PRO E 299 -12.72 -10.69 2.75
C PRO E 299 -13.54 -11.54 1.81
N LYS E 300 -12.87 -12.52 1.21
CA LYS E 300 -13.45 -13.34 0.15
C LYS E 300 -14.18 -14.54 0.74
N VAL E 301 -15.17 -14.28 1.57
CA VAL E 301 -15.93 -15.36 2.21
C VAL E 301 -16.91 -15.97 1.22
N SER E 302 -17.13 -17.28 1.38
CA SER E 302 -17.97 -18.06 0.49
C SER E 302 -19.46 -18.04 0.82
N TYR E 303 -19.88 -17.45 1.92
CA TYR E 303 -21.28 -17.49 2.32
C TYR E 303 -22.01 -16.19 1.99
N VAL E 304 -23.30 -16.31 1.71
CA VAL E 304 -24.13 -15.18 1.34
C VAL E 304 -24.29 -14.23 2.52
N LYS E 305 -24.28 -12.92 2.24
CA LYS E 305 -24.44 -11.88 3.23
C LYS E 305 -25.75 -11.13 3.02
N ALA E 306 -26.15 -10.36 4.04
CA ALA E 306 -27.34 -9.51 3.93
C ALA E 306 -27.24 -8.51 2.80
N ILE E 307 -26.06 -7.92 2.62
CA ILE E 307 -25.84 -6.95 1.57
C ILE E 307 -26.02 -7.60 0.19
N ASP E 308 -25.62 -8.87 0.06
CA ASP E 308 -25.84 -9.61 -1.18
C ASP E 308 -27.32 -9.78 -1.48
N ILE E 309 -28.12 -10.06 -0.46
CA ILE E 309 -29.56 -10.21 -0.65
C ILE E 309 -30.19 -8.90 -1.10
N TRP E 310 -29.78 -7.79 -0.48
CA TRP E 310 -30.33 -6.49 -0.84
C TRP E 310 -29.94 -6.10 -2.27
N MET E 311 -28.66 -6.29 -2.63
CA MET E 311 -28.20 -6.00 -3.98
C MET E 311 -28.88 -6.89 -5.01
N ALA E 312 -29.09 -8.16 -4.66
CA ALA E 312 -29.74 -9.10 -5.56
C ALA E 312 -31.18 -8.70 -5.85
N VAL E 313 -31.92 -8.30 -4.81
CA VAL E 313 -33.31 -7.96 -5.02
C VAL E 313 -33.45 -6.66 -5.80
N CYS E 314 -32.67 -5.63 -5.43
CA CYS E 314 -32.74 -4.36 -6.16
C CYS E 314 -32.32 -4.52 -7.62
N LEU E 315 -31.29 -5.31 -7.89
CA LEU E 315 -30.91 -5.58 -9.27
C LEU E 315 -31.96 -6.38 -10.01
N LEU E 316 -32.66 -7.28 -9.30
CA LEU E 316 -33.78 -7.99 -9.92
C LEU E 316 -34.91 -7.04 -10.28
N PHE E 317 -35.16 -6.02 -9.44
CA PHE E 317 -36.18 -5.02 -9.76
C PHE E 317 -35.85 -4.24 -11.02
N VAL E 318 -34.61 -3.76 -11.14
CA VAL E 318 -34.27 -2.98 -12.35
C VAL E 318 -34.26 -3.87 -13.60
N PHE E 319 -33.80 -5.12 -13.46
CA PHE E 319 -33.84 -6.06 -14.57
C PHE E 319 -35.27 -6.39 -14.98
N SER E 320 -36.17 -6.52 -14.01
CA SER E 320 -37.58 -6.75 -14.31
C SER E 320 -38.21 -5.57 -15.02
N ALA E 321 -37.81 -4.34 -14.67
CA ALA E 321 -38.31 -3.17 -15.39
C ALA E 321 -37.90 -3.19 -16.86
N LEU E 322 -36.65 -3.55 -17.13
CA LEU E 322 -36.21 -3.67 -18.53
C LEU E 322 -36.96 -4.77 -19.28
N LEU E 323 -37.21 -5.90 -18.61
CA LEU E 323 -38.01 -6.97 -19.23
C LEU E 323 -39.43 -6.52 -19.50
N GLU E 324 -40.00 -5.70 -18.61
CA GLU E 324 -41.34 -5.17 -18.83
C GLU E 324 -41.40 -4.31 -20.07
N TYR E 325 -40.39 -3.45 -20.28
CA TYR E 325 -40.40 -2.68 -21.51
C TYR E 325 -40.24 -3.56 -22.74
N ALA E 326 -39.41 -4.61 -22.65
CA ALA E 326 -39.25 -5.53 -23.77
C ALA E 326 -40.57 -6.21 -24.13
N ALA E 327 -41.36 -6.57 -23.12
CA ALA E 327 -42.69 -7.14 -23.35
C ALA E 327 -43.64 -6.15 -24.02
N VAL E 328 -43.62 -4.89 -23.55
CA VAL E 328 -44.48 -3.86 -24.14
C VAL E 328 -44.14 -3.62 -25.60
N ASN E 329 -42.84 -3.51 -25.90
CA ASN E 329 -42.37 -3.29 -27.25
C ASN E 329 -42.73 -4.47 -28.15
N PHE E 330 -42.62 -5.69 -27.64
CA PHE E 330 -43.00 -6.87 -28.43
C PHE E 330 -44.50 -6.90 -28.73
N ILE E 331 -45.33 -6.52 -27.77
CA ILE E 331 -46.78 -6.48 -28.02
C ILE E 331 -47.13 -5.43 -29.07
N ALA E 332 -46.51 -4.25 -28.98
CA ALA E 332 -46.69 -3.23 -30.02
C ALA E 332 -46.16 -3.68 -31.38
N ARG E 333 -45.06 -4.45 -31.38
CA ARG E 333 -44.53 -5.02 -32.61
C ARG E 333 -45.53 -5.94 -33.27
N GLN E 334 -46.17 -6.79 -32.47
CA GLN E 334 -47.19 -7.69 -33.01
C GLN E 334 -48.38 -6.90 -33.55
N HIS E 335 -48.72 -5.79 -32.88
CA HIS E 335 -49.74 -4.88 -33.40
C HIS E 335 -49.36 -4.34 -34.78
N LYS E 336 -48.11 -3.88 -34.93
CA LYS E 336 -47.66 -3.32 -36.21
C LYS E 336 -47.46 -4.40 -37.27
N GLU E 337 -47.20 -5.63 -36.83
CA GLU E 337 -47.14 -6.78 -37.73
C GLU E 337 -48.51 -7.08 -38.32
N LEU E 338 -49.53 -7.14 -37.46
CA LEU E 338 -50.90 -7.28 -37.95
C LEU E 338 -51.36 -6.06 -38.73
N LEU E 339 -50.87 -4.87 -38.36
CA LEU E 339 -51.20 -3.63 -39.09
C LEU E 339 -50.74 -3.69 -40.54
N ARG E 340 -49.43 -3.80 -40.77
CA ARG E 340 -48.88 -3.81 -42.11
C ARG E 340 -48.29 -5.18 -42.43
N PHE E 341 -48.74 -5.77 -43.53
CA PHE E 341 -48.26 -7.07 -43.97
C PHE E 341 -47.16 -6.90 -45.02
N LYS E 394 -61.22 -10.72 -41.04
CA LYS E 394 -59.89 -11.00 -40.53
C LYS E 394 -59.66 -10.47 -39.10
N THR E 395 -60.60 -9.62 -38.64
CA THR E 395 -60.59 -8.98 -37.31
C THR E 395 -59.26 -8.32 -36.95
N VAL E 396 -58.60 -7.73 -37.95
CA VAL E 396 -57.31 -7.10 -37.70
C VAL E 396 -57.48 -5.82 -36.88
N GLU E 397 -58.55 -5.06 -37.13
CA GLU E 397 -58.82 -3.83 -36.40
C GLU E 397 -59.05 -4.13 -34.92
N GLU E 398 -59.84 -5.18 -34.66
CA GLU E 398 -60.09 -5.64 -33.31
C GLU E 398 -58.79 -6.04 -32.64
N MET E 399 -57.92 -6.75 -33.38
CA MET E 399 -56.61 -7.12 -32.86
C MET E 399 -55.73 -5.90 -32.57
N ARG E 400 -55.82 -4.85 -33.40
CA ARG E 400 -55.04 -3.64 -33.16
C ARG E 400 -55.47 -2.96 -31.86
N LYS E 401 -56.79 -2.80 -31.66
CA LYS E 401 -57.28 -2.24 -30.41
C LYS E 401 -56.91 -3.09 -29.21
N LEU E 402 -57.01 -4.42 -29.35
CA LEU E 402 -56.66 -5.32 -28.26
C LEU E 402 -55.20 -5.18 -27.88
N PHE E 403 -54.29 -5.33 -28.85
CA PHE E 403 -52.86 -5.23 -28.58
C PHE E 403 -52.42 -3.86 -28.04
N ILE E 404 -52.94 -2.76 -28.60
CA ILE E 404 -52.59 -1.44 -28.09
C ILE E 404 -53.12 -1.25 -26.66
N SER E 405 -54.35 -1.69 -26.40
CA SER E 405 -54.90 -1.65 -25.06
C SER E 405 -54.11 -2.52 -24.11
N ARG E 406 -53.62 -3.66 -24.60
CA ARG E 406 -52.82 -4.57 -23.79
C ARG E 406 -51.52 -3.93 -23.35
N ALA E 407 -50.83 -3.26 -24.27
CA ALA E 407 -49.58 -2.59 -23.94
C ALA E 407 -49.80 -1.43 -22.98
N LYS E 408 -50.78 -0.58 -23.28
CA LYS E 408 -51.19 0.51 -22.40
C LYS E 408 -51.57 0.00 -21.01
N ARG E 409 -52.24 -1.16 -20.94
CA ARG E 409 -52.63 -1.77 -19.68
C ARG E 409 -51.41 -2.22 -18.88
N ILE E 410 -50.43 -2.84 -19.55
CA ILE E 410 -49.22 -3.26 -18.87
C ILE E 410 -48.47 -2.06 -18.29
N ASP E 411 -48.40 -0.97 -19.04
CA ASP E 411 -47.75 0.24 -18.51
C ASP E 411 -48.49 0.82 -17.31
N THR E 412 -49.83 0.92 -17.42
CA THR E 412 -50.65 1.48 -16.35
C THR E 412 -50.60 0.64 -15.07
N VAL E 413 -50.67 -0.68 -15.21
CA VAL E 413 -50.57 -1.55 -14.05
C VAL E 413 -49.17 -1.52 -13.48
N SER E 414 -48.15 -1.42 -14.34
CA SER E 414 -46.77 -1.50 -13.91
C SER E 414 -46.36 -0.30 -13.06
N ARG E 415 -46.79 0.92 -13.44
CA ARG E 415 -46.39 2.10 -12.68
C ARG E 415 -46.90 2.06 -11.24
N VAL E 416 -48.11 1.56 -11.02
CA VAL E 416 -48.61 1.38 -9.65
C VAL E 416 -47.93 0.19 -8.98
N ALA E 417 -47.81 -0.94 -9.69
CA ALA E 417 -47.45 -2.22 -9.08
C ALA E 417 -46.01 -2.26 -8.59
N PHE E 418 -45.07 -1.68 -9.35
CA PHE E 418 -43.66 -1.80 -8.99
C PHE E 418 -43.28 -1.18 -7.65
N PRO E 419 -43.64 0.08 -7.31
CA PRO E 419 -43.27 0.59 -5.98
C PRO E 419 -43.94 -0.11 -4.82
N LEU E 420 -45.19 -0.55 -4.98
CA LEU E 420 -45.88 -1.26 -3.91
C LEU E 420 -45.19 -2.57 -3.55
N VAL E 421 -44.79 -3.34 -4.56
CA VAL E 421 -44.06 -4.58 -4.35
C VAL E 421 -42.70 -4.30 -3.72
N PHE E 422 -42.02 -3.25 -4.18
CA PHE E 422 -40.74 -2.90 -3.57
C PHE E 422 -40.89 -2.48 -2.10
N LEU E 423 -41.96 -1.76 -1.78
CA LEU E 423 -42.22 -1.39 -0.40
C LEU E 423 -42.47 -2.60 0.48
N ILE E 424 -43.21 -3.58 -0.03
CA ILE E 424 -43.45 -4.83 0.71
C ILE E 424 -42.15 -5.58 0.97
N PHE E 425 -41.27 -5.65 -0.05
CA PHE E 425 -39.97 -6.28 0.16
C PHE E 425 -39.15 -5.53 1.19
N ASN E 426 -39.17 -4.19 1.13
CA ASN E 426 -38.34 -3.39 2.00
C ASN E 426 -38.72 -3.57 3.46
N ILE E 427 -40.03 -3.53 3.76
CA ILE E 427 -40.45 -3.74 5.14
C ILE E 427 -40.19 -5.17 5.59
N PHE E 428 -40.37 -6.16 4.70
CA PHE E 428 -40.07 -7.54 5.07
C PHE E 428 -38.59 -7.74 5.40
N TYR E 429 -37.70 -7.18 4.59
CA TYR E 429 -36.26 -7.31 4.79
C TYR E 429 -35.82 -6.63 6.07
N TRP E 430 -36.31 -5.41 6.33
CA TRP E 430 -35.90 -4.71 7.53
C TRP E 430 -36.42 -5.38 8.79
N ILE E 431 -37.66 -5.89 8.75
CA ILE E 431 -38.20 -6.57 9.92
C ILE E 431 -37.43 -7.86 10.22
N THR E 432 -37.17 -8.69 9.19
CA THR E 432 -36.43 -9.93 9.44
C THR E 432 -35.00 -9.66 9.93
N TYR E 433 -34.29 -8.72 9.32
CA TYR E 433 -32.92 -8.46 9.77
C TYR E 433 -32.90 -7.85 11.17
N LYS E 434 -33.87 -7.00 11.50
CA LYS E 434 -33.92 -6.45 12.86
C LYS E 434 -34.20 -7.53 13.90
N ILE E 435 -35.12 -8.46 13.64
CA ILE E 435 -35.32 -9.54 14.60
C ILE E 435 -34.14 -10.50 14.64
N ILE E 436 -33.43 -10.72 13.53
CA ILE E 436 -32.22 -11.54 13.57
C ILE E 436 -31.12 -10.86 14.40
N ARG E 437 -30.98 -9.53 14.25
CA ARG E 437 -30.07 -8.77 15.11
C ARG E 437 -30.45 -8.88 16.57
N SER E 438 -31.76 -8.81 16.86
CA SER E 438 -32.25 -8.99 18.22
C SER E 438 -31.94 -10.40 18.73
N GLU E 439 -32.06 -11.41 17.87
CA GLU E 439 -31.72 -12.78 18.22
C GLU E 439 -30.24 -12.95 18.53
N ASP E 440 -29.37 -12.27 17.76
CA ASP E 440 -27.94 -12.31 18.05
C ASP E 440 -27.64 -11.65 19.38
N ILE E 441 -28.30 -10.53 19.68
CA ILE E 441 -28.18 -9.88 20.99
C ILE E 441 -28.74 -10.79 22.09
N HIS E 442 -29.77 -11.58 21.76
CA HIS E 442 -30.33 -12.54 22.72
C HIS E 442 -29.33 -13.63 23.06
N LYS E 443 -28.58 -14.09 22.05
CA LYS E 443 -27.64 -15.18 22.28
C LYS E 443 -26.41 -14.72 23.06
N GLN E 444 -25.79 -13.62 22.62
CA GLN E 444 -24.53 -13.08 23.14
C GLN E 444 -23.42 -14.12 23.20
#